data_6YF8
#
_entry.id   6YF8
#
_cell.length_a   88.000
_cell.length_b   88.040
_cell.length_c   229.720
_cell.angle_alpha   90.00
_cell.angle_beta   90.00
_cell.angle_gamma   90.00
#
_symmetry.space_group_name_H-M   'P 21 21 21'
#
loop_
_entity.id
_entity.type
_entity.pdbx_description
1 polymer 'Dual specificity tyrosine-phosphorylation-regulated kinase 1A'
2 non-polymer ~{N}-[5-(5-methoxy-1,3-benzothiazol-2-yl)pyridin-3-yl]ethanamide
#
_entity_poly.entity_id   1
_entity_poly.type   'polypeptide(L)'
_entity_poly.pdbx_seq_one_letter_code
;GASDSSHKKERKVYNDGYDDDNYDYIVKNGEKWMDRYEIDSLIGKGSFGQVVKAYDRVEQEWVAIKIIKNKKAFLNQAQI
EVRLLELMNKHDTEMKYYIVHLKRHFMFRNHLCLVFEMLSYNLYDLLRNTNFRGVSLNLTRKFAQQMCTALLFLATPELS
IIHCDLKPENILLCNPKRSAIKIVDFGSSCQLGQRIYQ(PTR)IQSRFYRSPEVLLGMPYDLAIDMWSLGCILVEMHTGE
PLFSGANEVDQMNKIVEVLGIPPAHILDQAPKARKFFEKLPDGTWNLKKTKDGKREYKPPGTRKLHNILGVETGGPGGRR
AGESGHTVADYLKFKDLILRMLDYDPKTRIQPYYALQHSFFKKTADEGTNTS
;
_entity_poly.pdbx_strand_id   A,B,C,D
#
loop_
_chem_comp.id
_chem_comp.type
_chem_comp.name
_chem_comp.formula
OPW non-polymer ~{N}-[5-(5-methoxy-1,3-benzothiazol-2-yl)pyridin-3-yl]ethanamide 'C15 H13 N3 O2 S'
#
# COMPACT_ATOMS: atom_id res chain seq x y z
N LYS A 12 27.21 19.83 -15.05
CA LYS A 12 28.51 19.99 -14.41
C LYS A 12 28.91 18.71 -13.68
N VAL A 13 28.46 18.59 -12.44
CA VAL A 13 28.74 17.46 -11.57
C VAL A 13 27.42 17.01 -10.96
N TYR A 14 27.15 15.71 -11.05
CA TYR A 14 25.93 15.09 -10.57
C TYR A 14 26.30 14.13 -9.46
N ASN A 15 25.76 14.41 -8.26
CA ASN A 15 26.00 13.58 -7.07
C ASN A 15 27.48 13.61 -6.71
N ASP A 16 28.01 14.82 -6.64
CA ASP A 16 29.42 15.09 -6.35
C ASP A 16 30.37 14.35 -7.31
N GLY A 17 29.96 14.22 -8.56
CA GLY A 17 30.77 13.54 -9.54
C GLY A 17 30.65 12.03 -9.56
N TYR A 18 29.87 11.45 -8.64
CA TYR A 18 29.72 10.00 -8.59
C TYR A 18 28.83 9.47 -9.70
N ASP A 19 27.81 10.21 -10.10
CA ASP A 19 26.88 9.78 -11.13
C ASP A 19 27.25 10.40 -12.49
N ASP A 20 26.53 9.95 -13.51
CA ASP A 20 26.59 10.47 -14.88
C ASP A 20 25.28 11.20 -15.21
N ASP A 21 25.20 11.69 -16.46
CA ASP A 21 23.97 12.34 -16.92
C ASP A 21 22.76 11.42 -16.79
N ASN A 22 22.94 10.12 -16.96
CA ASN A 22 21.84 9.17 -16.87
C ASN A 22 21.58 8.67 -15.46
N TYR A 23 22.13 9.31 -14.43
CA TYR A 23 21.88 8.99 -13.02
C TYR A 23 22.55 7.69 -12.58
N ASP A 24 23.30 7.03 -13.46
CA ASP A 24 23.99 5.81 -13.09
C ASP A 24 25.26 6.15 -12.32
N TYR A 25 25.66 5.23 -11.45
CA TYR A 25 26.97 5.32 -10.82
C TYR A 25 28.07 5.00 -11.82
N ILE A 26 29.11 5.84 -11.84
CA ILE A 26 30.26 5.65 -12.71
C ILE A 26 31.09 4.53 -12.10
N VAL A 27 30.93 3.32 -12.63
CA VAL A 27 31.60 2.15 -12.08
C VAL A 27 33.09 2.19 -12.44
N LYS A 28 33.92 1.90 -11.45
CA LYS A 28 35.37 2.00 -11.59
C LYS A 28 35.99 0.70 -11.11
N ASN A 29 36.76 0.06 -11.99
CA ASN A 29 37.45 -1.19 -11.69
C ASN A 29 38.28 -1.09 -10.41
N GLY A 30 38.05 -2.04 -9.49
CA GLY A 30 38.85 -2.16 -8.29
C GLY A 30 38.45 -1.30 -7.11
N GLU A 31 37.38 -0.54 -7.21
CA GLU A 31 36.92 0.27 -6.10
C GLU A 31 36.39 -0.61 -4.97
N LYS A 32 36.58 -0.17 -3.73
CA LYS A 32 36.21 -0.92 -2.54
C LYS A 32 35.09 -0.18 -1.81
N TRP A 33 33.95 -0.85 -1.63
CA TRP A 33 32.78 -0.25 -0.99
C TRP A 33 32.62 -0.74 0.44
N MET A 34 32.51 0.21 1.37
CA MET A 34 32.19 -0.07 2.78
C MET A 34 33.21 -0.96 3.45
N ASP A 35 34.42 -1.05 2.91
CA ASP A 35 35.42 -2.03 3.34
C ASP A 35 34.92 -3.46 3.21
N ARG A 36 34.07 -3.73 2.20
CA ARG A 36 33.48 -5.06 2.05
C ARG A 36 33.48 -5.55 0.62
N TYR A 37 32.81 -4.84 -0.28
CA TYR A 37 32.65 -5.27 -1.66
C TYR A 37 33.76 -4.67 -2.53
N GLU A 38 34.56 -5.54 -3.15
CA GLU A 38 35.56 -5.12 -4.13
C GLU A 38 34.97 -5.24 -5.52
N ILE A 39 34.78 -4.10 -6.18
CA ILE A 39 34.16 -4.03 -7.50
C ILE A 39 35.12 -4.50 -8.57
N ASP A 40 34.66 -5.42 -9.43
CA ASP A 40 35.52 -6.06 -10.42
C ASP A 40 35.32 -5.50 -11.82
N SER A 41 34.10 -5.56 -12.34
CA SER A 41 33.83 -5.15 -13.72
C SER A 41 32.33 -5.07 -13.93
N LEU A 42 31.95 -4.31 -14.97
CA LEU A 42 30.56 -4.21 -15.39
C LEU A 42 30.20 -5.45 -16.20
N ILE A 43 29.14 -6.14 -15.77
CA ILE A 43 28.65 -7.33 -16.47
C ILE A 43 27.37 -7.07 -17.25
N GLY A 44 26.50 -6.15 -16.81
CA GLY A 44 25.33 -5.83 -17.60
C GLY A 44 24.85 -4.43 -17.31
N LYS A 45 23.99 -3.94 -18.20
CA LYS A 45 23.33 -2.65 -18.03
C LYS A 45 21.88 -2.73 -18.47
N GLY A 46 21.02 -1.99 -17.79
CA GLY A 46 19.62 -1.90 -18.18
C GLY A 46 19.11 -0.48 -18.05
N SER A 47 17.81 -0.32 -18.32
CA SER A 47 17.15 0.95 -18.06
C SER A 47 17.09 1.24 -16.57
N PHE A 48 16.89 0.19 -15.76
CA PHE A 48 16.96 0.30 -14.31
C PHE A 48 18.28 0.90 -13.84
N GLY A 49 19.37 0.61 -14.56
CA GLY A 49 20.69 0.98 -14.12
C GLY A 49 21.73 -0.01 -14.60
N GLN A 50 22.61 -0.45 -13.70
CA GLN A 50 23.72 -1.32 -14.07
C GLN A 50 23.80 -2.52 -13.14
N VAL A 51 24.52 -3.54 -13.61
CA VAL A 51 24.82 -4.74 -12.84
C VAL A 51 26.33 -4.92 -12.90
N VAL A 52 26.95 -5.05 -11.74
CA VAL A 52 28.38 -5.24 -11.64
C VAL A 52 28.73 -6.56 -10.95
N LYS A 53 29.88 -7.11 -11.34
CA LYS A 53 30.49 -8.25 -10.66
C LYS A 53 31.33 -7.73 -9.50
N ALA A 54 31.23 -8.36 -8.34
CA ALA A 54 31.99 -7.93 -7.18
C ALA A 54 32.32 -9.11 -6.27
N TYR A 55 33.37 -8.94 -5.48
CA TYR A 55 33.80 -9.92 -4.49
C TYR A 55 33.43 -9.43 -3.09
N ASP A 56 32.73 -10.28 -2.34
CA ASP A 56 32.32 -9.99 -0.97
C ASP A 56 33.37 -10.53 0.00
N ARG A 57 34.06 -9.66 0.72
CA ARG A 57 35.16 -10.10 1.57
C ARG A 57 34.70 -10.67 2.90
N VAL A 58 33.46 -10.39 3.31
CA VAL A 58 32.94 -10.98 4.55
C VAL A 58 32.53 -12.43 4.31
N GLU A 59 31.64 -12.65 3.34
CA GLU A 59 31.22 -14.00 2.99
C GLU A 59 32.29 -14.74 2.21
N GLN A 60 33.20 -14.01 1.54
CA GLN A 60 34.29 -14.58 0.76
C GLN A 60 33.72 -15.37 -0.42
N GLU A 61 33.11 -14.62 -1.33
CA GLU A 61 32.44 -15.17 -2.50
C GLU A 61 32.13 -14.03 -3.47
N TRP A 62 31.99 -14.41 -4.74
CA TRP A 62 31.59 -13.47 -5.78
C TRP A 62 30.08 -13.21 -5.73
N VAL A 63 29.69 -11.95 -5.95
CA VAL A 63 28.29 -11.58 -6.00
C VAL A 63 28.04 -10.67 -7.21
N ALA A 64 26.78 -10.60 -7.62
CA ALA A 64 26.33 -9.67 -8.65
C ALA A 64 25.53 -8.57 -7.95
N ILE A 65 25.97 -7.33 -8.12
CA ILE A 65 25.32 -6.16 -7.53
C ILE A 65 24.56 -5.38 -8.59
N LYS A 66 23.25 -5.22 -8.38
CA LYS A 66 22.39 -4.39 -9.23
C LYS A 66 22.36 -2.98 -8.64
N ILE A 67 23.03 -2.04 -9.30
CA ILE A 67 23.13 -0.67 -8.83
C ILE A 67 22.04 0.15 -9.51
N ILE A 68 20.98 0.45 -8.76
CA ILE A 68 19.84 1.17 -9.31
C ILE A 68 20.21 2.64 -9.53
N LYS A 69 19.60 3.26 -10.54
CA LYS A 69 19.85 4.68 -10.79
C LYS A 69 19.39 5.53 -9.62
N ASN A 70 20.09 6.65 -9.41
CA ASN A 70 19.77 7.62 -8.38
C ASN A 70 18.63 8.51 -8.88
N LYS A 71 17.43 7.95 -8.85
CA LYS A 71 16.22 8.67 -9.25
C LYS A 71 14.99 7.94 -8.70
N LYS A 72 13.98 8.74 -8.33
CA LYS A 72 12.84 8.23 -7.57
C LYS A 72 12.07 7.16 -8.31
N ALA A 73 11.97 7.26 -9.63
CA ALA A 73 11.17 6.31 -10.40
C ALA A 73 11.76 4.90 -10.35
N PHE A 74 13.09 4.79 -10.46
CA PHE A 74 13.73 3.48 -10.41
C PHE A 74 13.90 2.98 -8.98
N LEU A 75 14.13 3.87 -8.02
CA LEU A 75 14.19 3.46 -6.62
C LEU A 75 12.88 2.82 -6.16
N ASN A 76 11.74 3.41 -6.53
CA ASN A 76 10.47 2.79 -6.19
C ASN A 76 10.27 1.49 -6.93
N GLN A 77 10.63 1.46 -8.21
CA GLN A 77 10.54 0.23 -8.99
C GLN A 77 11.39 -0.88 -8.36
N ALA A 78 12.66 -0.59 -8.11
CA ALA A 78 13.55 -1.55 -7.46
C ALA A 78 13.00 -2.01 -6.11
N GLN A 79 12.35 -1.10 -5.38
CA GLN A 79 11.76 -1.46 -4.09
C GLN A 79 10.68 -2.51 -4.24
N ILE A 80 9.91 -2.44 -5.33
CA ILE A 80 8.89 -3.46 -5.57
C ILE A 80 9.55 -4.81 -5.86
N GLU A 81 10.66 -4.80 -6.60
CA GLU A 81 11.41 -6.04 -6.81
C GLU A 81 11.95 -6.59 -5.49
N VAL A 82 12.52 -5.71 -4.67
CA VAL A 82 13.03 -6.10 -3.36
C VAL A 82 11.93 -6.67 -2.48
N ARG A 83 10.71 -6.13 -2.58
CA ARG A 83 9.60 -6.69 -1.83
C ARG A 83 9.25 -8.11 -2.30
N LEU A 84 9.25 -8.34 -3.61
CA LEU A 84 8.92 -9.67 -4.14
C LEU A 84 9.97 -10.71 -3.83
N LEU A 85 11.26 -10.33 -3.92
CA LEU A 85 12.34 -11.27 -3.65
C LEU A 85 12.44 -11.62 -2.17
N GLU A 86 12.33 -10.64 -1.28
CA GLU A 86 12.31 -10.93 0.14
C GLU A 86 11.08 -11.73 0.56
N LEU A 87 9.96 -11.55 -0.14
CA LEU A 87 8.80 -12.41 0.09
C LEU A 87 9.02 -13.84 -0.40
N MET A 88 9.67 -14.00 -1.55
CA MET A 88 10.01 -15.33 -2.06
C MET A 88 11.04 -16.04 -1.18
N ASN A 89 12.12 -15.33 -0.82
CA ASN A 89 13.12 -15.90 0.08
C ASN A 89 12.51 -16.38 1.39
N LYS A 90 11.45 -15.73 1.87
CA LYS A 90 10.77 -16.19 3.08
C LYS A 90 10.17 -17.57 2.87
N HIS A 91 9.47 -17.77 1.74
CA HIS A 91 8.88 -19.08 1.47
C HIS A 91 9.95 -20.10 1.08
N ASP A 92 10.87 -19.72 0.20
CA ASP A 92 11.89 -20.67 -0.24
C ASP A 92 13.15 -20.42 0.58
N THR A 93 13.25 -21.15 1.70
CA THR A 93 14.40 -21.13 2.59
C THR A 93 15.46 -22.12 2.13
N GLU A 94 15.01 -23.27 1.63
CA GLU A 94 15.85 -24.39 1.23
C GLU A 94 16.48 -24.17 -0.15
N MET A 95 16.11 -23.09 -0.83
CA MET A 95 16.71 -22.67 -2.10
C MET A 95 16.52 -23.74 -3.18
N LYS A 96 15.27 -24.15 -3.39
CA LYS A 96 14.98 -25.30 -4.22
C LYS A 96 13.87 -25.03 -5.23
N TYR A 97 13.54 -23.76 -5.50
CA TYR A 97 12.50 -23.43 -6.46
C TYR A 97 13.00 -22.56 -7.61
N TYR A 98 14.32 -22.55 -7.87
CA TYR A 98 14.88 -22.05 -9.12
C TYR A 98 14.65 -20.54 -9.32
N ILE A 99 14.72 -19.76 -8.24
CA ILE A 99 14.73 -18.30 -8.33
C ILE A 99 16.07 -17.78 -7.83
N VAL A 100 16.57 -16.72 -8.47
CA VAL A 100 17.83 -16.12 -8.06
C VAL A 100 17.70 -15.55 -6.64
N HIS A 101 18.71 -15.83 -5.82
CA HIS A 101 18.67 -15.45 -4.41
C HIS A 101 19.15 -14.02 -4.23
N LEU A 102 18.32 -13.21 -3.56
CA LEU A 102 18.72 -11.90 -3.10
C LEU A 102 19.37 -12.06 -1.73
N LYS A 103 20.67 -11.82 -1.64
CA LYS A 103 21.35 -11.95 -0.36
C LYS A 103 21.02 -10.80 0.58
N ARG A 104 21.11 -9.56 0.09
CA ARG A 104 20.76 -8.40 0.90
C ARG A 104 20.68 -7.18 -0.01
N HIS A 105 20.41 -6.03 0.59
CA HIS A 105 20.39 -4.78 -0.15
C HIS A 105 20.78 -3.64 0.79
N PHE A 106 21.35 -2.59 0.20
CA PHE A 106 21.85 -1.47 1.00
C PHE A 106 21.87 -0.21 0.13
N MET A 107 21.86 0.92 0.80
CA MET A 107 21.96 2.22 0.15
C MET A 107 23.43 2.64 0.16
N PHE A 108 23.91 3.15 -0.98
CA PHE A 108 25.32 3.50 -1.09
C PHE A 108 25.45 4.65 -2.09
N ARG A 109 25.89 5.81 -1.59
CA ARG A 109 26.06 7.02 -2.38
C ARG A 109 24.80 7.35 -3.18
N ASN A 110 23.67 7.33 -2.47
CA ASN A 110 22.33 7.59 -3.03
C ASN A 110 21.93 6.59 -4.11
N HIS A 111 22.45 5.36 -4.06
CA HIS A 111 22.02 4.30 -4.95
C HIS A 111 21.56 3.10 -4.13
N LEU A 112 20.40 2.55 -4.49
CA LEU A 112 19.96 1.26 -3.97
C LEU A 112 20.75 0.16 -4.67
N CYS A 113 21.41 -0.69 -3.89
CA CYS A 113 22.21 -1.78 -4.41
C CYS A 113 21.61 -3.11 -3.95
N LEU A 114 21.46 -4.04 -4.89
CA LEU A 114 20.94 -5.36 -4.59
C LEU A 114 22.04 -6.39 -4.80
N VAL A 115 22.28 -7.22 -3.80
CA VAL A 115 23.34 -8.22 -3.83
C VAL A 115 22.74 -9.57 -4.17
N PHE A 116 23.06 -10.09 -5.35
CA PHE A 116 22.61 -11.40 -5.79
C PHE A 116 23.75 -12.39 -5.80
N GLU A 117 23.38 -13.67 -5.85
CA GLU A 117 24.33 -14.75 -6.06
C GLU A 117 24.87 -14.67 -7.49
N MET A 118 26.15 -14.97 -7.64
CA MET A 118 26.79 -14.95 -8.95
C MET A 118 26.45 -16.24 -9.70
N LEU A 119 25.87 -16.09 -10.90
CA LEU A 119 25.55 -17.22 -11.76
C LEU A 119 26.35 -17.13 -13.07
N SER A 120 26.17 -18.15 -13.91
CA SER A 120 26.80 -18.22 -15.22
C SER A 120 25.98 -17.47 -16.27
N TYR A 121 26.32 -17.67 -17.55
CA TYR A 121 25.67 -16.98 -18.65
C TYR A 121 24.18 -17.31 -18.73
N ASN A 122 23.51 -16.57 -19.60
CA ASN A 122 22.07 -16.67 -19.80
C ASN A 122 21.76 -17.64 -20.94
N LEU A 123 20.47 -17.91 -21.14
CA LEU A 123 20.08 -18.88 -22.16
C LEU A 123 20.17 -18.32 -23.57
N TYR A 124 20.23 -16.99 -23.71
CA TYR A 124 20.56 -16.40 -25.00
C TYR A 124 22.00 -16.65 -25.39
N ASP A 125 22.92 -16.51 -24.43
CA ASP A 125 24.34 -16.77 -24.69
C ASP A 125 24.57 -18.20 -25.15
N LEU A 126 23.88 -19.18 -24.56
CA LEU A 126 23.99 -20.55 -25.03
C LEU A 126 23.50 -20.68 -26.48
N LEU A 127 22.34 -20.08 -26.78
CA LEU A 127 21.83 -20.04 -28.15
C LEU A 127 22.81 -19.33 -29.09
N ARG A 128 23.42 -18.24 -28.63
CA ARG A 128 24.41 -17.52 -29.42
C ARG A 128 25.64 -18.37 -29.73
N ASN A 129 26.11 -19.17 -28.76
CA ASN A 129 27.29 -19.98 -29.00
C ASN A 129 27.05 -21.11 -30.01
N THR A 130 25.80 -21.50 -30.23
CA THR A 130 25.43 -22.39 -31.32
C THR A 130 25.21 -21.70 -32.66
N ASN A 131 25.44 -20.39 -32.76
CA ASN A 131 25.02 -19.64 -33.96
C ASN A 131 23.52 -19.75 -34.17
N PHE A 132 22.76 -19.73 -33.07
CA PHE A 132 21.31 -19.90 -33.09
C PHE A 132 20.85 -21.19 -33.76
N ARG A 133 21.58 -22.28 -33.54
CA ARG A 133 21.17 -23.58 -34.03
C ARG A 133 20.45 -24.41 -32.96
N GLY A 134 20.55 -24.00 -31.69
CA GLY A 134 19.86 -24.64 -30.59
C GLY A 134 20.63 -25.75 -29.90
N VAL A 135 20.09 -26.15 -28.75
CA VAL A 135 20.62 -27.25 -27.97
C VAL A 135 19.73 -28.48 -28.18
N SER A 136 20.14 -29.60 -27.61
CA SER A 136 19.41 -30.85 -27.80
C SER A 136 18.10 -30.83 -27.01
N LEU A 137 17.34 -31.91 -27.17
CA LEU A 137 16.05 -32.07 -26.51
C LEU A 137 16.20 -32.55 -25.08
N ASN A 138 17.28 -33.30 -24.80
CA ASN A 138 17.59 -33.71 -23.43
C ASN A 138 17.86 -32.51 -22.55
N LEU A 139 18.64 -31.55 -23.03
CA LEU A 139 18.90 -30.34 -22.26
C LEU A 139 17.68 -29.45 -22.20
N THR A 140 16.88 -29.42 -23.27
CA THR A 140 15.65 -28.62 -23.26
C THR A 140 14.67 -29.15 -22.22
N ARG A 141 14.56 -30.48 -22.10
CA ARG A 141 13.75 -31.07 -21.05
C ARG A 141 14.19 -30.62 -19.65
N LYS A 142 15.50 -30.58 -19.40
CA LYS A 142 15.96 -30.18 -18.07
C LYS A 142 15.65 -28.72 -17.79
N PHE A 143 15.76 -27.86 -18.81
CA PHE A 143 15.32 -26.47 -18.63
C PHE A 143 13.80 -26.39 -18.48
N ALA A 144 13.06 -27.23 -19.22
CA ALA A 144 11.62 -27.22 -19.12
C ALA A 144 11.14 -27.67 -17.75
N GLN A 145 11.79 -28.69 -17.19
CA GLN A 145 11.40 -29.22 -15.89
C GLN A 145 11.65 -28.20 -14.78
N GLN A 146 12.81 -27.55 -14.80
CA GLN A 146 13.15 -26.56 -13.78
C GLN A 146 12.28 -25.31 -13.91
N MET A 147 11.99 -24.87 -15.13
CA MET A 147 11.14 -23.70 -15.33
C MET A 147 9.70 -23.95 -14.88
N CYS A 148 9.16 -25.14 -15.14
CA CYS A 148 7.83 -25.46 -14.65
C CYS A 148 7.77 -25.50 -13.13
N THR A 149 8.82 -26.05 -12.49
CA THR A 149 8.91 -26.00 -11.03
C THR A 149 8.96 -24.57 -10.52
N ALA A 150 9.71 -23.70 -11.21
CA ALA A 150 9.79 -22.30 -10.80
C ALA A 150 8.43 -21.61 -10.91
N LEU A 151 7.70 -21.85 -12.01
CA LEU A 151 6.37 -21.26 -12.17
C LEU A 151 5.38 -21.82 -11.15
N LEU A 152 5.55 -23.08 -10.77
CA LEU A 152 4.76 -23.65 -9.68
C LEU A 152 5.00 -22.93 -8.36
N PHE A 153 6.25 -22.52 -8.12
CA PHE A 153 6.57 -21.74 -6.91
C PHE A 153 5.92 -20.37 -6.96
N LEU A 154 6.01 -19.69 -8.10
CA LEU A 154 5.37 -18.39 -8.26
C LEU A 154 3.85 -18.48 -8.18
N ALA A 155 3.27 -19.63 -8.49
CA ALA A 155 1.83 -19.83 -8.38
C ALA A 155 1.36 -20.20 -6.98
N THR A 156 2.26 -20.29 -6.00
CA THR A 156 1.86 -20.38 -4.60
C THR A 156 0.84 -19.28 -4.29
N PRO A 157 -0.32 -19.62 -3.72
CA PRO A 157 -1.40 -18.63 -3.54
C PRO A 157 -0.96 -17.38 -2.82
N GLU A 158 -0.10 -17.52 -1.79
CA GLU A 158 0.35 -16.36 -1.05
C GLU A 158 1.33 -15.54 -1.86
N LEU A 159 1.95 -16.14 -2.88
CA LEU A 159 2.82 -15.41 -3.81
C LEU A 159 2.01 -14.88 -4.99
N SER A 160 1.52 -15.79 -5.83
CA SER A 160 0.80 -15.45 -7.06
C SER A 160 1.60 -14.47 -7.92
N ILE A 161 2.89 -14.74 -8.07
CA ILE A 161 3.82 -13.83 -8.74
C ILE A 161 3.82 -14.12 -10.23
N ILE A 162 3.69 -13.07 -11.03
CA ILE A 162 3.89 -13.13 -12.47
C ILE A 162 5.24 -12.50 -12.79
N HIS A 163 6.12 -13.26 -13.44
CA HIS A 163 7.41 -12.70 -13.82
C HIS A 163 7.23 -11.58 -14.84
N CYS A 164 6.37 -11.81 -15.85
CA CYS A 164 5.91 -10.83 -16.82
C CYS A 164 6.94 -10.46 -17.87
N ASP A 165 8.07 -11.18 -17.95
CA ASP A 165 9.11 -10.82 -18.90
C ASP A 165 10.09 -11.97 -19.09
N LEU A 166 9.56 -13.19 -19.11
CA LEU A 166 10.42 -14.37 -19.25
C LEU A 166 11.00 -14.44 -20.67
N LYS A 167 12.31 -14.57 -20.74
CA LYS A 167 13.01 -14.74 -22.01
C LYS A 167 14.36 -15.38 -21.73
N PRO A 168 15.06 -15.86 -22.77
CA PRO A 168 16.39 -16.48 -22.52
C PRO A 168 17.42 -15.61 -21.84
N GLU A 169 17.45 -14.30 -22.12
CA GLU A 169 18.39 -13.41 -21.45
C GLU A 169 18.18 -13.37 -19.93
N ASN A 170 16.92 -13.45 -19.48
CA ASN A 170 16.61 -13.42 -18.06
C ASN A 170 16.56 -14.79 -17.41
N ILE A 171 17.22 -15.78 -17.99
CA ILE A 171 17.40 -17.09 -17.37
C ILE A 171 18.90 -17.35 -17.34
N LEU A 172 19.46 -17.49 -16.14
CA LEU A 172 20.88 -17.73 -15.95
C LEU A 172 21.16 -19.16 -15.51
N LEU A 173 22.30 -19.68 -15.98
CA LEU A 173 22.85 -20.93 -15.49
C LEU A 173 23.61 -20.72 -14.18
N CYS A 174 23.35 -21.60 -13.21
CA CYS A 174 24.08 -21.53 -11.95
C CYS A 174 25.57 -21.76 -12.15
N ASN A 175 25.92 -22.81 -12.89
CA ASN A 175 27.29 -23.21 -13.15
C ASN A 175 27.44 -23.61 -14.61
N PRO A 176 28.52 -23.18 -15.28
CA PRO A 176 28.71 -23.54 -16.70
C PRO A 176 28.65 -25.04 -16.97
N LYS A 177 29.18 -25.87 -16.06
CA LYS A 177 29.24 -27.30 -16.26
C LYS A 177 28.06 -28.05 -15.66
N ARG A 178 26.97 -27.36 -15.33
CA ARG A 178 25.77 -28.02 -14.87
C ARG A 178 24.55 -27.46 -15.60
N SER A 179 23.43 -28.16 -15.46
CA SER A 179 22.20 -27.85 -16.15
C SER A 179 21.26 -27.00 -15.30
N ALA A 180 21.67 -26.61 -14.09
CA ALA A 180 20.82 -25.86 -13.20
C ALA A 180 20.66 -24.42 -13.71
N ILE A 181 19.42 -23.94 -13.69
CA ILE A 181 19.11 -22.57 -14.07
C ILE A 181 18.29 -21.86 -13.00
N LYS A 182 18.36 -20.54 -13.01
CA LYS A 182 17.62 -19.66 -12.10
C LYS A 182 17.08 -18.49 -12.91
N ILE A 183 15.90 -18.04 -12.52
CA ILE A 183 15.24 -16.89 -13.15
C ILE A 183 15.70 -15.61 -12.46
N VAL A 184 16.17 -14.66 -13.25
CA VAL A 184 16.58 -13.36 -12.75
C VAL A 184 15.57 -12.30 -13.16
N ASP A 185 15.71 -11.11 -12.58
CA ASP A 185 15.10 -9.87 -13.03
C ASP A 185 13.59 -9.86 -12.84
N PHE A 186 13.16 -9.54 -11.62
CA PHE A 186 11.75 -9.34 -11.29
C PHE A 186 11.38 -7.86 -11.26
N GLY A 187 12.08 -7.04 -12.05
CA GLY A 187 11.79 -5.62 -12.06
C GLY A 187 10.49 -5.25 -12.75
N SER A 188 10.10 -6.02 -13.77
CA SER A 188 8.81 -5.83 -14.43
C SER A 188 7.78 -6.88 -14.02
N SER A 189 7.91 -7.43 -12.82
CA SER A 189 7.03 -8.48 -12.33
C SER A 189 5.98 -7.89 -11.40
N CYS A 190 4.88 -8.63 -11.22
CA CYS A 190 3.83 -8.19 -10.32
C CYS A 190 3.08 -9.41 -9.79
N GLN A 191 2.41 -9.20 -8.65
CA GLN A 191 1.48 -10.18 -8.12
C GLN A 191 0.10 -10.05 -8.77
N LEU A 192 -0.61 -11.18 -8.82
CA LEU A 192 -1.95 -11.23 -9.41
C LEU A 192 -2.84 -10.13 -8.84
N GLY A 193 -3.74 -9.64 -9.67
CA GLY A 193 -4.69 -8.65 -9.22
C GLY A 193 -5.45 -8.04 -10.38
N GLN A 194 -6.14 -6.94 -10.07
CA GLN A 194 -6.77 -6.10 -11.07
C GLN A 194 -5.76 -5.69 -12.15
N ARG A 195 -6.25 -5.50 -13.37
CA ARG A 195 -5.38 -5.14 -14.48
C ARG A 195 -5.04 -3.66 -14.39
N ILE A 196 -3.76 -3.35 -14.21
CA ILE A 196 -3.28 -1.98 -14.32
C ILE A 196 -2.52 -1.72 -15.61
N TYR A 197 -1.80 -2.72 -16.14
CA TYR A 197 -0.93 -2.55 -17.29
C TYR A 197 -1.42 -3.43 -18.42
N GLN A 198 -1.32 -2.94 -19.66
CA GLN A 198 -1.61 -3.77 -20.82
C GLN A 198 -0.39 -4.02 -21.72
N PTR A 199 0.57 -3.10 -21.70
CA PTR A 199 1.80 -3.26 -22.48
C PTR A 199 2.88 -3.93 -21.65
O PTR A 199 3.75 -3.28 -21.08
CB PTR A 199 2.28 -1.90 -22.99
CG PTR A 199 3.24 -1.93 -24.16
CD1 PTR A 199 4.57 -1.55 -23.99
CD2 PTR A 199 2.83 -2.33 -25.43
CE1 PTR A 199 5.46 -1.57 -25.05
CE2 PTR A 199 3.72 -2.35 -26.49
CZ PTR A 199 5.05 -1.97 -26.30
OH PTR A 199 5.91 -1.96 -27.27
P PTR A 199 6.60 -3.27 -27.93
O1P PTR A 199 7.79 -2.83 -28.80
O2P PTR A 199 5.59 -3.96 -28.76
O3P PTR A 199 7.10 -4.22 -26.82
N ILE A 200 2.83 -5.26 -21.57
CA ILE A 200 3.75 -6.03 -20.75
C ILE A 200 4.28 -7.21 -21.54
N GLN A 201 5.39 -7.78 -21.07
CA GLN A 201 6.11 -8.86 -21.74
C GLN A 201 6.83 -8.35 -22.98
N SER A 202 7.94 -9.00 -23.32
CA SER A 202 8.66 -8.68 -24.55
C SER A 202 7.93 -9.29 -25.74
N ARG A 203 7.94 -8.56 -26.86
CA ARG A 203 6.99 -8.81 -27.94
C ARG A 203 7.04 -10.26 -28.41
N PHE A 204 8.25 -10.82 -28.56
CA PHE A 204 8.39 -12.20 -28.99
C PHE A 204 7.68 -13.17 -28.05
N TYR A 205 7.61 -12.83 -26.76
CA TYR A 205 7.12 -13.73 -25.73
C TYR A 205 5.79 -13.27 -25.16
N ARG A 206 5.07 -12.42 -25.88
CA ARG A 206 3.88 -11.77 -25.36
C ARG A 206 2.65 -12.63 -25.66
N SER A 207 1.86 -12.88 -24.63
CA SER A 207 0.71 -13.75 -24.76
C SER A 207 -0.38 -13.12 -25.63
N PRO A 208 -1.27 -13.94 -26.21
CA PRO A 208 -2.40 -13.38 -26.97
C PRO A 208 -3.30 -12.50 -26.13
N GLU A 209 -3.63 -12.91 -24.91
CA GLU A 209 -4.50 -12.10 -24.05
C GLU A 209 -3.93 -10.70 -23.83
N VAL A 210 -2.60 -10.57 -23.75
CA VAL A 210 -1.97 -9.26 -23.64
C VAL A 210 -2.03 -8.53 -24.98
N LEU A 211 -1.69 -9.23 -26.07
CA LEU A 211 -1.81 -8.65 -27.40
C LEU A 211 -3.23 -8.17 -27.68
N LEU A 212 -4.22 -8.94 -27.25
CA LEU A 212 -5.62 -8.60 -27.47
C LEU A 212 -6.16 -7.59 -26.46
N GLY A 213 -5.38 -7.21 -25.45
CA GLY A 213 -5.81 -6.20 -24.51
C GLY A 213 -6.82 -6.71 -23.51
N MET A 214 -6.73 -7.97 -23.13
CA MET A 214 -7.72 -8.67 -22.34
C MET A 214 -7.21 -8.89 -20.91
N PRO A 215 -8.08 -9.34 -20.00
CA PRO A 215 -7.60 -9.67 -18.65
C PRO A 215 -6.55 -10.76 -18.74
N TYR A 216 -5.62 -10.75 -17.78
CA TYR A 216 -4.52 -11.70 -17.81
C TYR A 216 -4.10 -12.06 -16.39
N ASP A 217 -3.45 -13.21 -16.28
CA ASP A 217 -3.00 -13.72 -14.99
C ASP A 217 -1.64 -14.40 -15.11
N LEU A 218 -1.34 -15.36 -14.22
CA LEU A 218 -0.04 -16.03 -14.26
C LEU A 218 0.15 -16.90 -15.50
N ALA A 219 -0.92 -17.21 -16.22
CA ALA A 219 -0.81 -18.02 -17.43
C ALA A 219 -0.07 -17.33 -18.56
N ILE A 220 0.10 -16.00 -18.49
CA ILE A 220 0.91 -15.29 -19.49
C ILE A 220 2.37 -15.73 -19.40
N ASP A 221 2.81 -16.15 -18.21
CA ASP A 221 4.16 -16.69 -18.07
C ASP A 221 4.28 -18.04 -18.76
N MET A 222 3.22 -18.85 -18.71
CA MET A 222 3.25 -20.15 -19.37
C MET A 222 3.29 -20.03 -20.88
N TRP A 223 2.58 -19.05 -21.45
CA TRP A 223 2.74 -18.76 -22.87
C TRP A 223 4.20 -18.43 -23.20
N SER A 224 4.77 -17.45 -22.50
CA SER A 224 6.17 -17.13 -22.67
C SER A 224 7.04 -18.38 -22.63
N LEU A 225 6.82 -19.26 -21.64
CA LEU A 225 7.63 -20.47 -21.50
C LEU A 225 7.51 -21.37 -22.73
N GLY A 226 6.30 -21.54 -23.26
CA GLY A 226 6.12 -22.31 -24.48
C GLY A 226 6.95 -21.79 -25.63
N CYS A 227 6.92 -20.47 -25.85
CA CYS A 227 7.77 -19.83 -26.85
C CYS A 227 9.25 -20.04 -26.56
N ILE A 228 9.65 -19.91 -25.29
CA ILE A 228 11.05 -20.05 -24.90
C ILE A 228 11.59 -21.47 -25.14
N LEU A 229 10.81 -22.49 -24.81
CA LEU A 229 11.30 -23.87 -24.94
C LEU A 229 11.49 -24.29 -26.41
N VAL A 230 10.65 -23.82 -27.32
CA VAL A 230 10.86 -24.11 -28.73
C VAL A 230 12.12 -23.43 -29.24
N GLU A 231 12.33 -22.18 -28.82
CA GLU A 231 13.53 -21.43 -29.22
C GLU A 231 14.80 -22.09 -28.70
N MET A 232 14.77 -22.67 -27.51
CA MET A 232 15.95 -23.35 -26.99
C MET A 232 16.38 -24.53 -27.86
N HIS A 233 15.44 -25.25 -28.46
CA HIS A 233 15.81 -26.41 -29.25
C HIS A 233 16.06 -26.06 -30.72
N THR A 234 15.26 -25.15 -31.29
CA THR A 234 15.45 -24.74 -32.67
C THR A 234 16.51 -23.67 -32.82
N GLY A 235 16.70 -22.83 -31.81
CA GLY A 235 17.67 -21.76 -31.87
C GLY A 235 17.12 -20.43 -32.33
N GLU A 236 15.87 -20.38 -32.80
CA GLU A 236 15.26 -19.16 -33.29
C GLU A 236 13.97 -18.86 -32.54
N PRO A 237 13.57 -17.60 -32.46
CA PRO A 237 12.30 -17.26 -31.80
C PRO A 237 11.12 -17.88 -32.54
N LEU A 238 10.21 -18.47 -31.76
CA LEU A 238 9.01 -19.07 -32.34
C LEU A 238 8.17 -18.03 -33.07
N PHE A 239 7.94 -16.87 -32.44
CA PHE A 239 7.15 -15.80 -33.06
C PHE A 239 7.98 -14.53 -33.00
N SER A 240 8.66 -14.21 -34.09
CA SER A 240 9.59 -13.08 -34.13
C SER A 240 8.93 -11.87 -34.80
N GLY A 241 7.86 -11.39 -34.15
CA GLY A 241 7.14 -10.22 -34.63
C GLY A 241 7.95 -8.95 -34.58
N ALA A 242 7.92 -8.17 -35.66
CA ALA A 242 8.53 -6.85 -35.64
C ALA A 242 7.60 -5.79 -35.09
N ASN A 243 6.29 -6.06 -35.05
CA ASN A 243 5.31 -5.23 -34.37
C ASN A 243 4.19 -6.14 -33.88
N GLU A 244 3.27 -5.57 -33.10
CA GLU A 244 2.16 -6.36 -32.57
C GLU A 244 1.35 -7.00 -33.70
N VAL A 245 1.12 -6.27 -34.79
CA VAL A 245 0.36 -6.87 -35.89
C VAL A 245 1.15 -8.02 -36.51
N ASP A 246 2.47 -7.87 -36.58
CA ASP A 246 3.31 -8.95 -37.08
C ASP A 246 3.37 -10.10 -36.08
N GLN A 247 3.42 -9.77 -34.79
CA GLN A 247 3.43 -10.80 -33.74
C GLN A 247 2.18 -11.67 -33.78
N MET A 248 1.01 -11.04 -33.87
CA MET A 248 -0.23 -11.82 -33.94
C MET A 248 -0.30 -12.65 -35.20
N ASN A 249 0.11 -12.09 -36.34
CA ASN A 249 0.04 -12.84 -37.60
C ASN A 249 0.95 -14.06 -37.56
N LYS A 250 2.12 -13.95 -36.93
CA LYS A 250 2.99 -15.11 -36.81
C LYS A 250 2.46 -16.13 -35.81
N ILE A 251 1.78 -15.67 -34.75
CA ILE A 251 1.10 -16.61 -33.86
C ILE A 251 -0.04 -17.32 -34.59
N VAL A 252 -0.79 -16.60 -35.42
CA VAL A 252 -1.89 -17.19 -36.17
C VAL A 252 -1.36 -18.16 -37.23
N GLU A 253 -0.25 -17.81 -37.88
CA GLU A 253 0.41 -18.74 -38.81
C GLU A 253 0.55 -20.15 -38.23
N VAL A 254 0.93 -20.25 -36.96
CA VAL A 254 1.17 -21.56 -36.34
C VAL A 254 -0.09 -22.13 -35.71
N LEU A 255 -0.84 -21.33 -34.97
CA LEU A 255 -1.94 -21.83 -34.15
C LEU A 255 -3.33 -21.49 -34.67
N GLY A 256 -3.44 -20.80 -35.81
CA GLY A 256 -4.73 -20.47 -36.35
C GLY A 256 -5.37 -19.26 -35.69
N ILE A 257 -6.58 -18.96 -36.14
CA ILE A 257 -7.33 -17.82 -35.61
C ILE A 257 -7.80 -18.13 -34.19
N PRO A 258 -7.59 -17.24 -33.23
CA PRO A 258 -8.12 -17.44 -31.88
C PRO A 258 -9.60 -17.77 -31.90
N PRO A 259 -10.10 -18.49 -30.90
CA PRO A 259 -11.53 -18.83 -30.88
C PRO A 259 -12.41 -17.59 -30.86
N ALA A 260 -13.58 -17.72 -31.47
CA ALA A 260 -14.47 -16.58 -31.62
C ALA A 260 -14.89 -16.01 -30.27
N HIS A 261 -15.16 -16.88 -29.30
CA HIS A 261 -15.58 -16.40 -27.99
C HIS A 261 -14.51 -15.57 -27.30
N ILE A 262 -13.24 -15.73 -27.69
CA ILE A 262 -12.19 -14.88 -27.17
C ILE A 262 -12.14 -13.57 -27.91
N LEU A 263 -12.18 -13.61 -29.25
CA LEU A 263 -12.11 -12.39 -30.04
C LEU A 263 -13.34 -11.51 -29.86
N ASP A 264 -14.48 -12.09 -29.49
CA ASP A 264 -15.63 -11.28 -29.15
C ASP A 264 -15.40 -10.48 -27.88
N GLN A 265 -14.60 -11.01 -26.95
CA GLN A 265 -14.28 -10.32 -25.72
C GLN A 265 -13.02 -9.47 -25.81
N ALA A 266 -12.20 -9.67 -26.84
CA ALA A 266 -10.95 -8.93 -26.95
C ALA A 266 -11.21 -7.49 -27.36
N PRO A 267 -10.76 -6.50 -26.59
CA PRO A 267 -10.93 -5.10 -27.02
C PRO A 267 -10.10 -4.76 -28.24
N LYS A 268 -8.83 -5.16 -28.27
CA LYS A 268 -7.97 -4.94 -29.42
C LYS A 268 -8.09 -6.05 -30.46
N ALA A 269 -9.25 -6.71 -30.53
CA ALA A 269 -9.46 -7.74 -31.53
C ALA A 269 -9.47 -7.18 -32.94
N ARG A 270 -9.97 -5.96 -33.11
CA ARG A 270 -10.05 -5.36 -34.44
C ARG A 270 -8.74 -4.72 -34.87
N LYS A 271 -7.75 -4.65 -33.98
CA LYS A 271 -6.40 -4.31 -34.43
C LYS A 271 -5.81 -5.39 -35.33
N PHE A 272 -6.22 -6.63 -35.12
CA PHE A 272 -5.71 -7.78 -35.85
C PHE A 272 -6.71 -8.43 -36.78
N PHE A 273 -7.95 -8.61 -36.34
CA PHE A 273 -8.94 -9.35 -37.10
C PHE A 273 -10.11 -8.48 -37.52
N GLU A 274 -10.79 -8.94 -38.58
CA GLU A 274 -12.08 -8.43 -39.01
C GLU A 274 -13.16 -9.42 -38.63
N LYS A 275 -14.33 -8.92 -38.25
CA LYS A 275 -15.49 -9.75 -37.96
C LYS A 275 -16.42 -9.69 -39.18
N LEU A 276 -16.43 -10.76 -39.95
CA LEU A 276 -17.24 -10.82 -41.16
C LEU A 276 -18.72 -10.77 -40.82
N PRO A 277 -19.58 -10.45 -41.80
CA PRO A 277 -21.02 -10.37 -41.49
C PRO A 277 -21.62 -11.64 -40.92
N ASP A 278 -20.98 -12.80 -41.13
CA ASP A 278 -21.53 -14.08 -40.68
C ASP A 278 -21.14 -14.44 -39.25
N GLY A 279 -20.28 -13.66 -38.61
CA GLY A 279 -19.90 -13.87 -37.23
C GLY A 279 -18.48 -14.36 -37.04
N THR A 280 -17.86 -14.92 -38.08
CA THR A 280 -16.50 -15.42 -37.96
C THR A 280 -15.50 -14.27 -38.00
N TRP A 281 -14.34 -14.51 -37.38
CA TRP A 281 -13.24 -13.56 -37.41
C TRP A 281 -12.20 -13.97 -38.45
N ASN A 282 -11.76 -12.99 -39.23
CA ASN A 282 -10.75 -13.15 -40.27
C ASN A 282 -9.60 -12.19 -40.04
N LEU A 283 -8.45 -12.53 -40.61
CA LEU A 283 -7.28 -11.67 -40.53
C LEU A 283 -7.49 -10.41 -41.38
N LYS A 284 -7.06 -9.27 -40.85
CA LYS A 284 -7.05 -8.04 -41.60
C LYS A 284 -5.92 -8.04 -42.62
N LYS A 285 -6.25 -7.70 -43.85
CA LYS A 285 -5.27 -7.70 -44.93
C LYS A 285 -4.15 -6.69 -44.65
N THR A 286 -2.96 -7.01 -45.12
CA THR A 286 -1.78 -6.18 -44.91
C THR A 286 -1.31 -5.55 -46.21
N GLU A 292 2.97 -12.99 -48.09
CA GLU A 292 3.46 -12.56 -46.78
C GLU A 292 3.43 -13.71 -45.76
N TYR A 293 2.25 -13.99 -45.24
CA TYR A 293 2.04 -15.00 -44.20
C TYR A 293 1.39 -16.25 -44.78
N LYS A 294 1.70 -17.39 -44.17
CA LYS A 294 1.02 -18.64 -44.48
C LYS A 294 -0.38 -18.65 -43.86
N PRO A 295 -1.32 -19.36 -44.49
CA PRO A 295 -2.67 -19.41 -43.94
C PRO A 295 -2.65 -19.96 -42.52
N PRO A 296 -3.64 -19.62 -41.71
CA PRO A 296 -3.59 -19.97 -40.28
C PRO A 296 -3.46 -21.47 -40.07
N GLY A 297 -2.55 -21.83 -39.16
CA GLY A 297 -2.34 -23.21 -38.78
C GLY A 297 -1.67 -24.08 -39.82
N THR A 298 -1.10 -23.51 -40.87
CA THR A 298 -0.42 -24.31 -41.88
C THR A 298 1.07 -24.46 -41.59
N ARG A 299 1.70 -23.48 -40.97
CA ARG A 299 3.07 -23.62 -40.47
C ARG A 299 2.99 -24.47 -39.20
N LYS A 300 2.85 -25.78 -39.40
CA LYS A 300 2.62 -26.68 -38.29
C LYS A 300 3.85 -26.78 -37.40
N LEU A 301 3.61 -26.87 -36.09
CA LEU A 301 4.70 -27.04 -35.14
C LEU A 301 5.36 -28.41 -35.31
N HIS A 302 4.55 -29.42 -35.66
CA HIS A 302 5.05 -30.72 -36.10
C HIS A 302 6.18 -30.58 -37.12
N ASN A 303 6.00 -29.71 -38.12
CA ASN A 303 7.02 -29.51 -39.14
C ASN A 303 8.14 -28.59 -38.68
N ILE A 304 7.83 -27.58 -37.85
CA ILE A 304 8.87 -26.72 -37.29
C ILE A 304 9.86 -27.53 -36.45
N LEU A 305 9.36 -28.42 -35.61
CA LEU A 305 10.25 -29.23 -34.78
C LEU A 305 10.91 -30.35 -35.58
N GLY A 306 10.28 -30.77 -36.67
CA GLY A 306 10.84 -31.83 -37.50
C GLY A 306 10.70 -33.15 -36.79
N VAL A 307 9.47 -33.43 -36.35
CA VAL A 307 9.19 -34.61 -35.53
C VAL A 307 9.51 -35.88 -36.30
N GLU A 308 9.27 -35.86 -37.61
CA GLU A 308 9.50 -37.00 -38.48
C GLU A 308 10.72 -36.85 -39.37
N THR A 309 11.43 -35.72 -39.31
CA THR A 309 12.54 -35.43 -40.23
C THR A 309 13.84 -35.18 -39.48
N GLY A 310 13.99 -35.74 -38.29
CA GLY A 310 15.24 -35.69 -37.55
C GLY A 310 15.54 -34.34 -36.92
N GLY A 311 14.55 -33.72 -36.29
CA GLY A 311 14.73 -32.52 -35.53
C GLY A 311 14.90 -31.27 -36.39
N PRO A 312 15.21 -30.15 -35.74
CA PRO A 312 15.41 -28.89 -36.48
C PRO A 312 16.56 -28.97 -37.46
N GLY A 313 16.26 -28.72 -38.73
CA GLY A 313 17.27 -28.79 -39.76
C GLY A 313 17.86 -30.16 -39.99
N GLY A 314 17.18 -31.22 -39.55
CA GLY A 314 17.75 -32.55 -39.61
C GLY A 314 19.01 -32.75 -38.79
N ARG A 315 19.39 -31.75 -37.99
CA ARG A 315 20.65 -31.80 -37.24
C ARG A 315 20.56 -32.67 -36.00
N ARG A 316 19.41 -33.27 -35.71
CA ARG A 316 19.25 -34.19 -34.58
C ARG A 316 19.04 -35.61 -35.04
N ALA A 317 19.33 -35.91 -36.30
CA ALA A 317 19.10 -37.25 -36.85
C ALA A 317 20.07 -38.24 -36.24
N GLY A 318 19.53 -39.31 -35.62
CA GLY A 318 20.34 -40.34 -35.04
C GLY A 318 20.80 -40.09 -33.62
N GLU A 319 20.43 -38.95 -33.03
CA GLU A 319 20.86 -38.62 -31.68
C GLU A 319 19.91 -39.22 -30.66
N SER A 320 20.46 -39.52 -29.47
CA SER A 320 19.68 -40.17 -28.43
C SER A 320 18.54 -39.29 -27.95
N GLY A 321 17.41 -39.92 -27.61
CA GLY A 321 16.25 -39.18 -27.16
C GLY A 321 15.60 -38.29 -28.19
N HIS A 322 16.02 -38.38 -29.46
CA HIS A 322 15.47 -37.54 -30.50
C HIS A 322 14.69 -38.36 -31.52
N THR A 323 13.85 -39.26 -31.03
CA THR A 323 12.98 -40.08 -31.88
C THR A 323 11.65 -39.36 -32.10
N VAL A 324 10.84 -39.94 -32.99
CA VAL A 324 9.52 -39.39 -33.26
C VAL A 324 8.65 -39.43 -32.02
N ALA A 325 8.67 -40.55 -31.28
CA ALA A 325 7.93 -40.65 -30.04
C ALA A 325 8.33 -39.58 -29.03
N ASP A 326 9.63 -39.25 -28.96
CA ASP A 326 10.08 -38.21 -28.04
C ASP A 326 9.63 -36.83 -28.50
N TYR A 327 9.69 -36.57 -29.80
CA TYR A 327 9.25 -35.28 -30.33
C TYR A 327 7.75 -35.07 -30.15
N LEU A 328 6.94 -36.12 -30.23
CA LEU A 328 5.51 -35.98 -30.02
C LEU A 328 5.17 -35.67 -28.57
N LYS A 329 5.96 -36.18 -27.62
CA LYS A 329 5.77 -35.80 -26.22
C LYS A 329 6.07 -34.32 -26.01
N PHE A 330 7.11 -33.82 -26.69
CA PHE A 330 7.45 -32.40 -26.59
C PHE A 330 6.44 -31.54 -27.34
N LYS A 331 6.07 -31.94 -28.55
CA LYS A 331 5.07 -31.21 -29.32
C LYS A 331 3.76 -31.08 -28.54
N ASP A 332 3.27 -32.19 -27.98
CA ASP A 332 2.03 -32.14 -27.21
C ASP A 332 2.13 -31.16 -26.04
N LEU A 333 3.19 -31.28 -25.26
CA LEU A 333 3.39 -30.38 -24.12
C LEU A 333 3.44 -28.92 -24.55
N ILE A 334 4.17 -28.62 -25.63
CA ILE A 334 4.28 -27.25 -26.10
C ILE A 334 2.95 -26.71 -26.61
N LEU A 335 2.17 -27.55 -27.30
CA LEU A 335 0.86 -27.13 -27.77
C LEU A 335 -0.07 -26.82 -26.61
N ARG A 336 0.03 -27.60 -25.53
CA ARG A 336 -0.77 -27.33 -24.33
C ARG A 336 -0.35 -26.04 -23.64
N MET A 337 0.92 -25.63 -23.78
CA MET A 337 1.39 -24.35 -23.27
C MET A 337 0.96 -23.16 -24.12
N LEU A 338 0.79 -23.36 -25.42
CA LEU A 338 0.34 -22.32 -26.34
C LEU A 338 -1.17 -22.39 -26.61
N ASP A 339 -1.95 -22.87 -25.65
CA ASP A 339 -3.40 -22.74 -25.71
C ASP A 339 -3.79 -21.27 -25.63
N TYR A 340 -4.67 -20.85 -26.55
CA TYR A 340 -5.13 -19.46 -26.59
C TYR A 340 -5.86 -19.06 -25.32
N ASP A 341 -6.67 -19.95 -24.76
CA ASP A 341 -7.44 -19.62 -23.57
C ASP A 341 -6.58 -19.80 -22.32
N PRO A 342 -6.34 -18.72 -21.55
CA PRO A 342 -5.53 -18.86 -20.33
C PRO A 342 -6.21 -19.66 -19.24
N LYS A 343 -7.53 -19.85 -19.32
CA LYS A 343 -8.23 -20.68 -18.33
C LYS A 343 -7.96 -22.16 -18.54
N THR A 344 -7.76 -22.58 -19.80
CA THR A 344 -7.51 -23.98 -20.13
C THR A 344 -6.05 -24.25 -20.47
N ARG A 345 -5.23 -23.22 -20.64
CA ARG A 345 -3.80 -23.40 -20.81
C ARG A 345 -3.19 -24.14 -19.62
N ILE A 346 -2.25 -25.04 -19.91
CA ILE A 346 -1.75 -25.96 -18.91
C ILE A 346 -1.03 -25.21 -17.80
N GLN A 347 -1.14 -25.74 -16.59
CA GLN A 347 -0.57 -25.15 -15.39
C GLN A 347 0.68 -25.90 -14.96
N PRO A 348 1.57 -25.25 -14.21
CA PRO A 348 2.84 -25.89 -13.81
C PRO A 348 2.72 -27.32 -13.26
N TYR A 349 1.76 -27.57 -12.37
CA TYR A 349 1.58 -28.89 -11.79
C TYR A 349 1.31 -29.96 -12.84
N TYR A 350 0.38 -29.70 -13.75
CA TYR A 350 0.03 -30.70 -14.75
C TYR A 350 1.14 -30.87 -15.78
N ALA A 351 1.77 -29.77 -16.19
CA ALA A 351 2.89 -29.84 -17.11
C ALA A 351 4.01 -30.75 -16.59
N LEU A 352 4.33 -30.65 -15.29
CA LEU A 352 5.33 -31.52 -14.70
C LEU A 352 4.97 -33.00 -14.80
N GLN A 353 3.68 -33.33 -14.71
CA GLN A 353 3.24 -34.72 -14.82
C GLN A 353 3.14 -35.21 -16.27
N HIS A 354 3.63 -34.43 -17.24
CA HIS A 354 3.53 -34.84 -18.64
C HIS A 354 4.49 -35.97 -18.96
N SER A 355 4.15 -36.70 -20.02
CA SER A 355 4.99 -37.81 -20.49
C SER A 355 6.37 -37.34 -20.95
N PHE A 356 6.50 -36.07 -21.34
CA PHE A 356 7.79 -35.55 -21.77
C PHE A 356 8.82 -35.57 -20.66
N PHE A 357 8.41 -35.38 -19.41
CA PHE A 357 9.32 -35.48 -18.27
C PHE A 357 9.45 -36.88 -17.69
N LYS A 358 8.96 -37.92 -18.38
CA LYS A 358 9.09 -39.28 -17.86
C LYS A 358 10.49 -39.83 -18.10
N ARG B 11 16.27 -1.07 -38.80
CA ARG B 11 14.84 -1.03 -39.07
C ARG B 11 14.03 -1.58 -37.89
N LYS B 12 14.63 -1.55 -36.70
CA LYS B 12 13.94 -2.02 -35.51
C LYS B 12 12.78 -1.07 -35.16
N VAL B 13 11.78 -1.63 -34.49
CA VAL B 13 10.55 -0.90 -34.20
C VAL B 13 10.34 -0.85 -32.69
N TYR B 14 9.75 0.26 -32.22
CA TYR B 14 9.45 0.49 -30.81
C TYR B 14 8.01 0.96 -30.64
N ASN B 15 7.18 0.11 -30.03
CA ASN B 15 5.76 0.41 -29.80
C ASN B 15 5.02 0.63 -31.12
N ASP B 16 5.17 -0.33 -32.02
CA ASP B 16 4.63 -0.26 -33.38
C ASP B 16 5.07 1.00 -34.12
N GLY B 17 6.24 1.54 -33.77
CA GLY B 17 6.76 2.73 -34.41
C GLY B 17 6.40 4.05 -33.74
N TYR B 18 5.54 4.02 -32.72
CA TYR B 18 5.11 5.23 -32.03
C TYR B 18 6.16 5.76 -31.05
N ASP B 19 7.02 4.90 -30.51
CA ASP B 19 8.03 5.32 -29.55
C ASP B 19 9.43 5.44 -30.15
N ASP B 20 10.26 6.22 -29.45
CA ASP B 20 11.68 6.39 -29.69
C ASP B 20 12.48 5.46 -28.76
N ASP B 21 13.81 5.50 -28.90
CA ASP B 21 14.69 4.68 -28.07
C ASP B 21 14.64 5.05 -26.59
N ASN B 22 14.15 6.23 -26.25
CA ASN B 22 13.92 6.62 -24.86
C ASN B 22 12.51 6.28 -24.35
N TYR B 23 11.78 5.41 -25.04
CA TYR B 23 10.41 5.01 -24.68
C TYR B 23 9.42 6.17 -24.77
N ASP B 24 9.82 7.31 -25.31
CA ASP B 24 8.93 8.46 -25.46
C ASP B 24 8.09 8.33 -26.72
N TYR B 25 6.89 8.93 -26.67
CA TYR B 25 6.04 9.02 -27.84
C TYR B 25 6.62 10.01 -28.84
N ILE B 26 6.69 9.60 -30.11
CA ILE B 26 7.19 10.44 -31.19
C ILE B 26 6.12 11.47 -31.53
N VAL B 27 6.29 12.68 -30.97
CA VAL B 27 5.30 13.74 -31.14
C VAL B 27 5.29 14.21 -32.59
N LYS B 28 4.10 14.34 -33.16
CA LYS B 28 3.89 14.83 -34.52
C LYS B 28 2.94 16.01 -34.48
N ASN B 29 3.37 17.13 -35.05
CA ASN B 29 2.56 18.35 -35.01
C ASN B 29 1.31 18.16 -35.84
N GLY B 30 0.18 18.65 -35.32
CA GLY B 30 -1.09 18.56 -36.00
C GLY B 30 -1.88 17.29 -35.71
N GLU B 31 -1.31 16.33 -35.00
CA GLU B 31 -1.95 15.04 -34.81
C GLU B 31 -3.14 15.17 -33.87
N LYS B 32 -4.28 14.62 -34.27
CA LYS B 32 -5.50 14.68 -33.48
C LYS B 32 -5.67 13.33 -32.78
N TRP B 33 -5.87 13.38 -31.46
CA TRP B 33 -6.05 12.17 -30.66
C TRP B 33 -7.50 12.02 -30.21
N MET B 34 -8.06 10.84 -30.48
CA MET B 34 -9.41 10.48 -30.05
C MET B 34 -10.46 11.46 -30.57
N ASP B 35 -10.22 12.03 -31.75
CA ASP B 35 -11.10 13.04 -32.32
C ASP B 35 -11.35 14.19 -31.33
N ARG B 36 -10.27 14.65 -30.69
CA ARG B 36 -10.42 15.69 -29.68
C ARG B 36 -9.19 16.59 -29.57
N TYR B 37 -8.06 16.02 -29.14
CA TYR B 37 -6.87 16.78 -28.80
C TYR B 37 -6.00 17.01 -30.02
N GLU B 38 -5.99 18.25 -30.52
CA GLU B 38 -5.21 18.61 -31.70
C GLU B 38 -3.86 19.10 -31.20
N ILE B 39 -2.81 18.31 -31.45
CA ILE B 39 -1.48 18.58 -30.93
C ILE B 39 -0.85 19.72 -31.72
N ASP B 40 -0.23 20.65 -31.02
CA ASP B 40 0.35 21.85 -31.63
C ASP B 40 1.87 21.74 -31.73
N SER B 41 2.55 21.55 -30.60
CA SER B 41 4.00 21.51 -30.60
C SER B 41 4.49 20.97 -29.26
N LEU B 42 5.76 20.58 -29.24
CA LEU B 42 6.45 20.18 -28.03
C LEU B 42 6.86 21.45 -27.28
N ILE B 43 6.42 21.56 -26.02
CA ILE B 43 6.76 22.71 -25.20
C ILE B 43 7.74 22.37 -24.08
N GLY B 44 7.76 21.14 -23.59
CA GLY B 44 8.70 20.79 -22.53
C GLY B 44 9.10 19.33 -22.61
N LYS B 45 10.21 19.03 -21.94
CA LYS B 45 10.73 17.67 -21.87
C LYS B 45 11.38 17.45 -20.52
N GLY B 46 11.31 16.21 -20.03
CA GLY B 46 11.99 15.83 -18.82
C GLY B 46 12.22 14.34 -18.77
N SER B 47 12.72 13.87 -17.63
CA SER B 47 12.94 12.44 -17.45
C SER B 47 11.61 11.67 -17.50
N PHE B 48 10.58 12.21 -16.85
CA PHE B 48 9.24 11.63 -16.93
C PHE B 48 8.77 11.40 -18.36
N GLY B 49 9.13 12.31 -19.27
CA GLY B 49 8.70 12.21 -20.65
C GLY B 49 8.60 13.56 -21.34
N GLN B 50 7.42 13.89 -21.87
CA GLN B 50 7.26 15.10 -22.66
C GLN B 50 6.00 15.87 -22.25
N VAL B 51 6.02 17.17 -22.52
CA VAL B 51 4.85 18.03 -22.40
C VAL B 51 4.59 18.65 -23.77
N VAL B 52 3.33 18.63 -24.19
CA VAL B 52 2.92 19.22 -25.46
C VAL B 52 1.79 20.22 -25.25
N LYS B 53 1.76 21.24 -26.11
CA LYS B 53 0.62 22.15 -26.21
C LYS B 53 -0.41 21.54 -27.16
N ALA B 54 -1.68 21.64 -26.80
CA ALA B 54 -2.72 21.05 -27.62
C ALA B 54 -4.04 21.81 -27.44
N TYR B 55 -4.87 21.74 -28.47
CA TYR B 55 -6.20 22.34 -28.50
C TYR B 55 -7.26 21.29 -28.26
N ASP B 56 -8.11 21.52 -27.25
CA ASP B 56 -9.22 20.63 -26.94
C ASP B 56 -10.41 21.04 -27.80
N ARG B 57 -10.76 20.18 -28.77
CA ARG B 57 -11.85 20.51 -29.69
C ARG B 57 -13.22 20.38 -29.04
N VAL B 58 -13.38 19.40 -28.14
CA VAL B 58 -14.68 19.24 -27.48
C VAL B 58 -14.90 20.37 -26.49
N GLU B 59 -13.91 20.62 -25.64
CA GLU B 59 -14.02 21.74 -24.69
C GLU B 59 -13.83 23.10 -25.37
N GLN B 60 -13.11 23.14 -26.49
CA GLN B 60 -12.81 24.40 -27.20
C GLN B 60 -11.92 25.30 -26.35
N GLU B 61 -10.81 24.74 -25.88
CA GLU B 61 -9.90 25.41 -24.96
C GLU B 61 -8.50 24.85 -25.15
N TRP B 62 -7.50 25.70 -24.89
CA TRP B 62 -6.11 25.27 -24.93
C TRP B 62 -5.72 24.56 -23.65
N VAL B 63 -4.95 23.48 -23.79
CA VAL B 63 -4.56 22.65 -22.66
C VAL B 63 -3.12 22.17 -22.84
N ALA B 64 -2.49 21.82 -21.72
CA ALA B 64 -1.18 21.19 -21.68
C ALA B 64 -1.33 19.71 -21.34
N ILE B 65 -0.70 18.85 -22.13
CA ILE B 65 -0.78 17.40 -21.94
C ILE B 65 0.60 16.87 -21.61
N LYS B 66 0.70 16.15 -20.50
CA LYS B 66 1.96 15.60 -19.99
C LYS B 66 2.03 14.13 -20.35
N ILE B 67 2.72 13.82 -21.45
CA ILE B 67 2.83 12.45 -21.95
C ILE B 67 3.94 11.75 -21.18
N ILE B 68 3.57 10.86 -20.25
CA ILE B 68 4.55 10.06 -19.54
C ILE B 68 5.15 9.03 -20.49
N LYS B 69 6.40 8.64 -20.24
CA LYS B 69 7.04 7.61 -21.03
C LYS B 69 6.32 6.27 -20.88
N ASN B 70 6.39 5.46 -21.93
CA ASN B 70 5.76 4.14 -21.94
C ASN B 70 6.72 3.15 -21.27
N LYS B 71 6.79 3.25 -19.95
CA LYS B 71 7.60 2.35 -19.15
C LYS B 71 7.05 2.31 -17.73
N LYS B 72 7.06 1.11 -17.15
CA LYS B 72 6.40 0.87 -15.86
C LYS B 72 6.95 1.81 -14.79
N ALA B 73 8.26 2.01 -14.75
CA ALA B 73 8.88 2.89 -13.76
C ALA B 73 8.23 4.26 -13.72
N PHE B 74 8.11 4.91 -14.88
CA PHE B 74 7.56 6.25 -14.93
C PHE B 74 6.05 6.28 -14.75
N LEU B 75 5.35 5.25 -15.23
CA LEU B 75 3.92 5.12 -15.01
C LEU B 75 3.57 5.10 -13.52
N ASN B 76 4.25 4.27 -12.73
CA ASN B 76 3.97 4.24 -11.30
C ASN B 76 4.26 5.58 -10.63
N GLN B 77 5.29 6.27 -11.08
CA GLN B 77 5.55 7.61 -10.56
C GLN B 77 4.43 8.57 -10.93
N ALA B 78 3.98 8.51 -12.18
CA ALA B 78 2.90 9.41 -12.63
C ALA B 78 1.58 9.10 -11.93
N GLN B 79 1.27 7.82 -11.73
CA GLN B 79 0.06 7.45 -11.00
C GLN B 79 0.06 8.02 -9.58
N ILE B 80 1.23 8.09 -8.95
CA ILE B 80 1.36 8.77 -7.66
C ILE B 80 1.08 10.26 -7.80
N GLU B 81 1.52 10.86 -8.90
CA GLU B 81 1.18 12.26 -9.16
C GLU B 81 -0.30 12.47 -9.41
N VAL B 82 -0.93 11.55 -10.15
CA VAL B 82 -2.35 11.68 -10.46
C VAL B 82 -3.18 11.66 -9.18
N ARG B 83 -2.91 10.70 -8.29
CA ARG B 83 -3.65 10.63 -7.03
C ARG B 83 -3.38 11.85 -6.16
N LEU B 84 -2.15 12.36 -6.16
CA LEU B 84 -1.87 13.57 -5.39
C LEU B 84 -2.64 14.76 -5.95
N LEU B 85 -2.69 14.89 -7.27
CA LEU B 85 -3.43 15.98 -7.89
C LEU B 85 -4.93 15.84 -7.71
N GLU B 86 -5.47 14.63 -7.91
CA GLU B 86 -6.89 14.38 -7.65
C GLU B 86 -7.24 14.56 -6.18
N LEU B 87 -6.33 14.23 -5.27
CA LEU B 87 -6.57 14.45 -3.85
C LEU B 87 -6.62 15.93 -3.51
N MET B 88 -5.83 16.75 -4.21
CA MET B 88 -5.88 18.20 -3.99
C MET B 88 -7.15 18.79 -4.58
N ASN B 89 -7.61 18.26 -5.72
CA ASN B 89 -8.76 18.84 -6.40
C ASN B 89 -10.05 18.66 -5.61
N LYS B 90 -10.15 17.58 -4.83
CA LYS B 90 -11.35 17.36 -4.04
C LYS B 90 -11.52 18.41 -2.95
N HIS B 91 -10.43 18.80 -2.26
CA HIS B 91 -10.56 19.84 -1.25
C HIS B 91 -10.67 21.22 -1.90
N ASP B 92 -9.74 21.53 -2.79
CA ASP B 92 -9.73 22.79 -3.53
C ASP B 92 -10.61 22.68 -4.77
N THR B 93 -11.93 22.68 -4.53
CA THR B 93 -12.85 22.56 -5.66
C THR B 93 -12.94 23.84 -6.48
N GLU B 94 -12.82 25.00 -5.84
CA GLU B 94 -12.91 26.26 -6.56
C GLU B 94 -11.59 26.62 -7.21
N MET B 95 -11.00 25.68 -7.97
CA MET B 95 -9.70 25.74 -8.63
C MET B 95 -8.81 26.91 -8.22
N LYS B 96 -8.60 27.09 -6.91
CA LYS B 96 -7.82 28.20 -6.40
C LYS B 96 -6.56 27.67 -5.73
N TYR B 97 -6.33 28.11 -4.49
CA TYR B 97 -5.16 27.81 -3.67
C TYR B 97 -3.87 27.58 -4.46
N TYR B 98 -3.80 28.13 -5.68
CA TYR B 98 -2.56 28.22 -6.46
C TYR B 98 -1.94 26.85 -6.77
N ILE B 99 -2.78 25.87 -7.11
CA ILE B 99 -2.33 24.55 -7.54
C ILE B 99 -2.73 24.35 -9.00
N VAL B 100 -1.80 23.77 -9.79
CA VAL B 100 -2.09 23.45 -11.19
C VAL B 100 -3.26 22.48 -11.31
N HIS B 101 -4.24 22.85 -12.13
CA HIS B 101 -5.48 22.09 -12.23
C HIS B 101 -5.31 20.93 -13.22
N LEU B 102 -5.57 19.72 -12.75
CA LEU B 102 -5.63 18.54 -13.60
C LEU B 102 -7.06 18.41 -14.12
N LYS B 103 -7.24 18.59 -15.43
CA LYS B 103 -8.60 18.50 -15.97
C LYS B 103 -9.06 17.05 -16.07
N ARG B 104 -8.21 16.18 -16.61
CA ARG B 104 -8.54 14.77 -16.78
C ARG B 104 -7.24 14.02 -17.01
N HIS B 105 -7.33 12.69 -16.95
CA HIS B 105 -6.23 11.82 -17.36
C HIS B 105 -6.78 10.65 -18.17
N PHE B 106 -5.98 10.21 -19.14
CA PHE B 106 -6.39 9.11 -20.00
C PHE B 106 -5.15 8.43 -20.59
N MET B 107 -5.36 7.19 -21.01
CA MET B 107 -4.33 6.42 -21.70
C MET B 107 -4.47 6.63 -23.20
N PHE B 108 -3.33 6.74 -23.89
CA PHE B 108 -3.34 6.92 -25.34
C PHE B 108 -2.11 6.27 -25.96
N ARG B 109 -2.33 5.13 -26.62
CA ARG B 109 -1.26 4.36 -27.27
C ARG B 109 -0.14 3.97 -26.30
N ASN B 110 -0.54 3.44 -25.15
CA ASN B 110 0.35 2.97 -24.09
C ASN B 110 1.08 4.11 -23.39
N HIS B 111 0.55 5.32 -23.45
CA HIS B 111 1.11 6.46 -22.74
C HIS B 111 0.02 7.05 -21.86
N LEU B 112 0.30 7.16 -20.57
CA LEU B 112 -0.57 7.90 -19.68
C LEU B 112 -0.40 9.39 -19.97
N CYS B 113 -1.50 10.09 -20.17
CA CYS B 113 -1.48 11.50 -20.51
C CYS B 113 -2.28 12.27 -19.48
N LEU B 114 -1.62 13.20 -18.81
CA LEU B 114 -2.26 14.11 -17.87
C LEU B 114 -2.55 15.42 -18.59
N VAL B 115 -3.82 15.76 -18.72
CA VAL B 115 -4.23 17.02 -19.35
C VAL B 115 -4.28 18.08 -18.26
N PHE B 116 -3.47 19.13 -18.44
CA PHE B 116 -3.49 20.25 -17.51
C PHE B 116 -4.06 21.49 -18.18
N GLU B 117 -4.36 22.46 -17.33
CA GLU B 117 -4.67 23.82 -17.76
C GLU B 117 -3.46 24.49 -18.41
N MET B 118 -3.72 25.25 -19.47
CA MET B 118 -2.68 26.00 -20.15
C MET B 118 -2.26 27.23 -19.35
N LEU B 119 -0.95 27.46 -19.27
CA LEU B 119 -0.39 28.54 -18.47
C LEU B 119 0.64 29.30 -19.30
N SER B 120 1.18 30.38 -18.71
CA SER B 120 2.20 31.20 -19.33
C SER B 120 3.59 30.71 -18.90
N TYR B 121 4.63 31.32 -19.46
CA TYR B 121 6.02 31.02 -19.09
C TYR B 121 6.26 31.00 -17.58
N ASN B 122 7.32 30.30 -17.16
CA ASN B 122 7.64 30.10 -15.75
C ASN B 122 8.36 31.33 -15.18
N LEU B 123 8.63 31.28 -13.87
CA LEU B 123 9.33 32.38 -13.21
C LEU B 123 10.82 32.45 -13.54
N TYR B 124 11.44 31.34 -13.97
CA TYR B 124 12.82 31.43 -14.45
C TYR B 124 12.89 32.21 -15.75
N ASP B 125 11.91 32.02 -16.63
CA ASP B 125 11.84 32.79 -17.87
C ASP B 125 11.71 34.28 -17.56
N LEU B 126 10.90 34.62 -16.56
CA LEU B 126 10.79 36.02 -16.13
C LEU B 126 12.13 36.57 -15.67
N LEU B 127 12.95 35.76 -15.01
CA LEU B 127 14.29 36.18 -14.63
C LEU B 127 15.17 36.40 -15.85
N ARG B 128 15.00 35.60 -16.90
CA ARG B 128 15.77 35.85 -18.13
C ARG B 128 15.31 37.12 -18.81
N ASN B 129 14.05 37.50 -18.62
CA ASN B 129 13.57 38.78 -19.10
C ASN B 129 14.14 39.95 -18.30
N THR B 130 14.48 39.75 -17.02
CA THR B 130 15.14 40.81 -16.28
C THR B 130 16.64 40.90 -16.53
N ASN B 131 17.22 40.01 -17.34
CA ASN B 131 18.68 39.92 -17.46
C ASN B 131 19.28 39.52 -16.12
N PHE B 132 18.58 38.66 -15.39
CA PHE B 132 18.97 38.19 -14.06
C PHE B 132 19.17 39.32 -13.05
N ARG B 133 18.44 40.43 -13.21
CA ARG B 133 18.53 41.53 -12.24
C ARG B 133 17.41 41.49 -11.20
N GLY B 134 16.26 40.93 -11.54
CA GLY B 134 15.18 40.71 -10.60
C GLY B 134 14.03 41.69 -10.81
N VAL B 135 12.92 41.35 -10.14
CA VAL B 135 11.71 42.15 -10.20
C VAL B 135 11.57 42.97 -8.93
N SER B 136 10.56 43.84 -8.90
CA SER B 136 10.31 44.73 -7.78
C SER B 136 9.90 43.96 -6.53
N LEU B 137 10.16 44.60 -5.39
CA LEU B 137 9.75 44.06 -4.09
C LEU B 137 8.24 43.92 -3.96
N ASN B 138 7.48 44.75 -4.67
CA ASN B 138 6.02 44.65 -4.62
C ASN B 138 5.53 43.44 -5.40
N LEU B 139 6.17 43.12 -6.53
CA LEU B 139 5.82 41.92 -7.27
C LEU B 139 6.29 40.67 -6.53
N THR B 140 7.45 40.74 -5.88
CA THR B 140 7.90 39.66 -5.02
C THR B 140 6.92 39.42 -3.86
N ARG B 141 6.37 40.49 -3.29
CA ARG B 141 5.37 40.35 -2.24
C ARG B 141 4.11 39.63 -2.73
N LYS B 142 3.70 39.88 -3.97
CA LYS B 142 2.53 39.19 -4.50
C LYS B 142 2.78 37.70 -4.68
N PHE B 143 3.97 37.32 -5.15
CA PHE B 143 4.30 35.89 -5.23
C PHE B 143 4.41 35.25 -3.85
N ALA B 144 4.92 35.99 -2.86
CA ALA B 144 5.12 35.44 -1.53
C ALA B 144 3.80 35.06 -0.85
N GLN B 145 2.79 35.93 -0.95
CA GLN B 145 1.49 35.62 -0.35
C GLN B 145 0.81 34.44 -1.05
N GLN B 146 0.96 34.34 -2.37
CA GLN B 146 0.41 33.20 -3.10
C GLN B 146 1.13 31.91 -2.73
N MET B 147 2.45 31.94 -2.63
CA MET B 147 3.22 30.74 -2.29
C MET B 147 2.96 30.30 -0.86
N CYS B 148 2.85 31.25 0.07
CA CYS B 148 2.51 30.89 1.45
C CYS B 148 1.14 30.23 1.53
N THR B 149 0.16 30.82 0.85
CA THR B 149 -1.18 30.22 0.80
C THR B 149 -1.17 28.83 0.18
N ALA B 150 -0.29 28.60 -0.80
CA ALA B 150 -0.14 27.25 -1.36
C ALA B 150 0.47 26.28 -0.36
N LEU B 151 1.57 26.68 0.29
CA LEU B 151 2.17 25.84 1.32
C LEU B 151 1.23 25.60 2.50
N LEU B 152 0.35 26.56 2.79
CA LEU B 152 -0.68 26.33 3.80
C LEU B 152 -1.69 25.29 3.36
N PHE B 153 -2.09 25.32 2.08
CA PHE B 153 -3.00 24.30 1.56
C PHE B 153 -2.34 22.93 1.60
N LEU B 154 -1.09 22.84 1.18
CA LEU B 154 -0.34 21.59 1.27
C LEU B 154 -0.26 21.08 2.70
N ALA B 155 -0.15 21.99 3.67
CA ALA B 155 -0.02 21.63 5.08
C ALA B 155 -1.34 21.25 5.74
N THR B 156 -2.44 21.22 5.00
CA THR B 156 -3.68 20.66 5.54
C THR B 156 -3.45 19.24 6.03
N PRO B 157 -3.78 18.92 7.29
CA PRO B 157 -3.44 17.60 7.85
C PRO B 157 -3.85 16.43 6.96
N GLU B 158 -5.00 16.52 6.31
CA GLU B 158 -5.46 15.44 5.46
C GLU B 158 -4.61 15.33 4.19
N LEU B 159 -4.02 16.45 3.75
CA LEU B 159 -3.11 16.42 2.61
C LEU B 159 -1.69 16.11 3.06
N SER B 160 -1.08 17.03 3.82
CA SER B 160 0.31 16.92 4.28
C SER B 160 1.24 16.55 3.13
N ILE B 161 1.12 17.28 2.03
CA ILE B 161 1.89 17.00 0.82
C ILE B 161 3.15 17.86 0.80
N ILE B 162 4.28 17.22 0.49
CA ILE B 162 5.56 17.91 0.29
C ILE B 162 5.84 17.94 -1.21
N HIS B 163 5.91 19.14 -1.78
CA HIS B 163 6.23 19.27 -3.20
C HIS B 163 7.63 18.74 -3.52
N CYS B 164 8.61 19.06 -2.68
CA CYS B 164 9.93 18.42 -2.62
C CYS B 164 10.84 18.83 -3.78
N ASP B 165 10.51 19.87 -4.52
CA ASP B 165 11.31 20.29 -5.68
C ASP B 165 10.94 21.69 -6.10
N LEU B 166 10.82 22.60 -5.13
CA LEU B 166 10.39 23.95 -5.44
C LEU B 166 11.51 24.73 -6.13
N LYS B 167 11.20 25.36 -7.25
CA LYS B 167 12.15 26.23 -7.93
C LYS B 167 11.36 27.14 -8.88
N PRO B 168 12.00 28.20 -9.39
CA PRO B 168 11.33 29.05 -10.39
C PRO B 168 10.89 28.32 -11.64
N GLU B 169 11.61 27.26 -12.03
CA GLU B 169 11.21 26.48 -13.20
C GLU B 169 9.82 25.86 -13.03
N ASN B 170 9.44 25.52 -11.80
CA ASN B 170 8.14 24.88 -11.58
C ASN B 170 7.08 25.84 -11.07
N ILE B 171 7.22 27.15 -11.29
CA ILE B 171 6.16 28.10 -10.96
C ILE B 171 5.88 28.94 -12.19
N LEU B 172 4.72 28.73 -12.81
CA LEU B 172 4.31 29.44 -14.01
C LEU B 172 3.26 30.50 -13.67
N LEU B 173 3.07 31.42 -14.61
CA LEU B 173 2.01 32.42 -14.51
C LEU B 173 0.80 32.00 -15.33
N CYS B 174 -0.38 32.40 -14.85
CA CYS B 174 -1.62 32.13 -15.57
C CYS B 174 -1.68 32.92 -16.86
N ASN B 175 -1.49 34.24 -16.78
CA ASN B 175 -1.40 35.09 -17.95
C ASN B 175 -0.08 35.85 -17.87
N PRO B 176 0.47 36.29 -19.01
CA PRO B 176 1.73 37.06 -18.95
C PRO B 176 1.57 38.46 -18.39
N LYS B 177 0.41 39.09 -18.53
CA LYS B 177 0.22 40.41 -17.95
C LYS B 177 -0.27 40.34 -16.50
N ARG B 178 -0.97 39.27 -16.12
CA ARG B 178 -1.48 39.15 -14.76
C ARG B 178 -0.42 38.59 -13.81
N SER B 179 -0.66 38.76 -12.51
CA SER B 179 0.24 38.33 -11.45
C SER B 179 -0.02 36.90 -10.95
N ALA B 180 -1.14 36.28 -11.31
CA ALA B 180 -1.49 34.98 -10.75
C ALA B 180 -0.50 33.91 -11.18
N ILE B 181 -0.20 32.99 -10.25
CA ILE B 181 0.71 31.89 -10.47
C ILE B 181 0.18 30.61 -9.83
N LYS B 182 0.68 29.48 -10.33
CA LYS B 182 0.31 28.17 -9.83
C LYS B 182 1.53 27.27 -9.87
N ILE B 183 1.60 26.34 -8.92
CA ILE B 183 2.70 25.39 -8.79
C ILE B 183 2.40 24.17 -9.64
N VAL B 184 3.40 23.72 -10.41
CA VAL B 184 3.30 22.54 -11.25
C VAL B 184 4.31 21.49 -10.78
N ASP B 185 4.19 20.30 -11.36
CA ASP B 185 5.14 19.21 -11.16
C ASP B 185 5.18 18.68 -9.74
N PHE B 186 4.23 17.80 -9.41
CA PHE B 186 4.24 17.05 -8.16
C PHE B 186 4.74 15.63 -8.36
N GLY B 187 5.59 15.43 -9.38
CA GLY B 187 6.13 14.12 -9.67
C GLY B 187 7.23 13.72 -8.72
N SER B 188 7.99 14.70 -8.21
CA SER B 188 8.98 14.43 -7.19
C SER B 188 8.42 14.64 -5.79
N SER B 189 7.10 14.74 -5.67
CA SER B 189 6.44 15.04 -4.41
C SER B 189 6.10 13.77 -3.66
N CYS B 190 6.02 13.91 -2.34
CA CYS B 190 5.70 12.79 -1.46
C CYS B 190 4.91 13.33 -0.28
N GLN B 191 3.97 12.53 0.21
CA GLN B 191 3.28 12.89 1.44
C GLN B 191 4.19 12.67 2.64
N LEU B 192 3.81 13.27 3.76
CA LEU B 192 4.59 13.15 4.98
C LEU B 192 4.58 11.73 5.51
N GLY B 193 5.69 11.34 6.13
CA GLY B 193 5.81 10.03 6.76
C GLY B 193 7.23 9.56 6.94
N GLN B 194 7.43 8.25 6.74
CA GLN B 194 8.76 7.64 6.84
C GLN B 194 9.75 8.36 5.92
N ARG B 195 10.95 8.57 6.43
CA ARG B 195 12.06 9.10 5.64
C ARG B 195 12.65 8.00 4.77
N ILE B 196 12.14 7.91 3.54
CA ILE B 196 12.58 6.93 2.56
C ILE B 196 13.65 7.49 1.63
N TYR B 197 13.47 8.73 1.16
CA TYR B 197 14.34 9.35 0.18
C TYR B 197 15.33 10.33 0.80
N GLN B 198 16.57 10.28 0.33
CA GLN B 198 17.64 11.16 0.82
C GLN B 198 17.97 12.26 -0.20
N PTR B 199 18.26 11.85 -1.44
CA PTR B 199 18.62 12.79 -2.50
C PTR B 199 17.38 13.47 -3.07
O PTR B 199 16.90 13.13 -4.15
CB PTR B 199 19.39 12.04 -3.59
CG PTR B 199 20.34 12.89 -4.42
CD1 PTR B 199 20.16 13.03 -5.80
CD2 PTR B 199 21.42 13.54 -3.84
CE1 PTR B 199 21.01 13.79 -6.57
CE2 PTR B 199 22.29 14.31 -4.60
CZ PTR B 199 22.08 14.43 -5.96
OH PTR B 199 22.89 15.14 -6.68
P PTR B 199 22.61 16.69 -7.01
O1P PTR B 199 23.32 17.56 -5.98
O2P PTR B 199 21.15 16.92 -6.98
O3P PTR B 199 23.16 17.02 -8.42
N ILE B 200 16.86 14.45 -2.32
CA ILE B 200 15.65 15.16 -2.73
C ILE B 200 15.92 16.67 -2.87
N GLN B 201 15.01 17.35 -3.56
CA GLN B 201 15.10 18.77 -3.90
C GLN B 201 16.25 19.05 -4.86
N SER B 202 16.14 20.15 -5.62
CA SER B 202 17.24 20.62 -6.43
C SER B 202 18.35 21.15 -5.54
N ARG B 203 19.58 21.09 -6.04
CA ARG B 203 20.73 21.30 -5.17
C ARG B 203 20.77 22.73 -4.64
N PHE B 204 20.44 23.71 -5.49
CA PHE B 204 20.40 25.10 -5.02
C PHE B 204 19.36 25.26 -3.91
N TYR B 205 18.25 24.54 -4.02
CA TYR B 205 17.10 24.70 -3.14
C TYR B 205 16.99 23.57 -2.12
N ARG B 206 18.08 22.88 -1.85
CA ARG B 206 18.08 21.74 -0.96
C ARG B 206 18.31 22.21 0.46
N SER B 207 17.47 21.73 1.37
CA SER B 207 17.52 22.16 2.76
C SER B 207 18.70 21.55 3.51
N PRO B 208 19.16 22.20 4.59
CA PRO B 208 20.31 21.67 5.34
C PRO B 208 19.98 20.39 6.06
N GLU B 209 18.72 20.23 6.47
CA GLU B 209 18.28 18.98 7.06
C GLU B 209 18.50 17.82 6.10
N VAL B 210 18.21 18.03 4.81
CA VAL B 210 18.44 17.00 3.81
C VAL B 210 19.93 16.85 3.53
N LEU B 211 20.65 17.97 3.47
CA LEU B 211 22.08 17.93 3.20
C LEU B 211 22.86 17.26 4.32
N LEU B 212 22.41 17.39 5.56
CA LEU B 212 23.07 16.73 6.68
C LEU B 212 22.64 15.29 6.87
N GLY B 213 21.53 14.89 6.26
CA GLY B 213 21.09 13.51 6.34
C GLY B 213 20.17 13.25 7.51
N MET B 214 19.37 14.22 7.89
CA MET B 214 18.53 14.21 9.07
C MET B 214 17.07 14.01 8.67
N PRO B 215 16.19 13.75 9.64
CA PRO B 215 14.77 13.62 9.30
C PRO B 215 14.24 14.96 8.83
N TYR B 216 13.19 14.89 8.00
CA TYR B 216 12.65 16.10 7.41
C TYR B 216 11.14 16.00 7.33
N ASP B 217 10.53 17.13 6.98
CA ASP B 217 9.09 17.29 6.97
C ASP B 217 8.72 18.26 5.86
N LEU B 218 7.48 18.75 5.90
CA LEU B 218 7.00 19.73 4.94
C LEU B 218 7.78 21.04 4.98
N ALA B 219 8.50 21.32 6.07
CA ALA B 219 9.34 22.51 6.13
C ALA B 219 10.52 22.53 5.15
N ILE B 220 10.92 21.40 4.57
CA ILE B 220 11.88 21.45 3.46
C ILE B 220 11.45 22.45 2.40
N ASP B 221 10.14 22.51 2.10
CA ASP B 221 9.71 23.41 1.04
C ASP B 221 9.79 24.86 1.49
N MET B 222 9.67 25.14 2.79
CA MET B 222 9.79 26.51 3.25
C MET B 222 11.20 27.03 3.08
N TRP B 223 12.19 26.15 3.25
CA TRP B 223 13.58 26.51 2.96
C TRP B 223 13.77 26.89 1.50
N SER B 224 13.18 26.11 0.59
CA SER B 224 13.27 26.44 -0.82
C SER B 224 12.54 27.73 -1.15
N LEU B 225 11.38 27.97 -0.53
CA LEU B 225 10.66 29.21 -0.77
C LEU B 225 11.44 30.42 -0.30
N GLY B 226 12.12 30.32 0.85
CA GLY B 226 12.99 31.40 1.30
C GLY B 226 14.07 31.71 0.29
N CYS B 227 14.63 30.66 -0.34
CA CYS B 227 15.67 30.83 -1.34
C CYS B 227 15.12 31.50 -2.60
N ILE B 228 13.98 31.04 -3.09
CA ILE B 228 13.40 31.55 -4.32
C ILE B 228 12.92 32.99 -4.18
N LEU B 229 12.37 33.36 -3.02
CA LEU B 229 11.91 34.74 -2.85
C LEU B 229 13.04 35.74 -2.90
N VAL B 230 14.21 35.41 -2.32
CA VAL B 230 15.39 36.25 -2.51
C VAL B 230 15.82 36.24 -3.98
N GLU B 231 15.80 35.07 -4.61
CA GLU B 231 16.19 34.97 -6.01
C GLU B 231 15.27 35.76 -6.93
N MET B 232 13.97 35.78 -6.65
CA MET B 232 13.05 36.55 -7.50
C MET B 232 13.39 38.04 -7.47
N HIS B 233 13.77 38.56 -6.30
CA HIS B 233 14.08 39.98 -6.16
C HIS B 233 15.48 40.32 -6.67
N THR B 234 16.45 39.47 -6.35
CA THR B 234 17.84 39.69 -6.76
C THR B 234 18.18 39.17 -8.14
N GLY B 235 17.44 38.18 -8.65
CA GLY B 235 17.69 37.70 -9.99
C GLY B 235 18.77 36.65 -10.12
N GLU B 236 19.20 36.04 -9.01
CA GLU B 236 20.35 35.15 -8.99
C GLU B 236 20.18 34.19 -7.82
N PRO B 237 20.54 32.92 -8.01
CA PRO B 237 20.29 31.93 -6.95
C PRO B 237 21.01 32.30 -5.67
N LEU B 238 20.34 32.11 -4.54
CA LEU B 238 20.95 32.48 -3.26
C LEU B 238 22.13 31.56 -2.93
N PHE B 239 22.00 30.27 -3.23
CA PHE B 239 23.07 29.31 -2.99
C PHE B 239 23.32 28.54 -4.28
N SER B 240 24.35 28.94 -5.01
CA SER B 240 24.65 28.35 -6.32
C SER B 240 25.75 27.30 -6.18
N GLY B 241 25.43 26.28 -5.39
CA GLY B 241 26.41 25.24 -5.10
C GLY B 241 26.63 24.36 -6.30
N ALA B 242 27.91 24.08 -6.60
CA ALA B 242 28.25 23.15 -7.65
C ALA B 242 28.14 21.70 -7.19
N ASN B 243 28.13 21.46 -5.89
CA ASN B 243 28.04 20.10 -5.35
C ASN B 243 27.56 20.22 -3.92
N GLU B 244 27.32 19.06 -3.28
CA GLU B 244 26.80 19.07 -1.92
C GLU B 244 27.75 19.74 -0.94
N VAL B 245 29.05 19.69 -1.20
CA VAL B 245 30.01 20.36 -0.32
C VAL B 245 30.00 21.86 -0.56
N ASP B 246 30.07 22.25 -1.84
CA ASP B 246 30.03 23.66 -2.20
C ASP B 246 28.68 24.30 -1.86
N GLN B 247 27.59 23.55 -2.07
CA GLN B 247 26.27 24.02 -1.67
C GLN B 247 26.19 24.31 -0.18
N MET B 248 26.75 23.43 0.65
CA MET B 248 26.83 23.72 2.08
C MET B 248 27.75 24.90 2.39
N ASN B 249 28.84 25.04 1.62
CA ASN B 249 29.71 26.20 1.78
C ASN B 249 29.04 27.51 1.39
N LYS B 250 28.13 27.49 0.41
CA LYS B 250 27.34 28.68 0.09
C LYS B 250 26.35 29.03 1.21
N ILE B 251 25.76 28.03 1.85
CA ILE B 251 24.81 28.30 2.92
C ILE B 251 25.55 28.91 4.10
N VAL B 252 26.61 28.23 4.55
CA VAL B 252 27.40 28.65 5.70
C VAL B 252 28.10 29.98 5.38
N GLU B 253 28.21 30.34 4.11
CA GLU B 253 28.73 31.65 3.75
C GLU B 253 27.75 32.78 4.04
N VAL B 254 26.45 32.51 3.92
CA VAL B 254 25.42 33.47 4.29
C VAL B 254 25.13 33.37 5.79
N LEU B 255 24.54 32.25 6.18
CA LEU B 255 24.15 31.99 7.55
C LEU B 255 25.34 31.48 8.35
N GLY B 256 25.13 31.34 9.65
CA GLY B 256 26.15 30.87 10.55
C GLY B 256 26.34 29.37 10.43
N ILE B 257 27.15 28.83 11.33
CA ILE B 257 27.28 27.39 11.43
C ILE B 257 26.00 26.94 12.12
N PRO B 258 25.41 25.82 11.74
CA PRO B 258 24.15 25.41 12.35
C PRO B 258 24.34 25.11 13.83
N PRO B 259 23.26 25.15 14.61
CA PRO B 259 23.39 24.94 16.06
C PRO B 259 24.01 23.59 16.39
N ALA B 260 24.67 23.54 17.54
CA ALA B 260 25.35 22.31 17.95
C ALA B 260 24.36 21.18 18.21
N HIS B 261 23.18 21.50 18.75
CA HIS B 261 22.21 20.47 19.05
C HIS B 261 21.69 19.78 17.79
N ILE B 262 21.72 20.48 16.65
CA ILE B 262 21.39 19.86 15.37
C ILE B 262 22.61 19.17 14.77
N LEU B 263 23.78 19.84 14.84
CA LEU B 263 24.99 19.29 14.24
C LEU B 263 25.49 18.04 14.97
N ASP B 264 25.13 17.87 16.25
CA ASP B 264 25.47 16.64 16.95
C ASP B 264 24.65 15.46 16.44
N GLN B 265 23.41 15.71 16.01
CA GLN B 265 22.55 14.68 15.45
C GLN B 265 22.70 14.51 13.95
N ALA B 266 23.49 15.34 13.30
CA ALA B 266 23.59 15.32 11.84
C ALA B 266 24.47 14.16 11.39
N PRO B 267 23.95 13.22 10.60
CA PRO B 267 24.80 12.11 10.14
C PRO B 267 25.88 12.55 9.16
N LYS B 268 25.58 13.48 8.26
CA LYS B 268 26.57 14.02 7.34
C LYS B 268 27.32 15.22 7.91
N ALA B 269 27.34 15.36 9.24
CA ALA B 269 28.02 16.49 9.85
C ALA B 269 29.50 16.49 9.48
N ARG B 270 30.16 15.35 9.61
CA ARG B 270 31.59 15.26 9.32
C ARG B 270 31.89 15.29 7.82
N LYS B 271 30.87 15.20 6.97
CA LYS B 271 31.10 15.44 5.55
C LYS B 271 31.46 16.90 5.29
N PHE B 272 30.84 17.81 6.00
CA PHE B 272 31.07 19.25 5.84
C PHE B 272 31.82 19.88 7.00
N PHE B 273 31.48 19.52 8.23
CA PHE B 273 32.05 20.15 9.41
C PHE B 273 33.12 19.28 10.07
N GLU B 274 33.75 19.86 11.10
CA GLU B 274 34.77 19.20 11.88
C GLU B 274 34.55 19.56 13.34
N LYS B 275 34.88 18.63 14.23
CA LYS B 275 34.74 18.83 15.67
C LYS B 275 36.11 18.71 16.32
N LEU B 276 36.53 19.77 17.00
CA LEU B 276 37.80 19.79 17.70
C LEU B 276 37.67 19.01 19.00
N PRO B 277 38.75 18.84 19.76
CA PRO B 277 38.59 18.37 21.15
C PRO B 277 37.62 19.20 21.95
N ASP B 278 37.56 20.50 21.68
CA ASP B 278 36.51 21.35 22.22
C ASP B 278 35.16 20.96 21.61
N GLY B 279 34.11 21.08 22.42
CA GLY B 279 32.79 20.64 22.01
C GLY B 279 32.19 21.41 20.85
N THR B 280 32.83 22.49 20.41
CA THR B 280 32.27 23.31 19.35
C THR B 280 32.42 22.63 17.99
N TRP B 281 31.79 23.23 16.99
CA TRP B 281 31.79 22.73 15.63
C TRP B 281 32.43 23.78 14.72
N ASN B 282 33.22 23.33 13.75
CA ASN B 282 33.83 24.19 12.75
C ASN B 282 33.75 23.49 11.41
N LEU B 283 33.98 24.25 10.33
CA LEU B 283 33.93 23.61 9.02
C LEU B 283 35.16 22.71 8.87
N LYS B 284 35.18 21.94 7.79
CA LYS B 284 36.37 21.13 7.53
C LYS B 284 37.02 21.47 6.18
N TYR B 293 34.78 29.01 0.08
CA TYR B 293 36.08 29.61 0.33
C TYR B 293 35.94 31.04 0.88
N LYS B 294 35.11 31.19 1.90
CA LYS B 294 34.80 32.47 2.51
C LYS B 294 34.65 32.28 4.01
N PRO B 295 35.01 33.28 4.81
CA PRO B 295 34.82 33.20 6.26
C PRO B 295 33.35 33.03 6.61
N PRO B 296 33.04 32.15 7.57
CA PRO B 296 31.65 31.85 7.88
C PRO B 296 30.94 33.02 8.55
N GLY B 297 29.65 33.14 8.28
CA GLY B 297 28.82 34.17 8.89
C GLY B 297 28.87 35.51 8.19
N THR B 298 29.86 35.77 7.35
CA THR B 298 29.93 37.02 6.61
C THR B 298 28.92 37.00 5.46
N ARG B 299 29.22 37.73 4.39
CA ARG B 299 28.33 37.87 3.23
C ARG B 299 26.89 38.06 3.69
N LYS B 300 26.70 39.12 4.47
CA LYS B 300 25.46 39.31 5.21
C LYS B 300 24.28 39.44 4.26
N LEU B 301 23.12 38.97 4.71
CA LEU B 301 21.91 39.11 3.91
C LEU B 301 21.48 40.56 3.84
N HIS B 302 21.77 41.33 4.89
CA HIS B 302 21.57 42.78 4.87
C HIS B 302 22.22 43.41 3.64
N ASN B 303 23.45 42.98 3.33
CA ASN B 303 24.20 43.42 2.15
C ASN B 303 23.73 42.79 0.84
N ILE B 304 23.20 41.57 0.89
CA ILE B 304 22.68 40.93 -0.32
C ILE B 304 21.45 41.65 -0.85
N LEU B 305 20.46 41.91 0.01
CA LEU B 305 19.30 42.67 -0.43
C LEU B 305 19.62 44.15 -0.59
N GLY B 306 20.65 44.64 0.09
CA GLY B 306 21.02 46.03 -0.04
C GLY B 306 19.96 46.90 0.58
N VAL B 307 19.69 46.59 1.85
CA VAL B 307 18.62 47.22 2.60
C VAL B 307 18.89 48.71 2.74
N GLU B 308 20.15 49.07 2.94
CA GLU B 308 20.59 50.44 3.15
C GLU B 308 21.33 51.02 1.96
N THR B 309 21.29 50.33 0.80
CA THR B 309 22.02 50.78 -0.39
C THR B 309 21.12 50.79 -1.62
N GLY B 310 19.81 50.90 -1.43
CA GLY B 310 18.84 51.00 -2.50
C GLY B 310 18.68 49.70 -3.27
N GLY B 311 18.47 48.61 -2.55
CA GLY B 311 18.16 47.34 -3.15
C GLY B 311 19.33 46.71 -3.88
N PRO B 312 19.05 45.64 -4.62
CA PRO B 312 20.10 45.01 -5.44
C PRO B 312 20.70 45.95 -6.47
N GLY B 313 22.01 46.14 -6.39
CA GLY B 313 22.70 47.01 -7.33
C GLY B 313 22.39 48.49 -7.22
N GLY B 314 21.73 48.93 -6.16
CA GLY B 314 21.28 50.31 -6.10
C GLY B 314 20.21 50.67 -7.09
N ARG B 315 19.57 49.69 -7.74
CA ARG B 315 18.56 49.97 -8.75
C ARG B 315 17.20 50.27 -8.17
N ARG B 316 16.92 49.81 -6.95
CA ARG B 316 15.65 50.08 -6.29
C ARG B 316 15.68 51.33 -5.44
N ALA B 317 16.71 52.16 -5.57
CA ALA B 317 16.82 53.35 -4.76
C ALA B 317 15.76 54.37 -5.14
N GLY B 318 15.04 54.88 -4.14
CA GLY B 318 14.00 55.86 -4.36
C GLY B 318 12.70 55.31 -4.89
N GLU B 319 12.60 54.00 -5.11
CA GLU B 319 11.40 53.43 -5.72
C GLU B 319 10.32 53.19 -4.67
N SER B 320 9.07 53.18 -5.15
CA SER B 320 7.93 52.97 -4.26
C SER B 320 7.97 51.57 -3.66
N GLY B 321 7.79 51.50 -2.34
CA GLY B 321 7.76 50.23 -1.66
C GLY B 321 9.10 49.57 -1.43
N HIS B 322 10.20 50.29 -1.64
CA HIS B 322 11.54 49.75 -1.45
C HIS B 322 12.31 50.49 -0.37
N THR B 323 11.58 51.05 0.60
CA THR B 323 12.21 51.77 1.69
C THR B 323 13.02 50.81 2.56
N VAL B 324 13.75 51.39 3.52
CA VAL B 324 14.52 50.57 4.45
C VAL B 324 13.58 49.78 5.36
N ALA B 325 12.47 50.41 5.76
CA ALA B 325 11.46 49.70 6.55
C ALA B 325 10.82 48.57 5.75
N ASP B 326 10.62 48.78 4.45
CA ASP B 326 10.10 47.71 3.60
C ASP B 326 11.07 46.54 3.52
N TYR B 327 12.34 46.82 3.26
CA TYR B 327 13.35 45.76 3.19
C TYR B 327 13.51 45.04 4.52
N LEU B 328 13.38 45.75 5.65
CA LEU B 328 13.49 45.10 6.94
C LEU B 328 12.30 44.19 7.25
N LYS B 329 11.14 44.41 6.63
CA LYS B 329 10.08 43.42 6.74
C LYS B 329 10.37 42.19 5.90
N PHE B 330 10.87 42.40 4.67
CA PHE B 330 11.29 41.28 3.84
C PHE B 330 12.54 40.58 4.38
N LYS B 331 13.40 41.29 5.12
CA LYS B 331 14.53 40.64 5.76
C LYS B 331 14.06 39.62 6.78
N ASP B 332 13.25 40.06 7.74
CA ASP B 332 12.89 39.24 8.89
C ASP B 332 12.05 38.04 8.47
N LEU B 333 11.29 38.16 7.39
CA LEU B 333 10.54 37.02 6.86
C LEU B 333 11.49 35.96 6.29
N ILE B 334 12.40 36.38 5.41
CA ILE B 334 13.27 35.45 4.70
C ILE B 334 14.17 34.69 5.69
N LEU B 335 14.66 35.39 6.71
CA LEU B 335 15.49 34.73 7.73
C LEU B 335 14.70 33.67 8.50
N ARG B 336 13.42 33.89 8.74
CA ARG B 336 12.63 32.85 9.38
C ARG B 336 12.31 31.69 8.44
N MET B 337 12.19 31.96 7.14
CA MET B 337 12.11 30.87 6.15
C MET B 337 13.41 30.08 6.06
N LEU B 338 14.55 30.75 6.20
CA LEU B 338 15.86 30.11 6.15
C LEU B 338 16.41 29.83 7.54
N ASP B 339 15.53 29.50 8.48
CA ASP B 339 15.99 29.09 9.80
C ASP B 339 16.56 27.68 9.74
N TYR B 340 17.64 27.46 10.51
CA TYR B 340 18.31 26.17 10.49
C TYR B 340 17.45 25.09 11.12
N ASP B 341 16.93 25.36 12.31
CA ASP B 341 16.12 24.38 13.02
C ASP B 341 14.80 24.19 12.29
N PRO B 342 14.48 22.99 11.81
CA PRO B 342 13.21 22.79 11.11
C PRO B 342 12.01 22.84 12.03
N LYS B 343 12.21 22.63 13.34
CA LYS B 343 11.11 22.71 14.28
C LYS B 343 10.69 24.14 14.54
N THR B 344 11.63 25.09 14.49
CA THR B 344 11.33 26.49 14.72
C THR B 344 11.44 27.32 13.44
N ARG B 345 11.11 26.72 12.30
CA ARG B 345 10.93 27.50 11.08
C ARG B 345 9.56 28.18 11.12
N ILE B 346 9.41 29.25 10.33
CA ILE B 346 8.10 29.88 10.18
C ILE B 346 7.17 29.00 9.35
N GLN B 347 5.94 28.79 9.87
CA GLN B 347 4.91 28.05 9.17
C GLN B 347 4.11 28.96 8.23
N PRO B 348 3.48 28.39 7.20
CA PRO B 348 2.69 29.20 6.26
C PRO B 348 1.59 30.06 6.88
N TYR B 349 1.00 29.65 8.01
CA TYR B 349 -0.02 30.47 8.66
C TYR B 349 0.55 31.78 9.21
N TYR B 350 1.60 31.68 10.03
CA TYR B 350 2.20 32.87 10.62
C TYR B 350 2.91 33.75 9.59
N ALA B 351 3.40 33.14 8.51
CA ALA B 351 3.99 33.93 7.42
C ALA B 351 2.97 34.85 6.76
N LEU B 352 1.73 34.40 6.61
CA LEU B 352 0.69 35.26 6.03
C LEU B 352 0.31 36.40 6.96
N GLN B 353 0.35 36.16 8.27
CA GLN B 353 0.08 37.18 9.28
C GLN B 353 1.27 38.07 9.54
N HIS B 354 2.40 37.84 8.87
CA HIS B 354 3.58 38.67 9.05
C HIS B 354 3.33 40.10 8.58
N SER B 355 4.11 41.02 9.16
CA SER B 355 3.98 42.46 8.92
C SER B 355 4.40 42.84 7.51
N PHE B 356 5.10 41.95 6.82
CA PHE B 356 5.48 42.17 5.42
C PHE B 356 4.26 42.33 4.52
N PHE B 357 3.15 41.68 4.84
CA PHE B 357 1.92 41.81 4.04
C PHE B 357 0.98 42.83 4.69
N LYS B 358 1.48 44.06 4.79
CA LYS B 358 0.71 45.21 5.30
C LYS B 358 0.00 44.91 6.61
N VAL C 13 -22.79 -23.65 16.23
CA VAL C 13 -21.41 -24.04 16.06
C VAL C 13 -20.67 -22.98 15.22
N TYR C 14 -19.44 -22.70 15.60
CA TYR C 14 -18.57 -21.74 14.91
C TYR C 14 -17.15 -22.25 14.84
N ASN C 15 -16.61 -22.29 13.62
CA ASN C 15 -15.26 -22.75 13.33
C ASN C 15 -15.02 -24.16 13.86
N ASP C 16 -15.99 -25.03 13.56
CA ASP C 16 -16.03 -26.42 14.03
C ASP C 16 -15.95 -26.55 15.54
N GLY C 17 -16.47 -25.58 16.28
CA GLY C 17 -16.50 -25.67 17.72
C GLY C 17 -15.35 -25.01 18.44
N TYR C 18 -14.30 -24.59 17.73
CA TYR C 18 -13.15 -24.00 18.40
C TYR C 18 -13.38 -22.55 18.79
N ASP C 19 -14.27 -21.85 18.10
CA ASP C 19 -14.50 -20.44 18.38
C ASP C 19 -15.80 -20.25 19.12
N ASP C 20 -15.90 -19.16 19.86
CA ASP C 20 -17.14 -18.80 20.52
C ASP C 20 -17.96 -17.86 19.64
N ASP C 21 -19.07 -17.38 20.19
CA ASP C 21 -19.93 -16.44 19.47
C ASP C 21 -19.23 -15.13 19.17
N ASN C 22 -18.26 -14.73 20.00
CA ASN C 22 -17.48 -13.52 19.76
C ASN C 22 -16.28 -13.73 18.85
N TYR C 23 -16.19 -14.88 18.18
CA TYR C 23 -15.04 -15.25 17.34
C TYR C 23 -13.73 -15.25 18.10
N ASP C 24 -13.78 -15.56 19.39
CA ASP C 24 -12.56 -15.83 20.15
C ASP C 24 -12.25 -17.31 20.11
N TYR C 25 -10.98 -17.64 20.24
CA TYR C 25 -10.63 -19.03 20.44
C TYR C 25 -11.01 -19.40 21.87
N ILE C 26 -11.68 -20.53 22.02
CA ILE C 26 -12.10 -20.97 23.35
C ILE C 26 -10.93 -21.69 23.99
N VAL C 27 -10.33 -21.05 24.99
CA VAL C 27 -9.09 -21.52 25.58
C VAL C 27 -9.38 -22.68 26.52
N LYS C 28 -8.60 -23.76 26.40
CA LYS C 28 -8.68 -24.90 27.30
C LYS C 28 -7.30 -25.10 27.88
N ASN C 29 -7.25 -25.17 29.21
CA ASN C 29 -5.99 -25.38 29.91
C ASN C 29 -5.44 -26.77 29.62
N GLY C 30 -4.15 -26.83 29.30
CA GLY C 30 -3.53 -28.10 28.98
C GLY C 30 -3.61 -28.53 27.53
N GLU C 31 -4.19 -27.72 26.66
CA GLU C 31 -4.23 -28.06 25.24
C GLU C 31 -2.87 -27.82 24.59
N LYS C 32 -2.52 -28.70 23.66
CA LYS C 32 -1.22 -28.70 22.99
C LYS C 32 -1.40 -28.41 21.51
N TRP C 33 -0.87 -27.28 21.04
CA TRP C 33 -1.04 -26.88 19.65
C TRP C 33 0.18 -27.32 18.85
N MET C 34 -0.05 -28.11 17.81
CA MET C 34 1.01 -28.55 16.90
C MET C 34 2.10 -29.35 17.61
N ASP C 35 1.69 -30.17 18.58
CA ASP C 35 2.62 -30.91 19.45
C ASP C 35 3.75 -30.04 19.97
N ARG C 36 3.45 -28.79 20.28
CA ARG C 36 4.48 -27.81 20.60
C ARG C 36 4.10 -26.96 21.80
N TYR C 37 3.06 -26.15 21.67
CA TYR C 37 2.70 -25.17 22.69
C TYR C 37 1.60 -25.74 23.58
N GLU C 38 1.91 -25.98 24.84
CA GLU C 38 0.91 -26.41 25.82
C GLU C 38 0.32 -25.19 26.49
N ILE C 39 -0.99 -25.01 26.37
CA ILE C 39 -1.65 -23.83 26.88
C ILE C 39 -1.84 -24.00 28.39
N ASP C 40 -1.31 -23.04 29.16
CA ASP C 40 -1.40 -23.11 30.61
C ASP C 40 -2.61 -22.36 31.17
N SER C 41 -2.76 -21.09 30.83
CA SER C 41 -3.84 -20.30 31.40
C SER C 41 -4.00 -19.01 30.62
N LEU C 42 -5.14 -18.34 30.85
CA LEU C 42 -5.40 -17.04 30.26
C LEU C 42 -4.72 -15.97 31.09
N ILE C 43 -3.93 -15.11 30.43
CA ILE C 43 -3.20 -14.04 31.11
C ILE C 43 -3.62 -12.66 30.64
N GLY C 44 -4.56 -12.57 29.72
CA GLY C 44 -5.00 -11.28 29.21
C GLY C 44 -6.14 -11.47 28.25
N LYS C 45 -6.92 -10.41 28.09
CA LYS C 45 -7.99 -10.41 27.10
C LYS C 45 -8.25 -8.99 26.62
N GLY C 46 -8.63 -8.87 25.35
CA GLY C 46 -8.98 -7.59 24.79
C GLY C 46 -9.84 -7.74 23.55
N SER C 47 -10.10 -6.60 22.91
CA SER C 47 -10.86 -6.59 21.66
C SER C 47 -10.17 -7.36 20.54
N PHE C 48 -8.83 -7.35 20.52
CA PHE C 48 -8.08 -8.14 19.55
C PHE C 48 -8.38 -9.63 19.71
N GLY C 49 -8.57 -10.08 20.95
CA GLY C 49 -8.72 -11.48 21.25
C GLY C 49 -8.16 -11.78 22.62
N GLN C 50 -7.35 -12.83 22.74
CA GLN C 50 -6.87 -13.27 24.02
C GLN C 50 -5.35 -13.40 24.01
N VAL C 51 -4.78 -13.47 25.21
CA VAL C 51 -3.36 -13.75 25.41
C VAL C 51 -3.25 -14.88 26.42
N VAL C 52 -2.45 -15.89 26.10
CA VAL C 52 -2.30 -17.08 26.94
C VAL C 52 -0.84 -17.29 27.30
N LYS C 53 -0.65 -17.87 28.49
CA LYS C 53 0.66 -18.36 28.92
C LYS C 53 0.77 -19.79 28.45
N ALA C 54 1.81 -20.08 27.68
CA ALA C 54 2.01 -21.42 27.15
C ALA C 54 3.49 -21.78 27.16
N TYR C 55 3.76 -23.06 27.39
CA TYR C 55 5.13 -23.56 27.41
C TYR C 55 5.47 -24.12 26.03
N ASP C 56 6.63 -23.74 25.52
CA ASP C 56 7.15 -24.21 24.24
C ASP C 56 8.01 -25.43 24.49
N ARG C 57 7.53 -26.60 24.04
CA ARG C 57 8.22 -27.86 24.29
C ARG C 57 9.37 -28.10 23.33
N VAL C 58 9.51 -27.27 22.30
CA VAL C 58 10.69 -27.32 21.45
C VAL C 58 11.84 -26.52 22.06
N GLU C 59 11.60 -25.24 22.33
CA GLU C 59 12.61 -24.37 22.92
C GLU C 59 12.78 -24.57 24.42
N GLN C 60 11.81 -25.20 25.10
CA GLN C 60 11.85 -25.42 26.55
C GLN C 60 11.83 -24.10 27.30
N GLU C 61 10.84 -23.27 26.97
CA GLU C 61 10.71 -21.94 27.55
C GLU C 61 9.25 -21.54 27.54
N TRP C 62 8.86 -20.70 28.51
CA TRP C 62 7.55 -20.08 28.48
C TRP C 62 7.48 -19.02 27.40
N VAL C 63 6.30 -18.90 26.78
CA VAL C 63 6.04 -17.87 25.79
C VAL C 63 4.63 -17.33 25.98
N ALA C 64 4.46 -16.05 25.63
CA ALA C 64 3.15 -15.41 25.58
C ALA C 64 2.63 -15.48 24.17
N ILE C 65 1.40 -15.97 24.00
CA ILE C 65 0.81 -16.16 22.69
C ILE C 65 -0.47 -15.34 22.59
N LYS C 66 -0.48 -14.43 21.61
CA LYS C 66 -1.60 -13.52 21.38
C LYS C 66 -2.50 -14.16 20.33
N ILE C 67 -3.70 -14.57 20.73
CA ILE C 67 -4.60 -15.29 19.84
C ILE C 67 -5.60 -14.26 19.32
N ILE C 68 -5.46 -13.94 18.04
CA ILE C 68 -6.30 -12.93 17.41
C ILE C 68 -7.65 -13.53 17.10
N LYS C 69 -8.72 -12.74 17.23
CA LYS C 69 -10.04 -13.24 16.90
C LYS C 69 -10.10 -13.62 15.42
N ASN C 70 -10.85 -14.67 15.13
CA ASN C 70 -11.04 -15.17 13.76
C ASN C 70 -12.00 -14.26 13.00
N LYS C 71 -11.51 -13.07 12.67
CA LYS C 71 -12.33 -12.00 12.11
C LYS C 71 -11.43 -11.07 11.29
N LYS C 72 -11.87 -10.79 10.06
CA LYS C 72 -11.06 -10.01 9.13
C LYS C 72 -10.66 -8.66 9.72
N ALA C 73 -11.54 -8.04 10.50
CA ALA C 73 -11.23 -6.73 11.06
C ALA C 73 -10.03 -6.78 11.98
N PHE C 74 -9.94 -7.81 12.82
CA PHE C 74 -8.85 -7.93 13.77
C PHE C 74 -7.61 -8.54 13.15
N LEU C 75 -7.78 -9.45 12.19
CA LEU C 75 -6.63 -10.03 11.51
C LEU C 75 -5.84 -8.97 10.75
N ASN C 76 -6.51 -8.07 10.05
CA ASN C 76 -5.81 -6.98 9.38
C ASN C 76 -5.08 -6.08 10.36
N GLN C 77 -5.69 -5.82 11.53
CA GLN C 77 -5.00 -5.03 12.54
C GLN C 77 -3.75 -5.76 13.05
N ALA C 78 -3.92 -7.02 13.47
CA ALA C 78 -2.77 -7.80 13.94
C ALA C 78 -1.71 -7.97 12.87
N GLN C 79 -2.09 -7.98 11.59
CA GLN C 79 -1.09 -8.00 10.52
C GLN C 79 -0.28 -6.72 10.48
N ILE C 80 -0.89 -5.59 10.79
CA ILE C 80 -0.13 -4.35 10.93
C ILE C 80 0.83 -4.43 12.11
N GLU C 81 0.36 -4.95 13.24
CA GLU C 81 1.23 -5.15 14.41
C GLU C 81 2.42 -6.05 14.08
N VAL C 82 2.19 -7.08 13.27
CA VAL C 82 3.27 -7.97 12.85
C VAL C 82 4.28 -7.23 11.98
N ARG C 83 3.79 -6.51 10.97
CA ARG C 83 4.68 -5.78 10.07
C ARG C 83 5.54 -4.76 10.81
N LEU C 84 4.96 -4.05 11.77
CA LEU C 84 5.74 -3.10 12.56
C LEU C 84 6.72 -3.78 13.50
N LEU C 85 6.29 -4.87 14.16
CA LEU C 85 7.20 -5.62 15.02
C LEU C 85 8.37 -6.23 14.25
N GLU C 86 8.11 -6.79 13.07
CA GLU C 86 9.19 -7.36 12.27
C GLU C 86 10.08 -6.31 11.65
N LEU C 87 9.55 -5.12 11.40
CA LEU C 87 10.37 -4.00 10.94
C LEU C 87 11.35 -3.54 12.01
N MET C 88 10.88 -3.42 13.26
CA MET C 88 11.79 -3.03 14.35
C MET C 88 12.88 -4.06 14.60
N ASN C 89 12.57 -5.34 14.49
CA ASN C 89 13.60 -6.36 14.64
C ASN C 89 14.70 -6.27 13.58
N LYS C 90 14.35 -5.73 12.39
CA LYS C 90 15.34 -5.54 11.32
C LYS C 90 16.45 -4.57 11.69
N HIS C 91 16.14 -3.56 12.50
CA HIS C 91 17.09 -2.50 12.88
C HIS C 91 17.96 -3.01 14.01
N ASP C 92 19.14 -3.53 13.66
CA ASP C 92 20.10 -4.06 14.62
C ASP C 92 20.82 -2.98 15.43
N THR C 93 20.25 -2.66 16.59
CA THR C 93 20.80 -1.69 17.52
C THR C 93 20.36 -2.10 18.92
N GLU C 94 21.11 -1.66 19.93
CA GLU C 94 20.81 -2.04 21.30
C GLU C 94 19.53 -1.37 21.82
N MET C 95 19.10 -0.28 21.19
CA MET C 95 17.86 0.40 21.55
C MET C 95 16.62 -0.40 21.19
N LYS C 96 16.72 -1.33 20.25
CA LYS C 96 15.60 -2.19 19.86
C LYS C 96 15.16 -3.12 20.98
N TYR C 97 16.05 -3.45 21.91
CA TYR C 97 15.79 -4.43 22.97
C TYR C 97 14.76 -3.96 23.99
N TYR C 98 14.40 -2.67 24.01
CA TYR C 98 13.30 -2.16 24.85
C TYR C 98 11.93 -2.30 24.19
N ILE C 99 11.81 -3.13 23.16
CA ILE C 99 10.53 -3.50 22.55
C ILE C 99 10.38 -5.03 22.63
N VAL C 100 9.22 -5.46 23.12
CA VAL C 100 8.97 -6.88 23.39
C VAL C 100 9.07 -7.68 22.11
N HIS C 101 10.03 -8.61 22.08
CA HIS C 101 10.36 -9.35 20.88
C HIS C 101 9.22 -10.26 20.44
N LEU C 102 8.97 -10.26 19.12
CA LEU C 102 8.08 -11.22 18.50
C LEU C 102 8.95 -12.37 17.99
N LYS C 103 8.79 -13.55 18.59
CA LYS C 103 9.58 -14.69 18.18
C LYS C 103 9.14 -15.21 16.81
N ARG C 104 7.85 -15.53 16.68
CA ARG C 104 7.31 -16.01 15.42
C ARG C 104 5.80 -15.80 15.42
N HIS C 105 5.17 -16.13 14.29
CA HIS C 105 3.72 -16.08 14.19
C HIS C 105 3.27 -17.19 13.26
N PHE C 106 2.00 -17.59 13.41
CA PHE C 106 1.45 -18.65 12.58
C PHE C 106 -0.06 -18.60 12.62
N MET C 107 -0.66 -19.29 11.66
CA MET C 107 -2.11 -19.48 11.62
C MET C 107 -2.44 -20.78 12.33
N PHE C 108 -3.34 -20.72 13.30
CA PHE C 108 -3.76 -21.89 14.07
C PHE C 108 -5.27 -21.91 14.15
N ARG C 109 -5.88 -22.86 13.45
CA ARG C 109 -7.33 -23.04 13.38
C ARG C 109 -8.02 -21.72 13.06
N ASN C 110 -7.54 -21.06 11.99
CA ASN C 110 -8.11 -19.82 11.45
C ASN C 110 -7.92 -18.65 12.42
N HIS C 111 -6.90 -18.73 13.27
CA HIS C 111 -6.50 -17.65 14.15
C HIS C 111 -5.05 -17.30 13.88
N LEU C 112 -4.77 -16.01 13.68
CA LEU C 112 -3.38 -15.58 13.69
C LEU C 112 -2.90 -15.61 15.14
N CYS C 113 -1.70 -16.16 15.33
CA CYS C 113 -1.14 -16.33 16.67
C CYS C 113 0.22 -15.68 16.69
N LEU C 114 0.41 -14.73 17.61
CA LEU C 114 1.69 -14.06 17.77
C LEU C 114 2.37 -14.60 19.02
N VAL C 115 3.53 -15.22 18.83
CA VAL C 115 4.30 -15.78 19.92
C VAL C 115 5.29 -14.74 20.40
N PHE C 116 5.23 -14.39 21.67
CA PHE C 116 6.15 -13.41 22.22
C PHE C 116 6.99 -14.04 23.32
N GLU C 117 8.09 -13.38 23.62
CA GLU C 117 8.91 -13.70 24.77
C GLU C 117 8.11 -13.46 26.05
N MET C 118 8.37 -14.25 27.08
CA MET C 118 7.58 -14.16 28.29
C MET C 118 8.25 -13.15 29.20
N LEU C 119 7.44 -12.27 29.78
CA LEU C 119 7.90 -11.26 30.72
C LEU C 119 7.03 -11.30 31.97
N SER C 120 7.33 -10.39 32.90
CA SER C 120 6.72 -10.41 34.22
C SER C 120 5.35 -9.75 34.12
N TYR C 121 4.99 -8.92 35.10
CA TYR C 121 3.70 -8.26 35.06
C TYR C 121 3.85 -6.82 34.59
N ASN C 122 2.70 -6.19 34.31
CA ASN C 122 2.69 -4.82 33.81
C ASN C 122 2.83 -3.82 34.95
N LEU C 123 3.10 -2.57 34.57
CA LEU C 123 3.29 -1.50 35.55
C LEU C 123 1.98 -1.09 36.22
N TYR C 124 0.82 -1.43 35.65
CA TYR C 124 -0.42 -1.23 36.39
C TYR C 124 -0.56 -2.19 37.55
N ASP C 125 -0.18 -3.46 37.35
CA ASP C 125 -0.16 -4.40 38.47
C ASP C 125 0.84 -3.97 39.53
N LEU C 126 2.00 -3.48 39.11
CA LEU C 126 2.99 -2.96 40.04
C LEU C 126 2.46 -1.78 40.86
N LEU C 127 1.75 -0.85 40.22
CA LEU C 127 1.14 0.24 40.98
C LEU C 127 0.10 -0.27 41.97
N ARG C 128 -0.67 -1.28 41.57
CA ARG C 128 -1.61 -1.91 42.49
C ARG C 128 -0.88 -2.72 43.56
N ASN C 129 0.28 -3.29 43.21
CA ASN C 129 1.09 -4.00 44.20
C ASN C 129 1.77 -3.03 45.17
N THR C 130 1.91 -1.76 44.80
CA THR C 130 2.37 -0.75 45.74
C THR C 130 1.22 -0.09 46.48
N ASN C 131 0.03 -0.70 46.42
CA ASN C 131 -1.18 -0.15 47.02
C ASN C 131 -1.46 1.28 46.57
N PHE C 132 -1.16 1.56 45.29
CA PHE C 132 -1.31 2.89 44.69
C PHE C 132 -0.63 3.98 45.52
N ARG C 133 0.57 3.69 46.02
CA ARG C 133 1.35 4.65 46.79
C ARG C 133 2.61 5.08 46.05
N GLY C 134 2.86 4.51 44.87
CA GLY C 134 4.01 4.83 44.05
C GLY C 134 5.26 4.05 44.39
N VAL C 135 6.15 3.98 43.41
CA VAL C 135 7.48 3.43 43.59
C VAL C 135 8.45 4.57 43.90
N SER C 136 9.69 4.20 44.22
CA SER C 136 10.69 5.20 44.59
C SER C 136 11.11 6.02 43.37
N LEU C 137 11.68 7.19 43.66
CA LEU C 137 12.13 8.10 42.63
C LEU C 137 13.30 7.52 41.83
N ASN C 138 14.18 6.79 42.52
CA ASN C 138 15.28 6.12 41.83
C ASN C 138 14.78 5.09 40.82
N LEU C 139 13.69 4.40 41.15
CA LEU C 139 13.12 3.47 40.17
C LEU C 139 12.36 4.20 39.07
N THR C 140 11.75 5.35 39.37
CA THR C 140 11.16 6.19 38.34
C THR C 140 12.22 6.70 37.37
N ARG C 141 13.43 6.98 37.88
CA ARG C 141 14.54 7.36 37.02
C ARG C 141 14.85 6.26 36.01
N LYS C 142 14.90 5.01 36.48
CA LYS C 142 15.26 3.88 35.62
C LYS C 142 14.26 3.68 34.49
N PHE C 143 12.97 3.75 34.81
CA PHE C 143 11.94 3.60 33.79
C PHE C 143 11.98 4.74 32.78
N ALA C 144 12.07 5.98 33.27
CA ALA C 144 12.08 7.13 32.38
C ALA C 144 13.22 7.07 31.37
N GLN C 145 14.42 6.65 31.80
CA GLN C 145 15.54 6.52 30.87
C GLN C 145 15.30 5.44 29.84
N GLN C 146 14.69 4.33 30.23
CA GLN C 146 14.43 3.25 29.28
C GLN C 146 13.33 3.61 28.31
N MET C 147 12.31 4.35 28.77
CA MET C 147 11.24 4.77 27.87
C MET C 147 11.71 5.84 26.89
N CYS C 148 12.53 6.78 27.34
CA CYS C 148 13.11 7.77 26.43
C CYS C 148 13.99 7.10 25.37
N THR C 149 14.79 6.10 25.76
CA THR C 149 15.58 5.36 24.80
C THR C 149 14.69 4.61 23.81
N ALA C 150 13.57 4.09 24.28
CA ALA C 150 12.61 3.44 23.40
C ALA C 150 11.99 4.44 22.42
N LEU C 151 11.57 5.60 22.93
CA LEU C 151 11.06 6.65 22.06
C LEU C 151 12.12 7.14 21.06
N LEU C 152 13.39 7.15 21.45
CA LEU C 152 14.44 7.50 20.50
C LEU C 152 14.57 6.47 19.39
N PHE C 153 14.40 5.18 19.72
CA PHE C 153 14.37 4.16 18.68
C PHE C 153 13.18 4.36 17.74
N LEU C 154 11.99 4.54 18.30
CA LEU C 154 10.79 4.78 17.48
C LEU C 154 10.90 6.07 16.67
N ALA C 155 11.62 7.07 17.17
CA ALA C 155 11.82 8.32 16.45
C ALA C 155 12.89 8.23 15.36
N THR C 156 13.41 7.04 15.08
CA THR C 156 14.29 6.87 13.93
C THR C 156 13.52 7.25 12.65
N PRO C 157 14.10 8.09 11.79
CA PRO C 157 13.37 8.54 10.58
C PRO C 157 12.80 7.39 9.76
N GLU C 158 13.55 6.30 9.62
CA GLU C 158 13.07 5.16 8.84
C GLU C 158 11.87 4.48 9.48
N LEU C 159 11.77 4.50 10.82
CA LEU C 159 10.59 3.97 11.51
C LEU C 159 9.51 5.04 11.62
N SER C 160 9.75 6.07 12.43
CA SER C 160 8.76 7.10 12.72
C SER C 160 7.45 6.48 13.20
N ILE C 161 7.55 5.56 14.16
CA ILE C 161 6.39 4.81 14.63
C ILE C 161 5.79 5.54 15.83
N ILE C 162 4.47 5.61 15.88
CA ILE C 162 3.73 6.08 17.03
C ILE C 162 3.03 4.90 17.68
N HIS C 163 3.29 4.69 18.98
CA HIS C 163 2.61 3.66 19.73
C HIS C 163 1.11 3.95 19.85
N CYS C 164 0.76 5.19 20.17
CA CYS C 164 -0.60 5.73 20.16
C CYS C 164 -1.47 5.15 21.28
N ASP C 165 -0.86 4.61 22.34
CA ASP C 165 -1.60 4.03 23.45
C ASP C 165 -0.70 3.67 24.62
N LEU C 166 0.21 4.55 25.01
CA LEU C 166 1.12 4.24 26.10
C LEU C 166 0.39 4.38 27.43
N LYS C 167 0.37 3.30 28.20
CA LYS C 167 -0.23 3.29 29.53
C LYS C 167 0.58 2.32 30.39
N PRO C 168 0.29 2.24 31.70
CA PRO C 168 1.06 1.28 32.52
C PRO C 168 0.81 -0.19 32.21
N GLU C 169 -0.38 -0.55 31.76
CA GLU C 169 -0.65 -1.94 31.40
C GLU C 169 0.16 -2.36 30.20
N ASN C 170 0.46 -1.43 29.31
CA ASN C 170 1.24 -1.72 28.10
C ASN C 170 2.73 -1.50 28.29
N ILE C 171 3.22 -1.52 29.53
CA ILE C 171 4.64 -1.57 29.83
C ILE C 171 4.85 -2.80 30.70
N LEU C 172 5.79 -3.66 30.32
CA LEU C 172 6.04 -4.93 30.99
C LEU C 172 7.43 -5.00 31.59
N LEU C 173 7.52 -5.62 32.76
CA LEU C 173 8.79 -5.98 33.37
C LEU C 173 9.32 -7.28 32.80
N CYS C 174 10.64 -7.32 32.55
CA CYS C 174 11.31 -8.53 32.12
C CYS C 174 11.35 -9.56 33.25
N ASN C 175 11.94 -9.19 34.38
CA ASN C 175 12.15 -10.09 35.50
C ASN C 175 11.59 -9.35 36.70
N PRO C 176 10.82 -10.01 37.57
CA PRO C 176 10.15 -9.28 38.66
C PRO C 176 11.07 -8.76 39.74
N LYS C 177 12.30 -9.24 39.85
CA LYS C 177 13.25 -8.71 40.82
C LYS C 177 14.21 -7.71 40.20
N ARG C 178 14.00 -7.33 38.94
CA ARG C 178 14.84 -6.39 38.23
C ARG C 178 14.02 -5.21 37.71
N SER C 179 14.74 -4.19 37.24
CA SER C 179 14.15 -2.97 36.71
C SER C 179 13.96 -2.96 35.20
N ALA C 180 14.41 -3.98 34.47
CA ALA C 180 14.38 -3.93 33.02
C ALA C 180 12.94 -3.98 32.53
N ILE C 181 12.61 -3.15 31.55
CA ILE C 181 11.26 -3.10 30.98
C ILE C 181 11.28 -3.00 29.46
N LYS C 182 10.14 -3.33 28.87
CA LYS C 182 9.88 -3.32 27.44
C LYS C 182 8.45 -2.85 27.21
N ILE C 183 8.21 -2.25 26.04
CA ILE C 183 6.89 -1.76 25.66
C ILE C 183 6.17 -2.84 24.86
N VAL C 184 4.87 -2.98 25.11
CA VAL C 184 4.05 -4.00 24.50
C VAL C 184 2.86 -3.37 23.78
N ASP C 185 2.17 -4.20 22.97
CA ASP C 185 0.89 -3.88 22.36
C ASP C 185 0.97 -2.77 21.33
N PHE C 186 1.30 -3.13 20.09
CA PHE C 186 1.30 -2.19 18.97
C PHE C 186 0.07 -2.36 18.09
N GLY C 187 -1.03 -2.83 18.65
CA GLY C 187 -2.23 -3.05 17.87
C GLY C 187 -2.92 -1.75 17.44
N SER C 188 -2.89 -0.75 18.31
CA SER C 188 -3.41 0.57 17.97
C SER C 188 -2.35 1.51 17.40
N SER C 189 -1.15 0.99 17.13
CA SER C 189 -0.05 1.84 16.70
C SER C 189 -0.10 2.09 15.20
N CYS C 190 0.51 3.21 14.79
CA CYS C 190 0.56 3.61 13.39
C CYS C 190 1.84 4.39 13.18
N GLN C 191 2.32 4.41 11.94
CA GLN C 191 3.46 5.27 11.60
C GLN C 191 3.02 6.67 11.22
N LEU C 192 3.98 7.59 11.29
CA LEU C 192 3.73 8.99 10.98
C LEU C 192 3.30 9.17 9.53
N GLY C 193 2.53 10.21 9.29
CA GLY C 193 2.15 10.58 7.94
C GLY C 193 0.93 11.49 7.94
N GLN C 194 0.10 11.31 6.92
CA GLN C 194 -1.14 12.08 6.85
C GLN C 194 -2.05 11.73 8.02
N ARG C 195 -2.82 12.72 8.46
CA ARG C 195 -3.74 12.51 9.56
C ARG C 195 -4.94 11.69 9.08
N ILE C 196 -5.14 10.52 9.70
CA ILE C 196 -6.24 9.63 9.37
C ILE C 196 -7.20 9.49 10.53
N TYR C 197 -6.70 9.12 11.71
CA TYR C 197 -7.52 8.93 12.90
C TYR C 197 -7.42 10.16 13.79
N GLN C 198 -8.53 10.50 14.44
CA GLN C 198 -8.54 11.59 15.40
C GLN C 198 -8.70 11.14 16.85
N PTR C 199 -9.54 10.12 17.07
CA PTR C 199 -9.80 9.58 18.40
C PTR C 199 -8.77 8.51 18.77
O PTR C 199 -8.99 7.32 18.55
CB PTR C 199 -11.21 9.00 18.46
CG PTR C 199 -11.81 8.82 19.84
CD1 PTR C 199 -12.14 7.56 20.32
CD2 PTR C 199 -12.06 9.92 20.66
CE1 PTR C 199 -12.69 7.40 21.58
CE2 PTR C 199 -12.62 9.76 21.92
CZ PTR C 199 -12.93 8.50 22.38
OH PTR C 199 -13.47 8.36 23.56
P PTR C 199 -12.68 7.86 24.87
O1P PTR C 199 -11.97 9.03 25.47
O2P PTR C 199 -13.68 7.30 25.89
O3P PTR C 199 -11.64 6.78 24.50
N ILE C 200 -7.65 8.94 19.33
CA ILE C 200 -6.56 8.02 19.65
C ILE C 200 -6.12 8.13 21.12
N GLN C 201 -5.33 7.15 21.55
CA GLN C 201 -4.74 7.03 22.88
C GLN C 201 -5.80 6.73 23.93
N SER C 202 -5.36 6.37 25.13
CA SER C 202 -6.24 6.23 26.28
C SER C 202 -6.53 7.58 26.92
N ARG C 203 -7.74 7.71 27.48
CA ARG C 203 -8.26 9.01 27.86
C ARG C 203 -7.37 9.71 28.90
N PHE C 204 -6.92 8.98 29.94
CA PHE C 204 -6.10 9.65 30.95
C PHE C 204 -4.76 10.09 30.37
N TYR C 205 -4.30 9.43 29.32
CA TYR C 205 -2.97 9.67 28.75
C TYR C 205 -3.07 10.34 27.39
N ARG C 206 -4.25 10.85 27.03
CA ARG C 206 -4.44 11.54 25.77
C ARG C 206 -3.71 12.88 25.76
N SER C 207 -3.07 13.19 24.62
CA SER C 207 -2.36 14.44 24.46
C SER C 207 -3.32 15.59 24.18
N PRO C 208 -2.89 16.84 24.36
CA PRO C 208 -3.76 17.97 23.98
C PRO C 208 -4.10 18.06 22.50
N GLU C 209 -3.10 17.97 21.62
CA GLU C 209 -3.36 18.05 20.17
C GLU C 209 -4.39 17.04 19.70
N VAL C 210 -4.37 15.82 20.24
CA VAL C 210 -5.37 14.85 19.81
C VAL C 210 -6.71 15.15 20.46
N LEU C 211 -6.71 15.68 21.68
CA LEU C 211 -7.95 16.18 22.28
C LEU C 211 -8.54 17.30 21.45
N LEU C 212 -7.70 18.27 21.04
CA LEU C 212 -8.19 19.38 20.23
C LEU C 212 -8.51 18.95 18.80
N GLY C 213 -7.80 17.95 18.28
CA GLY C 213 -8.02 17.48 16.92
C GLY C 213 -7.14 18.21 15.93
N MET C 214 -5.83 18.23 16.18
CA MET C 214 -4.88 18.99 15.39
C MET C 214 -3.83 18.04 14.82
N PRO C 215 -2.93 18.48 13.94
CA PRO C 215 -1.90 17.57 13.45
C PRO C 215 -1.05 17.07 14.61
N TYR C 216 -0.87 15.75 14.65
CA TYR C 216 -0.17 15.09 15.73
C TYR C 216 0.95 14.24 15.15
N ASP C 217 2.02 14.08 15.92
CA ASP C 217 3.15 13.29 15.46
C ASP C 217 3.69 12.43 16.59
N LEU C 218 4.99 12.15 16.59
CA LEU C 218 5.56 11.29 17.63
C LEU C 218 5.70 11.98 18.98
N ALA C 219 5.51 13.30 19.06
CA ALA C 219 5.55 13.96 20.35
C ALA C 219 4.39 13.57 21.26
N ILE C 220 3.32 12.98 20.70
CA ILE C 220 2.20 12.54 21.52
C ILE C 220 2.63 11.49 22.55
N ASP C 221 3.45 10.52 22.14
CA ASP C 221 3.91 9.50 23.09
C ASP C 221 4.75 10.09 24.21
N MET C 222 5.44 11.20 23.96
CA MET C 222 6.16 11.86 25.05
C MET C 222 5.20 12.45 26.08
N TRP C 223 4.04 12.91 25.64
CA TRP C 223 3.02 13.40 26.56
C TRP C 223 2.49 12.27 27.45
N SER C 224 2.16 11.13 26.84
CA SER C 224 1.74 9.96 27.60
C SER C 224 2.79 9.54 28.63
N LEU C 225 4.06 9.57 28.24
CA LEU C 225 5.14 9.20 29.15
C LEU C 225 5.16 10.08 30.39
N GLY C 226 5.12 11.39 30.21
CA GLY C 226 5.05 12.32 31.34
C GLY C 226 3.90 12.04 32.29
N CYS C 227 2.71 11.81 31.73
CA CYS C 227 1.56 11.44 32.57
C CYS C 227 1.75 10.09 33.25
N ILE C 228 2.52 9.19 32.64
CA ILE C 228 2.89 7.94 33.30
C ILE C 228 3.89 8.18 34.41
N LEU C 229 4.99 8.88 34.11
CA LEU C 229 6.07 9.04 35.09
C LEU C 229 5.59 9.61 36.41
N VAL C 230 4.68 10.58 36.38
CA VAL C 230 4.15 11.12 37.63
C VAL C 230 3.33 10.07 38.35
N GLU C 231 2.47 9.36 37.59
CA GLU C 231 1.63 8.32 38.15
C GLU C 231 2.45 7.20 38.79
N MET C 232 3.61 6.89 38.23
CA MET C 232 4.45 5.82 38.79
C MET C 232 5.00 6.18 40.15
N HIS C 233 5.23 7.46 40.42
CA HIS C 233 5.78 7.87 41.71
C HIS C 233 4.71 8.14 42.75
N THR C 234 3.52 8.57 42.32
CA THR C 234 2.42 8.81 43.24
C THR C 234 1.50 7.62 43.39
N GLY C 235 1.33 6.79 42.35
CA GLY C 235 0.46 5.64 42.45
C GLY C 235 -0.95 5.86 41.95
N GLU C 236 -1.32 7.08 41.60
CA GLU C 236 -2.63 7.39 41.05
C GLU C 236 -2.45 8.10 39.71
N PRO C 237 -3.41 7.97 38.80
CA PRO C 237 -3.27 8.65 37.51
C PRO C 237 -3.23 10.16 37.68
N LEU C 238 -2.39 10.79 36.85
CA LEU C 238 -2.19 12.23 36.94
C LEU C 238 -3.41 12.98 36.46
N PHE C 239 -4.00 12.54 35.35
CA PHE C 239 -5.18 13.18 34.75
C PHE C 239 -6.26 12.12 34.57
N SER C 240 -7.05 11.89 35.62
CA SER C 240 -8.09 10.88 35.61
C SER C 240 -9.39 11.58 35.24
N GLY C 241 -9.67 11.66 33.95
CA GLY C 241 -10.88 12.31 33.46
C GLY C 241 -12.00 11.34 33.17
N ALA C 242 -13.21 11.73 33.58
CA ALA C 242 -14.41 10.95 33.30
C ALA C 242 -14.82 11.08 31.83
N ASN C 243 -14.52 12.21 31.20
CA ASN C 243 -14.87 12.46 29.81
C ASN C 243 -13.79 13.31 29.18
N GLU C 244 -13.99 13.64 27.91
CA GLU C 244 -13.03 14.50 27.22
C GLU C 244 -12.98 15.86 27.89
N VAL C 245 -14.13 16.33 28.38
CA VAL C 245 -14.25 17.62 29.02
C VAL C 245 -13.57 17.60 30.40
N ASP C 246 -13.86 16.58 31.19
CA ASP C 246 -13.23 16.44 32.51
C ASP C 246 -11.73 16.23 32.36
N GLN C 247 -11.32 15.49 31.33
CA GLN C 247 -9.90 15.29 31.07
C GLN C 247 -9.20 16.63 30.88
N MET C 248 -9.62 17.37 29.85
CA MET C 248 -9.04 18.68 29.53
C MET C 248 -9.14 19.67 30.69
N ASN C 249 -10.26 19.66 31.44
CA ASN C 249 -10.36 20.48 32.64
C ASN C 249 -9.26 20.16 33.64
N LYS C 250 -8.86 18.90 33.73
CA LYS C 250 -7.81 18.47 34.65
C LYS C 250 -6.44 18.93 34.17
N ILE C 251 -6.26 19.03 32.85
CA ILE C 251 -4.99 19.46 32.27
C ILE C 251 -4.71 20.94 32.59
N VAL C 252 -5.65 21.83 32.29
CA VAL C 252 -5.49 23.26 32.55
C VAL C 252 -5.19 23.56 34.01
N GLU C 253 -5.73 22.77 34.93
CA GLU C 253 -5.45 22.98 36.36
C GLU C 253 -3.96 22.89 36.67
N VAL C 254 -3.24 21.95 36.07
CA VAL C 254 -1.82 21.81 36.37
C VAL C 254 -0.97 22.78 35.54
N LEU C 255 -1.25 22.90 34.26
CA LEU C 255 -0.38 23.63 33.33
C LEU C 255 -0.87 25.02 32.97
N GLY C 256 -2.06 25.43 33.39
CA GLY C 256 -2.56 26.71 32.95
C GLY C 256 -3.11 26.61 31.54
N ILE C 257 -3.64 27.73 31.04
CA ILE C 257 -4.28 27.72 29.73
C ILE C 257 -3.15 27.52 28.72
N PRO C 258 -3.41 26.99 27.53
CA PRO C 258 -2.35 26.85 26.52
C PRO C 258 -2.00 28.19 25.90
N PRO C 259 -0.86 28.28 25.20
CA PRO C 259 -0.51 29.54 24.53
C PRO C 259 -1.58 29.93 23.52
N ALA C 260 -1.81 31.24 23.42
CA ALA C 260 -2.88 31.74 22.56
C ALA C 260 -2.66 31.38 21.10
N HIS C 261 -1.40 31.27 20.67
CA HIS C 261 -1.12 30.96 19.27
C HIS C 261 -1.53 29.55 18.89
N ILE C 262 -1.78 28.68 19.86
CA ILE C 262 -2.23 27.33 19.59
C ILE C 262 -3.76 27.27 19.46
N LEU C 263 -4.47 28.05 20.27
CA LEU C 263 -5.92 28.05 20.24
C LEU C 263 -6.49 28.77 19.03
N ASP C 264 -5.70 29.62 18.37
CA ASP C 264 -6.17 30.29 17.15
C ASP C 264 -6.32 29.32 15.99
N GLN C 265 -5.69 28.15 16.05
CA GLN C 265 -5.74 27.14 15.00
C GLN C 265 -6.27 25.80 15.52
N ALA C 266 -7.04 25.83 16.60
CA ALA C 266 -7.57 24.61 17.20
C ALA C 266 -8.97 24.36 16.70
N PRO C 267 -9.24 23.25 16.00
CA PRO C 267 -10.59 23.01 15.49
C PRO C 267 -11.63 22.85 16.60
N LYS C 268 -11.33 22.09 17.63
CA LYS C 268 -12.27 21.89 18.74
C LYS C 268 -11.86 22.71 19.96
N ALA C 269 -11.76 24.03 19.74
CA ALA C 269 -11.41 24.95 20.81
C ALA C 269 -12.63 25.41 21.60
N ARG C 270 -13.75 25.69 20.91
CA ARG C 270 -14.98 26.06 21.61
C ARG C 270 -15.47 24.91 22.49
N LYS C 271 -15.12 23.68 22.13
CA LYS C 271 -15.26 22.49 22.95
C LYS C 271 -15.02 22.75 24.44
N PHE C 272 -13.85 23.30 24.76
CA PHE C 272 -13.49 23.62 26.14
C PHE C 272 -13.40 25.12 26.38
N PHE C 273 -12.57 25.85 25.64
CA PHE C 273 -12.47 27.29 25.81
C PHE C 273 -13.37 28.04 24.84
N TRP C 281 -7.58 34.08 25.52
CA TRP C 281 -8.55 33.03 25.82
C TRP C 281 -8.82 32.86 27.31
N ASN C 282 -9.96 32.25 27.62
CA ASN C 282 -10.39 32.00 28.98
C ASN C 282 -11.26 30.74 28.97
N LEU C 283 -11.15 29.94 30.03
CA LEU C 283 -11.84 28.67 30.10
C LEU C 283 -13.32 28.84 30.39
N LYS C 284 -14.14 28.02 29.73
CA LYS C 284 -15.59 28.03 29.92
C LYS C 284 -15.95 27.10 31.08
N LYS C 285 -17.21 26.66 31.13
CA LYS C 285 -17.63 25.72 32.16
C LYS C 285 -17.56 24.29 31.65
N ARG C 291 -18.13 18.61 41.43
CA ARG C 291 -18.23 19.51 42.57
C ARG C 291 -17.72 20.90 42.21
N GLU C 292 -16.44 20.99 41.88
CA GLU C 292 -15.80 22.24 41.46
C GLU C 292 -14.39 21.90 40.99
N TYR C 293 -13.77 22.87 40.32
CA TYR C 293 -12.38 22.73 39.89
C TYR C 293 -11.56 23.93 40.33
N LYS C 294 -10.25 23.72 40.38
CA LYS C 294 -9.29 24.74 40.73
C LYS C 294 -9.12 25.71 39.56
N PRO C 295 -8.63 26.92 39.81
CA PRO C 295 -8.42 27.86 38.69
C PRO C 295 -7.18 27.46 37.91
N PRO C 296 -7.11 27.84 36.62
CA PRO C 296 -6.06 27.32 35.75
C PRO C 296 -4.66 27.60 36.27
N GLY C 297 -3.85 26.54 36.35
CA GLY C 297 -2.48 26.64 36.79
C GLY C 297 -2.27 26.51 38.29
N THR C 298 -3.34 26.48 39.07
CA THR C 298 -3.20 26.48 40.53
C THR C 298 -2.68 25.14 41.04
N ARG C 299 -3.17 24.03 40.48
CA ARG C 299 -2.70 22.71 40.88
C ARG C 299 -1.25 22.52 40.47
N LYS C 300 -0.33 22.97 41.32
CA LYS C 300 1.07 23.07 40.96
C LYS C 300 1.79 21.73 41.03
N LEU C 301 2.66 21.49 40.05
CA LEU C 301 3.44 20.25 40.00
C LEU C 301 4.38 20.15 41.20
N HIS C 302 4.87 21.30 41.67
CA HIS C 302 5.67 21.34 42.89
C HIS C 302 4.95 20.69 44.06
N ASN C 303 3.63 20.85 44.14
CA ASN C 303 2.87 20.25 45.21
C ASN C 303 2.44 18.80 44.94
N ILE C 304 2.15 18.44 43.69
CA ILE C 304 1.79 17.05 43.38
C ILE C 304 2.95 16.10 43.65
N LEU C 305 4.13 16.43 43.11
CA LEU C 305 5.33 15.63 43.36
C LEU C 305 5.79 15.67 44.80
N GLY C 306 5.61 16.79 45.48
CA GLY C 306 6.07 16.93 46.85
C GLY C 306 7.58 17.13 46.86
N VAL C 307 7.97 18.25 46.24
CA VAL C 307 9.38 18.57 46.01
C VAL C 307 10.11 18.78 47.32
N GLU C 308 9.55 19.64 48.18
CA GLU C 308 10.11 19.96 49.48
C GLU C 308 9.60 19.06 50.59
N THR C 309 8.44 18.45 50.42
CA THR C 309 7.83 17.67 51.49
C THR C 309 8.29 16.22 51.34
N GLY C 310 8.13 15.44 52.41
CA GLY C 310 8.38 14.00 52.35
C GLY C 310 7.78 13.15 51.24
N GLY C 311 7.77 13.65 50.01
CA GLY C 311 7.23 12.90 48.91
C GLY C 311 5.72 12.77 48.97
N PRO C 312 5.14 11.93 48.11
CA PRO C 312 3.69 11.73 48.14
C PRO C 312 3.26 11.09 49.45
N GLY C 313 2.34 11.77 50.14
CA GLY C 313 1.84 11.33 51.42
C GLY C 313 2.82 11.35 52.58
N GLY C 314 3.98 11.98 52.41
CA GLY C 314 4.98 11.94 53.46
C GLY C 314 5.69 10.61 53.64
N ARG C 315 5.61 9.71 52.67
CA ARG C 315 6.20 8.38 52.79
C ARG C 315 7.63 8.30 52.27
N ARG C 316 8.15 9.38 51.68
CA ARG C 316 9.53 9.42 51.21
C ARG C 316 10.41 10.32 52.08
N ALA C 317 10.02 10.53 53.34
CA ALA C 317 10.72 11.45 54.22
C ALA C 317 11.99 10.79 54.74
N GLY C 318 13.14 11.38 54.39
CA GLY C 318 14.43 10.86 54.82
C GLY C 318 14.78 9.54 54.14
N GLU C 319 14.89 9.56 52.82
CA GLU C 319 15.16 8.37 52.03
C GLU C 319 16.26 8.66 51.02
N SER C 320 17.16 7.70 50.86
CA SER C 320 18.28 7.88 49.94
C SER C 320 17.78 8.06 48.51
N GLY C 321 18.44 8.93 47.76
CA GLY C 321 18.02 9.23 46.41
C GLY C 321 16.68 9.94 46.32
N HIS C 322 16.26 10.61 47.39
CA HIS C 322 14.98 11.32 47.44
C HIS C 322 15.14 12.71 48.04
N THR C 323 16.28 13.35 47.82
CA THR C 323 16.48 14.68 48.36
C THR C 323 15.95 15.74 47.39
N VAL C 324 16.04 17.00 47.78
CA VAL C 324 15.60 18.07 46.89
C VAL C 324 16.45 18.08 45.62
N ALA C 325 17.74 17.76 45.75
CA ALA C 325 18.68 17.62 44.64
C ALA C 325 18.39 16.46 43.69
N ASP C 326 17.13 16.23 43.35
CA ASP C 326 16.72 15.17 42.43
C ASP C 326 15.28 15.40 42.03
N TYR C 327 14.45 15.78 43.01
CA TYR C 327 13.04 16.06 42.72
C TYR C 327 12.90 17.26 41.79
N LEU C 328 13.79 18.26 41.90
CA LEU C 328 13.72 19.41 41.01
C LEU C 328 14.16 19.04 39.59
N LYS C 329 15.15 18.16 39.47
CA LYS C 329 15.54 17.65 38.16
C LYS C 329 14.44 16.79 37.57
N PHE C 330 13.73 16.03 38.41
CA PHE C 330 12.59 15.26 37.95
C PHE C 330 11.43 16.16 37.54
N LYS C 331 11.12 17.17 38.35
CA LYS C 331 10.07 18.13 38.01
C LYS C 331 10.36 18.85 36.70
N ASP C 332 11.61 19.31 36.52
CA ASP C 332 12.00 19.97 35.29
C ASP C 332 11.86 19.07 34.07
N LEU C 333 12.24 17.80 34.19
CA LEU C 333 12.08 16.87 33.08
C LEU C 333 10.62 16.71 32.69
N ILE C 334 9.75 16.48 33.68
CA ILE C 334 8.33 16.27 33.41
C ILE C 334 7.71 17.48 32.74
N LEU C 335 8.02 18.68 33.24
CA LEU C 335 7.50 19.89 32.61
C LEU C 335 7.90 19.98 31.14
N ARG C 336 9.14 19.61 30.83
CA ARG C 336 9.60 19.56 29.44
C ARG C 336 8.89 18.48 28.64
N MET C 337 8.53 17.35 29.27
CA MET C 337 7.72 16.33 28.60
C MET C 337 6.26 16.74 28.34
N LEU C 338 5.69 17.61 29.15
CA LEU C 338 4.33 18.12 28.92
C LEU C 338 4.28 19.52 28.34
N ASP C 339 5.12 19.83 27.36
CA ASP C 339 5.05 21.14 26.73
C ASP C 339 3.89 21.13 25.75
N TYR C 340 3.17 22.25 25.69
CA TYR C 340 1.97 22.32 24.85
C TYR C 340 2.30 22.22 23.37
N ASP C 341 3.33 22.91 22.92
CA ASP C 341 3.71 22.85 21.51
C ASP C 341 4.51 21.58 21.28
N PRO C 342 4.07 20.68 20.40
CA PRO C 342 4.86 19.48 20.10
C PRO C 342 6.16 19.77 19.37
N LYS C 343 6.26 20.90 18.66
CA LYS C 343 7.54 21.28 18.06
C LYS C 343 8.55 21.67 19.12
N THR C 344 8.09 22.30 20.20
CA THR C 344 8.95 22.73 21.30
C THR C 344 9.17 21.62 22.32
N ARG C 345 8.13 20.81 22.55
CA ARG C 345 8.18 19.68 23.47
C ARG C 345 9.45 18.87 23.28
N ILE C 346 10.10 18.54 24.39
CA ILE C 346 11.45 17.97 24.36
C ILE C 346 11.40 16.60 23.70
N GLN C 347 12.43 16.31 22.90
CA GLN C 347 12.53 15.08 22.15
C GLN C 347 13.26 14.02 22.95
N PRO C 348 13.19 12.76 22.51
CA PRO C 348 13.95 11.68 23.18
C PRO C 348 15.44 11.95 23.33
N TYR C 349 16.06 12.52 22.29
CA TYR C 349 17.49 12.81 22.30
C TYR C 349 17.87 13.85 23.34
N TYR C 350 17.08 14.93 23.44
CA TYR C 350 17.37 15.94 24.45
C TYR C 350 17.02 15.44 25.85
N ALA C 351 16.05 14.53 25.95
CA ALA C 351 15.71 13.95 27.25
C ALA C 351 16.87 13.15 27.85
N LEU C 352 17.56 12.35 27.02
CA LEU C 352 18.68 11.59 27.57
C LEU C 352 19.85 12.46 28.00
N GLN C 353 19.93 13.70 27.51
CA GLN C 353 20.97 14.63 27.93
C GLN C 353 20.52 15.53 29.08
N HIS C 354 19.49 15.12 29.81
CA HIS C 354 19.06 15.88 30.97
C HIS C 354 19.96 15.63 32.17
N SER C 355 19.92 16.58 33.11
CA SER C 355 20.65 16.48 34.37
C SER C 355 20.03 15.47 35.34
N PHE C 356 18.97 14.78 34.92
CA PHE C 356 18.28 13.82 35.78
C PHE C 356 18.96 12.46 35.76
N PHE C 357 19.55 12.08 34.63
CA PHE C 357 20.21 10.80 34.51
C PHE C 357 21.72 10.92 34.78
N LYS D 12 -18.99 2.83 33.36
CA LYS D 12 -18.18 4.00 33.01
C LYS D 12 -18.86 4.86 31.94
N VAL D 13 -18.12 5.83 31.41
CA VAL D 13 -18.63 6.77 30.43
C VAL D 13 -17.68 6.74 29.23
N TYR D 14 -18.11 6.09 28.16
CA TYR D 14 -17.31 5.88 26.96
C TYR D 14 -17.72 6.84 25.85
N ASN D 15 -16.77 7.68 25.42
CA ASN D 15 -16.99 8.71 24.40
C ASN D 15 -18.06 9.71 24.83
N ASP D 16 -17.93 10.19 26.07
CA ASP D 16 -18.84 11.14 26.70
C ASP D 16 -20.29 10.67 26.73
N GLY D 17 -20.50 9.36 26.81
CA GLY D 17 -21.84 8.83 26.85
C GLY D 17 -22.47 8.56 25.50
N TYR D 18 -21.76 8.84 24.40
CA TYR D 18 -22.33 8.59 23.09
C TYR D 18 -22.16 7.13 22.69
N ASP D 19 -21.08 6.50 23.11
CA ASP D 19 -20.84 5.10 22.82
C ASP D 19 -21.14 4.24 24.04
N ASP D 20 -21.27 2.95 23.80
CA ASP D 20 -21.38 1.96 24.86
C ASP D 20 -20.02 1.33 25.13
N ASP D 21 -20.00 0.36 26.03
CA ASP D 21 -18.79 -0.40 26.32
C ASP D 21 -18.26 -1.13 25.09
N ASN D 22 -19.12 -1.44 24.12
CA ASN D 22 -18.73 -2.08 22.87
C ASN D 22 -18.34 -1.09 21.77
N TYR D 23 -18.19 0.19 22.11
CA TYR D 23 -17.83 1.25 21.16
C TYR D 23 -18.87 1.45 20.07
N ASP D 24 -20.08 0.91 20.25
CA ASP D 24 -21.19 1.22 19.38
C ASP D 24 -21.85 2.52 19.82
N TYR D 25 -22.41 3.24 18.85
CA TYR D 25 -23.11 4.47 19.19
C TYR D 25 -24.45 4.12 19.84
N ILE D 26 -24.80 4.86 20.88
CA ILE D 26 -26.08 4.67 21.56
C ILE D 26 -27.14 5.34 20.69
N VAL D 27 -27.95 4.50 20.07
CA VAL D 27 -29.01 4.96 19.13
C VAL D 27 -30.21 5.48 19.92
N LYS D 28 -30.68 6.67 19.55
CA LYS D 28 -31.87 7.30 20.14
C LYS D 28 -32.77 7.69 18.97
N ASN D 29 -33.96 7.12 18.90
CA ASN D 29 -34.89 7.37 17.76
C ASN D 29 -35.26 8.84 17.68
N GLY D 30 -35.46 9.34 16.46
CA GLY D 30 -35.83 10.75 16.31
C GLY D 30 -34.63 11.66 16.40
N GLU D 31 -33.57 11.24 17.07
CA GLU D 31 -32.45 12.16 17.19
C GLU D 31 -32.11 12.76 15.83
N LYS D 32 -31.80 14.05 15.81
CA LYS D 32 -31.41 14.76 14.60
C LYS D 32 -29.91 14.95 14.57
N TRP D 33 -29.31 14.69 13.42
CA TRP D 33 -27.87 14.81 13.23
C TRP D 33 -27.56 15.95 12.25
N MET D 34 -26.79 16.93 12.72
CA MET D 34 -26.28 18.01 11.86
C MET D 34 -27.40 18.82 11.20
N ASP D 35 -28.57 18.86 11.83
CA ASP D 35 -29.77 19.46 11.25
C ASP D 35 -30.06 18.90 9.86
N ARG D 36 -30.03 17.57 9.76
CA ARG D 36 -30.20 16.93 8.46
C ARG D 36 -30.84 15.56 8.57
N TYR D 37 -30.14 14.61 9.19
CA TYR D 37 -30.59 13.22 9.23
C TYR D 37 -31.44 12.98 10.49
N GLU D 38 -32.71 12.65 10.28
CA GLU D 38 -33.64 12.32 11.35
C GLU D 38 -33.66 10.80 11.53
N ILE D 39 -33.24 10.32 12.70
CA ILE D 39 -33.11 8.89 12.94
C ILE D 39 -34.47 8.29 13.28
N ASP D 40 -34.92 7.34 12.45
CA ASP D 40 -36.21 6.70 12.66
C ASP D 40 -36.10 5.55 13.66
N SER D 41 -35.35 4.51 13.30
CA SER D 41 -35.28 3.30 14.12
C SER D 41 -34.12 2.44 13.65
N LEU D 42 -33.75 1.48 14.50
CA LEU D 42 -32.70 0.53 14.18
C LEU D 42 -33.23 -0.55 13.24
N ILE D 43 -32.51 -0.77 12.14
CA ILE D 43 -32.88 -1.81 11.17
C ILE D 43 -31.83 -2.90 11.02
N GLY D 44 -30.68 -2.78 11.66
CA GLY D 44 -29.65 -3.81 11.54
C GLY D 44 -28.54 -3.70 12.55
N LYS D 45 -27.91 -4.84 12.86
CA LYS D 45 -26.80 -4.90 13.80
C LYS D 45 -25.80 -5.94 13.33
N GLY D 46 -24.54 -5.74 13.72
CA GLY D 46 -23.50 -6.68 13.38
C GLY D 46 -22.20 -6.34 14.07
N SER D 47 -21.13 -7.02 13.64
CA SER D 47 -19.82 -6.81 14.21
C SER D 47 -19.25 -5.45 13.83
N PHE D 48 -19.45 -5.05 12.57
CA PHE D 48 -19.11 -3.69 12.13
C PHE D 48 -19.73 -2.62 13.01
N GLY D 49 -20.98 -2.82 13.43
CA GLY D 49 -21.66 -1.82 14.23
C GLY D 49 -23.17 -1.89 14.09
N GLN D 50 -23.78 -0.83 13.56
CA GLN D 50 -25.24 -0.73 13.52
C GLN D 50 -25.68 -0.06 12.22
N VAL D 51 -26.93 -0.35 11.85
CA VAL D 51 -27.58 0.21 10.67
C VAL D 51 -28.93 0.74 11.12
N VAL D 52 -29.18 2.03 10.89
CA VAL D 52 -30.41 2.67 11.33
C VAL D 52 -31.14 3.25 10.12
N LYS D 53 -32.45 3.38 10.27
CA LYS D 53 -33.30 4.00 9.27
C LYS D 53 -33.37 5.48 9.58
N ALA D 54 -33.26 6.31 8.53
CA ALA D 54 -33.28 7.75 8.76
C ALA D 54 -33.81 8.48 7.54
N TYR D 55 -34.42 9.64 7.81
CA TYR D 55 -34.91 10.56 6.80
C TYR D 55 -33.92 11.70 6.62
N ASP D 56 -33.42 11.86 5.40
CA ASP D 56 -32.56 12.98 5.07
C ASP D 56 -33.46 14.20 4.83
N ARG D 57 -33.46 15.13 5.79
CA ARG D 57 -34.30 16.33 5.65
C ARG D 57 -33.90 17.17 4.46
N VAL D 58 -32.62 17.21 4.13
CA VAL D 58 -32.13 18.11 3.09
C VAL D 58 -32.52 17.59 1.71
N GLU D 59 -32.05 16.40 1.34
CA GLU D 59 -32.42 15.82 0.07
C GLU D 59 -33.88 15.37 0.01
N GLN D 60 -34.53 15.14 1.17
CA GLN D 60 -35.93 14.69 1.22
C GLN D 60 -36.06 13.29 0.60
N GLU D 61 -35.30 12.36 1.17
CA GLU D 61 -35.31 10.97 0.71
C GLU D 61 -34.91 10.10 1.89
N TRP D 62 -35.53 8.93 1.98
CA TRP D 62 -35.13 7.96 2.98
C TRP D 62 -33.73 7.42 2.68
N VAL D 63 -32.92 7.27 3.73
CA VAL D 63 -31.57 6.75 3.58
C VAL D 63 -31.26 5.73 4.67
N ALA D 64 -30.37 4.82 4.34
CA ALA D 64 -29.78 3.86 5.26
C ALA D 64 -28.42 4.40 5.68
N ILE D 65 -28.06 4.22 6.95
CA ILE D 65 -26.81 4.78 7.45
C ILE D 65 -26.10 3.72 8.31
N LYS D 66 -24.92 3.32 7.87
CA LYS D 66 -24.12 2.32 8.56
C LYS D 66 -23.16 3.03 9.52
N ILE D 67 -23.45 2.92 10.82
CA ILE D 67 -22.62 3.52 11.85
C ILE D 67 -21.51 2.55 12.22
N ILE D 68 -20.26 2.93 11.96
CA ILE D 68 -19.12 2.08 12.29
C ILE D 68 -18.73 2.33 13.74
N LYS D 69 -18.29 1.27 14.42
CA LYS D 69 -17.85 1.38 15.80
C LYS D 69 -16.66 2.35 15.92
N ASN D 70 -16.54 2.95 17.11
CA ASN D 70 -15.49 3.93 17.39
C ASN D 70 -14.18 3.20 17.74
N LYS D 71 -13.66 2.45 16.78
CA LYS D 71 -12.53 1.58 17.08
C LYS D 71 -11.71 1.42 15.80
N LYS D 72 -10.39 1.53 15.94
CA LYS D 72 -9.49 1.57 14.78
C LYS D 72 -9.63 0.35 13.89
N ALA D 73 -9.84 -0.83 14.49
CA ALA D 73 -9.92 -2.06 13.70
C ALA D 73 -11.11 -2.05 12.74
N PHE D 74 -12.28 -1.63 13.21
CA PHE D 74 -13.44 -1.55 12.32
C PHE D 74 -13.40 -0.33 11.40
N LEU D 75 -12.80 0.77 11.84
CA LEU D 75 -12.65 1.93 10.97
C LEU D 75 -11.81 1.62 9.73
N ASN D 76 -10.62 1.05 9.92
CA ASN D 76 -9.79 0.66 8.78
C ASN D 76 -10.50 -0.36 7.88
N GLN D 77 -11.20 -1.32 8.49
CA GLN D 77 -11.99 -2.27 7.70
C GLN D 77 -13.05 -1.55 6.87
N ALA D 78 -13.75 -0.58 7.48
CA ALA D 78 -14.77 0.19 6.78
C ALA D 78 -14.17 1.04 5.67
N GLN D 79 -12.99 1.61 5.91
CA GLN D 79 -12.32 2.39 4.87
C GLN D 79 -11.99 1.56 3.64
N ILE D 80 -11.84 0.24 3.80
CA ILE D 80 -11.73 -0.63 2.63
C ILE D 80 -13.04 -0.66 1.86
N GLU D 81 -14.15 -0.84 2.58
CA GLU D 81 -15.45 -0.86 1.92
C GLU D 81 -15.71 0.44 1.19
N VAL D 82 -15.33 1.57 1.80
CA VAL D 82 -15.50 2.86 1.15
C VAL D 82 -14.69 2.93 -0.13
N ARG D 83 -13.44 2.45 -0.10
CA ARG D 83 -12.63 2.44 -1.32
C ARG D 83 -13.29 1.62 -2.41
N LEU D 84 -13.85 0.46 -2.06
CA LEU D 84 -14.51 -0.39 -3.06
C LEU D 84 -15.78 0.24 -3.62
N LEU D 85 -16.64 0.77 -2.77
CA LEU D 85 -17.86 1.41 -3.25
C LEU D 85 -17.58 2.65 -4.09
N GLU D 86 -16.60 3.45 -3.69
CA GLU D 86 -16.23 4.63 -4.46
C GLU D 86 -15.50 4.27 -5.76
N LEU D 87 -14.76 3.15 -5.76
CA LEU D 87 -14.23 2.62 -7.02
C LEU D 87 -15.33 2.30 -8.01
N MET D 88 -16.42 1.68 -7.56
CA MET D 88 -17.49 1.30 -8.47
C MET D 88 -18.19 2.53 -9.07
N ASN D 89 -18.40 3.57 -8.27
CA ASN D 89 -19.04 4.79 -8.75
C ASN D 89 -18.35 5.39 -9.98
N LYS D 90 -17.01 5.37 -10.04
CA LYS D 90 -16.31 5.96 -11.18
C LYS D 90 -16.65 5.25 -12.50
N HIS D 91 -16.93 3.95 -12.45
CA HIS D 91 -17.48 3.24 -13.60
C HIS D 91 -18.98 3.50 -13.64
N ASP D 92 -19.39 4.35 -14.59
CA ASP D 92 -20.79 4.75 -14.77
C ASP D 92 -21.52 3.91 -15.81
N THR D 93 -21.60 2.60 -15.55
CA THR D 93 -22.28 1.68 -16.45
C THR D 93 -23.73 1.50 -15.97
N GLU D 94 -24.53 0.84 -16.80
CA GLU D 94 -25.87 0.43 -16.38
C GLU D 94 -25.81 -0.66 -15.32
N MET D 95 -24.78 -1.49 -15.37
CA MET D 95 -24.69 -2.69 -14.53
C MET D 95 -24.45 -2.34 -13.07
N LYS D 96 -23.93 -1.16 -12.78
CA LYS D 96 -23.76 -0.68 -11.41
C LYS D 96 -25.11 -0.43 -10.73
N TYR D 97 -26.21 -0.45 -11.49
CA TYR D 97 -27.54 -0.37 -10.91
C TYR D 97 -27.75 -1.45 -9.85
N TYR D 98 -27.19 -2.64 -10.06
CA TYR D 98 -27.38 -3.78 -9.18
C TYR D 98 -26.41 -3.80 -8.00
N ILE D 99 -25.86 -2.66 -7.62
CA ILE D 99 -25.11 -2.51 -6.38
C ILE D 99 -25.69 -1.33 -5.60
N VAL D 100 -25.83 -1.50 -4.28
CA VAL D 100 -26.38 -0.43 -3.45
C VAL D 100 -25.45 0.77 -3.47
N HIS D 101 -25.94 1.90 -3.98
CA HIS D 101 -25.14 3.11 -4.07
C HIS D 101 -24.78 3.65 -2.68
N LEU D 102 -23.52 4.05 -2.51
CA LEU D 102 -23.13 4.85 -1.35
C LEU D 102 -23.31 6.31 -1.73
N LYS D 103 -24.32 6.96 -1.13
CA LYS D 103 -24.56 8.36 -1.44
C LYS D 103 -23.44 9.25 -0.91
N ARG D 104 -23.08 9.09 0.36
CA ARG D 104 -21.96 9.84 0.92
C ARG D 104 -21.49 9.15 2.18
N HIS D 105 -20.40 9.68 2.75
CA HIS D 105 -19.91 9.27 4.05
C HIS D 105 -19.40 10.48 4.81
N PHE D 106 -19.52 10.44 6.12
CA PHE D 106 -19.02 11.51 6.97
C PHE D 106 -18.66 10.96 8.34
N MET D 107 -17.78 11.67 9.03
CA MET D 107 -17.54 11.41 10.44
C MET D 107 -18.59 12.13 11.27
N PHE D 108 -19.03 11.48 12.34
CA PHE D 108 -19.99 12.12 13.26
C PHE D 108 -19.77 11.52 14.63
N ARG D 109 -19.27 12.34 15.55
CA ARG D 109 -19.01 11.94 16.95
C ARG D 109 -18.11 10.70 17.01
N ASN D 110 -17.02 10.75 16.25
CA ASN D 110 -16.01 9.70 16.18
C ASN D 110 -16.53 8.40 15.57
N HIS D 111 -17.57 8.47 14.75
CA HIS D 111 -18.08 7.31 14.03
C HIS D 111 -18.10 7.61 12.55
N LEU D 112 -17.57 6.69 11.75
CA LEU D 112 -17.72 6.76 10.31
C LEU D 112 -19.12 6.31 9.96
N CYS D 113 -19.83 7.12 9.17
CA CYS D 113 -21.22 6.89 8.84
C CYS D 113 -21.34 6.78 7.33
N LEU D 114 -21.86 5.65 6.87
CA LEU D 114 -22.01 5.39 5.44
C LEU D 114 -23.48 5.55 5.11
N VAL D 115 -23.80 6.56 4.30
CA VAL D 115 -25.18 6.86 3.94
C VAL D 115 -25.54 6.09 2.68
N PHE D 116 -26.41 5.09 2.80
CA PHE D 116 -26.85 4.31 1.67
C PHE D 116 -28.26 4.69 1.25
N GLU D 117 -28.61 4.24 0.04
CA GLU D 117 -29.97 4.29 -0.46
C GLU D 117 -30.85 3.27 0.27
N MET D 118 -32.11 3.62 0.47
CA MET D 118 -33.03 2.79 1.24
C MET D 118 -33.70 1.78 0.32
N LEU D 119 -33.55 0.48 0.63
CA LEU D 119 -34.23 -0.61 -0.04
C LEU D 119 -35.20 -1.32 0.90
N SER D 120 -35.79 -2.40 0.40
CA SER D 120 -36.89 -3.07 1.09
C SER D 120 -36.35 -4.06 2.11
N TYR D 121 -36.69 -5.34 1.95
CA TYR D 121 -36.28 -6.37 2.88
C TYR D 121 -35.43 -7.42 2.16
N ASN D 122 -34.64 -8.15 2.94
CA ASN D 122 -33.72 -9.11 2.36
C ASN D 122 -34.47 -10.33 1.83
N LEU D 123 -33.76 -11.17 1.08
CA LEU D 123 -34.39 -12.38 0.54
C LEU D 123 -34.60 -13.46 1.60
N TYR D 124 -33.92 -13.37 2.74
CA TYR D 124 -34.25 -14.26 3.85
C TYR D 124 -35.62 -13.93 4.44
N ASP D 125 -35.93 -12.63 4.56
CA ASP D 125 -37.27 -12.21 5.00
C ASP D 125 -38.35 -12.69 4.05
N LEU D 126 -38.05 -12.70 2.74
CA LEU D 126 -38.96 -13.25 1.74
C LEU D 126 -39.19 -14.74 1.94
N LEU D 127 -38.14 -15.47 2.33
CA LEU D 127 -38.28 -16.88 2.71
C LEU D 127 -39.18 -17.07 3.92
N ARG D 128 -39.12 -16.15 4.88
CA ARG D 128 -40.03 -16.20 6.04
C ARG D 128 -41.49 -16.13 5.60
N ASN D 129 -41.80 -15.25 4.65
CA ASN D 129 -43.17 -15.14 4.14
C ASN D 129 -43.68 -16.41 3.46
N THR D 130 -42.81 -17.17 2.82
CA THR D 130 -43.25 -18.40 2.16
C THR D 130 -43.23 -19.63 3.06
N ASN D 131 -42.99 -19.47 4.36
CA ASN D 131 -42.87 -20.60 5.27
C ASN D 131 -41.76 -21.56 4.79
N PHE D 132 -40.68 -20.97 4.25
CA PHE D 132 -39.56 -21.72 3.70
C PHE D 132 -39.99 -22.74 2.64
N ARG D 133 -40.97 -22.35 1.82
CA ARG D 133 -41.42 -23.16 0.70
C ARG D 133 -40.81 -22.75 -0.63
N GLY D 134 -40.31 -21.52 -0.73
CA GLY D 134 -39.68 -21.03 -1.93
C GLY D 134 -40.63 -20.30 -2.87
N VAL D 135 -40.04 -19.56 -3.79
CA VAL D 135 -40.79 -18.83 -4.82
C VAL D 135 -40.70 -19.55 -6.15
N SER D 136 -41.62 -19.19 -7.06
CA SER D 136 -41.70 -19.79 -8.38
C SER D 136 -40.39 -19.62 -9.16
N LEU D 137 -40.31 -20.36 -10.27
CA LEU D 137 -39.12 -20.30 -11.13
C LEU D 137 -39.07 -18.98 -11.90
N ASN D 138 -40.22 -18.36 -12.15
CA ASN D 138 -40.23 -17.10 -12.90
C ASN D 138 -39.56 -15.99 -12.12
N LEU D 139 -39.83 -15.89 -10.82
CA LEU D 139 -39.12 -14.93 -10.00
C LEU D 139 -37.68 -15.35 -9.75
N THR D 140 -37.43 -16.65 -9.58
CA THR D 140 -36.07 -17.14 -9.47
C THR D 140 -35.23 -16.74 -10.69
N ARG D 141 -35.82 -16.86 -11.88
CA ARG D 141 -35.14 -16.49 -13.12
C ARG D 141 -34.76 -15.02 -13.13
N LYS D 142 -35.73 -14.15 -12.81
CA LYS D 142 -35.47 -12.71 -12.75
C LYS D 142 -34.38 -12.39 -11.73
N PHE D 143 -34.42 -13.04 -10.56
CA PHE D 143 -33.34 -12.90 -9.59
C PHE D 143 -31.99 -13.34 -10.16
N ALA D 144 -31.96 -14.45 -10.90
CA ALA D 144 -30.70 -14.97 -11.43
C ALA D 144 -30.11 -14.06 -12.49
N GLN D 145 -30.95 -13.50 -13.37
CA GLN D 145 -30.45 -12.61 -14.41
C GLN D 145 -29.83 -11.36 -13.80
N GLN D 146 -30.49 -10.76 -12.82
CA GLN D 146 -29.93 -9.59 -12.15
C GLN D 146 -28.63 -9.92 -11.42
N MET D 147 -28.58 -11.07 -10.74
CA MET D 147 -27.37 -11.44 -10.01
C MET D 147 -26.22 -11.78 -10.95
N CYS D 148 -26.48 -12.49 -12.04
CA CYS D 148 -25.45 -12.75 -13.03
C CYS D 148 -24.96 -11.46 -13.67
N THR D 149 -25.86 -10.50 -13.89
CA THR D 149 -25.43 -9.19 -14.39
C THR D 149 -24.55 -8.47 -13.38
N ALA D 150 -24.87 -8.59 -12.10
CA ALA D 150 -24.04 -7.98 -11.05
C ALA D 150 -22.66 -8.61 -10.98
N LEU D 151 -22.58 -9.94 -11.09
CA LEU D 151 -21.28 -10.60 -11.11
C LEU D 151 -20.48 -10.27 -12.36
N LEU D 152 -21.14 -10.01 -13.49
CA LEU D 152 -20.42 -9.54 -14.67
C LEU D 152 -19.77 -8.18 -14.44
N PHE D 153 -20.47 -7.27 -13.75
CA PHE D 153 -19.91 -5.96 -13.41
C PHE D 153 -18.68 -6.11 -12.53
N LEU D 154 -18.78 -6.90 -11.46
CA LEU D 154 -17.66 -7.15 -10.56
C LEU D 154 -16.47 -7.79 -11.28
N ALA D 155 -16.73 -8.61 -12.28
CA ALA D 155 -15.66 -9.30 -13.02
C ALA D 155 -14.82 -8.39 -13.91
N THR D 156 -15.29 -7.17 -14.20
CA THR D 156 -14.53 -6.16 -14.93
C THR D 156 -13.06 -6.14 -14.52
N PRO D 157 -12.12 -6.20 -15.47
CA PRO D 157 -10.69 -6.35 -15.11
C PRO D 157 -10.17 -5.27 -14.17
N GLU D 158 -10.67 -4.04 -14.30
CA GLU D 158 -10.22 -2.95 -13.44
C GLU D 158 -10.74 -3.12 -12.01
N LEU D 159 -11.92 -3.70 -11.86
CA LEU D 159 -12.48 -3.98 -10.53
C LEU D 159 -11.95 -5.31 -10.01
N SER D 160 -12.50 -6.40 -10.54
CA SER D 160 -12.08 -7.71 -10.03
C SER D 160 -12.58 -7.78 -8.59
N ILE D 161 -13.82 -7.43 -8.35
CA ILE D 161 -14.24 -7.44 -6.93
C ILE D 161 -14.86 -8.79 -6.60
N ILE D 162 -14.41 -9.39 -5.51
CA ILE D 162 -15.00 -10.66 -5.02
C ILE D 162 -15.89 -10.22 -3.87
N HIS D 163 -17.18 -10.52 -3.91
CA HIS D 163 -18.02 -10.08 -2.77
C HIS D 163 -17.53 -10.76 -1.49
N CYS D 164 -17.20 -12.07 -1.58
CA CYS D 164 -16.64 -13.00 -0.56
C CYS D 164 -17.70 -13.41 0.45
N ASP D 165 -18.98 -13.08 0.23
CA ASP D 165 -20.01 -13.41 1.25
C ASP D 165 -21.43 -13.28 0.69
N LEU D 166 -21.72 -13.93 -0.43
CA LEU D 166 -23.11 -13.84 -0.94
C LEU D 166 -23.97 -14.72 -0.05
N LYS D 167 -25.21 -14.30 0.16
CA LYS D 167 -26.20 -15.03 0.97
C LYS D 167 -27.54 -14.33 0.83
N PRO D 168 -28.63 -15.00 1.16
CA PRO D 168 -29.97 -14.35 1.16
C PRO D 168 -30.10 -13.02 1.91
N GLU D 169 -29.50 -12.89 3.09
CA GLU D 169 -29.67 -11.68 3.90
C GLU D 169 -28.99 -10.48 3.28
N ASN D 170 -27.98 -10.70 2.44
CA ASN D 170 -27.26 -9.61 1.81
C ASN D 170 -27.78 -9.31 0.41
N ILE D 171 -28.96 -9.82 0.06
CA ILE D 171 -29.63 -9.41 -1.16
C ILE D 171 -30.94 -8.77 -0.72
N LEU D 172 -31.18 -7.56 -1.20
CA LEU D 172 -32.34 -6.73 -0.87
C LEU D 172 -33.19 -6.45 -2.10
N LEU D 173 -34.49 -6.39 -1.88
CA LEU D 173 -35.44 -5.98 -2.89
C LEU D 173 -35.49 -4.46 -2.94
N CYS D 174 -35.38 -3.91 -4.15
CA CYS D 174 -35.51 -2.47 -4.33
C CYS D 174 -36.90 -2.01 -3.90
N ASN D 175 -37.94 -2.60 -4.48
CA ASN D 175 -39.30 -2.23 -4.20
C ASN D 175 -40.07 -3.52 -3.97
N PRO D 176 -40.92 -3.58 -2.94
CA PRO D 176 -41.71 -4.82 -2.72
C PRO D 176 -42.75 -5.08 -3.79
N LYS D 177 -43.12 -4.08 -4.60
CA LYS D 177 -44.00 -4.31 -5.73
C LYS D 177 -43.25 -4.73 -6.98
N ARG D 178 -41.93 -4.61 -6.99
CA ARG D 178 -41.10 -4.90 -8.15
C ARG D 178 -40.13 -6.03 -7.83
N SER D 179 -39.48 -6.53 -8.88
CA SER D 179 -38.52 -7.62 -8.79
C SER D 179 -37.08 -7.13 -8.74
N ALA D 180 -36.87 -5.81 -8.68
CA ALA D 180 -35.52 -5.26 -8.69
C ALA D 180 -34.84 -5.53 -7.36
N ILE D 181 -33.56 -5.92 -7.43
CA ILE D 181 -32.76 -6.23 -6.25
C ILE D 181 -31.35 -5.65 -6.41
N LYS D 182 -30.67 -5.51 -5.27
CA LYS D 182 -29.30 -5.06 -5.22
C LYS D 182 -28.53 -5.82 -4.15
N ILE D 183 -27.22 -5.85 -4.32
CA ILE D 183 -26.26 -6.49 -3.42
C ILE D 183 -25.74 -5.48 -2.38
N VAL D 184 -25.63 -5.92 -1.13
CA VAL D 184 -25.28 -5.08 0.01
C VAL D 184 -24.13 -5.73 0.77
N ASP D 185 -23.41 -4.89 1.52
CA ASP D 185 -22.38 -5.29 2.49
C ASP D 185 -21.10 -5.78 1.85
N PHE D 186 -20.19 -4.85 1.56
CA PHE D 186 -18.89 -5.24 1.03
C PHE D 186 -17.80 -5.20 2.10
N GLY D 187 -18.17 -5.50 3.34
CA GLY D 187 -17.22 -5.54 4.44
C GLY D 187 -16.33 -6.76 4.42
N SER D 188 -16.87 -7.83 3.86
CA SER D 188 -16.13 -9.10 3.80
C SER D 188 -15.47 -9.24 2.43
N SER D 189 -15.79 -8.34 1.50
CA SER D 189 -15.25 -8.40 0.12
C SER D 189 -13.74 -8.24 0.05
N CYS D 190 -13.19 -8.80 -1.02
CA CYS D 190 -11.75 -8.82 -1.35
C CYS D 190 -11.60 -8.28 -2.76
N GLN D 191 -10.38 -7.93 -3.14
CA GLN D 191 -10.05 -7.58 -4.54
C GLN D 191 -9.12 -8.70 -4.99
N LEU D 192 -9.27 -9.19 -6.22
CA LEU D 192 -8.47 -10.34 -6.73
C LEU D 192 -6.98 -10.14 -6.46
N GLY D 193 -6.32 -11.12 -5.86
CA GLY D 193 -4.89 -10.95 -5.60
C GLY D 193 -4.29 -12.14 -4.89
N GLN D 194 -3.11 -11.89 -4.32
CA GLN D 194 -2.46 -12.81 -3.39
C GLN D 194 -3.44 -13.29 -2.34
N ARG D 195 -3.43 -14.60 -2.08
CA ARG D 195 -4.36 -15.16 -1.09
C ARG D 195 -3.89 -14.76 0.30
N ILE D 196 -4.69 -13.95 1.00
CA ILE D 196 -4.42 -13.58 2.38
C ILE D 196 -5.34 -14.30 3.36
N TYR D 197 -6.61 -14.47 3.00
CA TYR D 197 -7.60 -15.06 3.89
C TYR D 197 -8.02 -16.43 3.36
N GLN D 198 -8.28 -17.36 4.27
CA GLN D 198 -8.80 -18.66 3.86
C GLN D 198 -10.18 -18.92 4.45
N PTR D 199 -10.35 -18.61 5.73
CA PTR D 199 -11.67 -18.76 6.36
C PTR D 199 -12.59 -17.66 5.86
O PTR D 199 -12.72 -16.61 6.50
CB PTR D 199 -11.54 -18.75 7.88
CG PTR D 199 -12.75 -19.27 8.62
CD1 PTR D 199 -13.11 -20.61 8.54
CD2 PTR D 199 -13.51 -18.45 9.44
CE1 PTR D 199 -14.21 -21.12 9.24
CE2 PTR D 199 -14.60 -18.94 10.13
CZ PTR D 199 -14.96 -20.27 10.02
OH PTR D 199 -15.97 -20.72 10.68
P PTR D 199 -17.45 -20.87 10.07
O1P PTR D 199 -17.70 -19.77 9.11
O2P PTR D 199 -17.57 -22.23 9.36
O3P PTR D 199 -18.50 -20.79 11.20
N ILE D 200 -13.22 -17.90 4.71
CA ILE D 200 -14.07 -16.90 4.06
C ILE D 200 -15.36 -17.53 3.54
N GLN D 201 -16.33 -16.64 3.27
CA GLN D 201 -17.69 -16.96 2.85
C GLN D 201 -18.49 -17.55 4.00
N SER D 202 -19.78 -17.26 3.98
CA SER D 202 -20.69 -17.80 4.99
C SER D 202 -20.79 -19.26 4.61
N ARG D 203 -20.52 -20.17 5.53
CA ARG D 203 -20.49 -21.63 5.32
C ARG D 203 -21.53 -22.12 4.34
N PHE D 204 -22.77 -22.16 4.77
CA PHE D 204 -23.72 -22.82 3.88
C PHE D 204 -23.40 -22.57 2.40
N TYR D 205 -22.82 -21.43 2.09
CA TYR D 205 -22.57 -21.00 0.72
C TYR D 205 -21.09 -21.02 0.37
N ARG D 206 -20.27 -21.62 1.21
CA ARG D 206 -18.82 -21.64 1.03
C ARG D 206 -18.42 -22.61 -0.07
N SER D 207 -17.55 -22.17 -0.97
CA SER D 207 -17.19 -22.92 -2.14
C SER D 207 -16.21 -24.04 -1.79
N PRO D 208 -16.12 -25.08 -2.63
CA PRO D 208 -15.15 -26.16 -2.35
C PRO D 208 -13.70 -25.68 -2.23
N GLU D 209 -13.25 -24.86 -3.17
CA GLU D 209 -11.87 -24.38 -3.15
C GLU D 209 -11.51 -23.68 -1.84
N VAL D 210 -12.46 -22.96 -1.25
CA VAL D 210 -12.23 -22.38 0.08
C VAL D 210 -12.25 -23.45 1.16
N LEU D 211 -13.25 -24.35 1.10
CA LEU D 211 -13.31 -25.48 2.02
C LEU D 211 -12.04 -26.32 1.98
N LEU D 212 -11.45 -26.47 0.80
CA LEU D 212 -10.26 -27.28 0.62
C LEU D 212 -8.95 -26.54 0.83
N GLY D 213 -8.97 -25.25 1.13
CA GLY D 213 -7.73 -24.55 1.36
C GLY D 213 -6.94 -24.30 0.09
N MET D 214 -7.63 -24.11 -1.02
CA MET D 214 -7.08 -24.02 -2.35
C MET D 214 -7.16 -22.58 -2.84
N PRO D 215 -6.44 -22.23 -3.92
CA PRO D 215 -6.52 -20.87 -4.42
C PRO D 215 -7.90 -20.61 -5.00
N TYR D 216 -8.31 -19.35 -4.98
CA TYR D 216 -9.67 -19.03 -5.36
C TYR D 216 -9.72 -17.66 -6.01
N ASP D 217 -10.86 -17.37 -6.62
CA ASP D 217 -11.06 -16.12 -7.34
C ASP D 217 -12.53 -15.72 -7.30
N LEU D 218 -13.01 -14.98 -8.31
CA LEU D 218 -14.40 -14.57 -8.35
C LEU D 218 -15.37 -15.72 -8.55
N ALA D 219 -14.89 -16.89 -9.00
CA ALA D 219 -15.76 -18.06 -9.16
C ALA D 219 -16.43 -18.48 -7.86
N ILE D 220 -15.81 -18.21 -6.70
CA ILE D 220 -16.44 -18.57 -5.44
C ILE D 220 -17.81 -17.88 -5.29
N ASP D 221 -17.96 -16.69 -5.86
CA ASP D 221 -19.25 -16.01 -5.81
C ASP D 221 -20.29 -16.71 -6.69
N MET D 222 -19.87 -17.22 -7.84
CA MET D 222 -20.78 -17.99 -8.68
C MET D 222 -21.22 -19.27 -7.99
N TRP D 223 -20.35 -19.89 -7.20
CA TRP D 223 -20.76 -21.04 -6.40
C TRP D 223 -21.84 -20.64 -5.40
N SER D 224 -21.59 -19.57 -4.64
CA SER D 224 -22.59 -19.06 -3.70
C SER D 224 -23.91 -18.78 -4.41
N LEU D 225 -23.86 -18.12 -5.56
CA LEU D 225 -25.06 -17.85 -6.35
C LEU D 225 -25.82 -19.14 -6.69
N GLY D 226 -25.09 -20.19 -7.08
CA GLY D 226 -25.74 -21.47 -7.30
C GLY D 226 -26.57 -21.94 -6.14
N CYS D 227 -25.98 -21.95 -4.94
CA CYS D 227 -26.69 -22.38 -3.73
C CYS D 227 -27.88 -21.48 -3.42
N ILE D 228 -27.73 -20.17 -3.64
CA ILE D 228 -28.81 -19.24 -3.33
C ILE D 228 -30.01 -19.44 -4.25
N LEU D 229 -29.76 -19.63 -5.56
CA LEU D 229 -30.87 -19.77 -6.50
C LEU D 229 -31.68 -21.04 -6.27
N VAL D 230 -31.06 -22.10 -5.74
CA VAL D 230 -31.80 -23.28 -5.36
C VAL D 230 -32.57 -23.07 -4.07
N GLU D 231 -31.98 -22.33 -3.13
CA GLU D 231 -32.66 -22.02 -1.88
C GLU D 231 -33.91 -21.16 -2.12
N MET D 232 -33.79 -20.14 -2.99
CA MET D 232 -34.95 -19.30 -3.27
C MET D 232 -36.11 -20.09 -3.85
N HIS D 233 -35.83 -21.10 -4.68
CA HIS D 233 -36.92 -21.89 -5.23
C HIS D 233 -37.41 -22.94 -4.23
N THR D 234 -36.48 -23.63 -3.56
CA THR D 234 -36.85 -24.67 -2.60
C THR D 234 -37.26 -24.11 -1.24
N GLY D 235 -36.85 -22.90 -0.89
CA GLY D 235 -37.14 -22.34 0.41
C GLY D 235 -36.13 -22.67 1.48
N GLU D 236 -35.19 -23.58 1.22
CA GLU D 236 -34.26 -24.08 2.21
C GLU D 236 -32.85 -24.09 1.63
N PRO D 237 -31.84 -23.85 2.47
CA PRO D 237 -30.45 -23.87 1.97
C PRO D 237 -30.10 -25.18 1.30
N LEU D 238 -29.35 -25.07 0.19
CA LEU D 238 -28.97 -26.24 -0.58
C LEU D 238 -27.99 -27.11 0.20
N PHE D 239 -27.01 -26.49 0.86
CA PHE D 239 -26.01 -27.22 1.65
C PHE D 239 -25.96 -26.59 3.04
N SER D 240 -26.66 -27.20 3.99
CA SER D 240 -26.83 -26.64 5.33
C SER D 240 -25.89 -27.32 6.31
N GLY D 241 -24.59 -27.12 6.09
CA GLY D 241 -23.58 -27.78 6.90
C GLY D 241 -23.48 -27.15 8.27
N ALA D 242 -23.54 -27.97 9.32
CA ALA D 242 -23.30 -27.50 10.68
C ALA D 242 -21.83 -27.28 10.98
N ASN D 243 -20.94 -27.74 10.10
CA ASN D 243 -19.51 -27.45 10.17
C ASN D 243 -18.95 -27.71 8.78
N GLU D 244 -17.63 -27.59 8.64
CA GLU D 244 -17.05 -27.77 7.32
C GLU D 244 -17.13 -29.23 6.85
N VAL D 245 -16.91 -30.18 7.76
CA VAL D 245 -17.04 -31.59 7.39
C VAL D 245 -18.47 -31.93 7.01
N ASP D 246 -19.45 -31.37 7.74
CA ASP D 246 -20.85 -31.57 7.38
C ASP D 246 -21.16 -30.91 6.04
N GLN D 247 -20.67 -29.68 5.84
CA GLN D 247 -20.81 -28.97 4.58
C GLN D 247 -20.33 -29.80 3.39
N MET D 248 -19.06 -30.23 3.43
CA MET D 248 -18.50 -31.01 2.33
C MET D 248 -19.28 -32.30 2.07
N ASN D 249 -19.63 -33.03 3.14
CA ASN D 249 -20.42 -34.25 2.97
C ASN D 249 -21.76 -33.97 2.32
N LYS D 250 -22.44 -32.90 2.73
CA LYS D 250 -23.71 -32.55 2.09
C LYS D 250 -23.51 -32.17 0.63
N ILE D 251 -22.43 -31.45 0.33
CA ILE D 251 -22.09 -31.17 -1.07
C ILE D 251 -21.86 -32.47 -1.83
N VAL D 252 -21.08 -33.38 -1.26
CA VAL D 252 -20.78 -34.65 -1.93
C VAL D 252 -22.05 -35.45 -2.18
N GLU D 253 -22.99 -35.43 -1.24
CA GLU D 253 -24.29 -36.07 -1.44
C GLU D 253 -24.92 -35.69 -2.77
N VAL D 254 -24.77 -34.45 -3.19
CA VAL D 254 -25.43 -33.96 -4.40
C VAL D 254 -24.54 -34.05 -5.63
N LEU D 255 -23.26 -33.73 -5.50
CA LEU D 255 -22.35 -33.67 -6.64
C LEU D 255 -21.37 -34.82 -6.71
N GLY D 256 -21.36 -35.72 -5.72
CA GLY D 256 -20.44 -36.82 -5.75
C GLY D 256 -19.03 -36.43 -5.35
N ILE D 257 -18.11 -37.35 -5.59
CA ILE D 257 -16.71 -37.13 -5.23
C ILE D 257 -16.10 -36.11 -6.17
N PRO D 258 -15.31 -35.16 -5.69
CA PRO D 258 -14.67 -34.18 -6.58
C PRO D 258 -13.64 -34.84 -7.46
N PRO D 259 -13.24 -34.18 -8.56
CA PRO D 259 -12.26 -34.79 -9.47
C PRO D 259 -10.94 -35.08 -8.78
N ALA D 260 -10.36 -36.23 -9.13
CA ALA D 260 -9.13 -36.67 -8.48
C ALA D 260 -7.98 -35.70 -8.75
N HIS D 261 -7.97 -35.06 -9.92
CA HIS D 261 -6.91 -34.10 -10.22
C HIS D 261 -6.99 -32.86 -9.33
N ILE D 262 -8.16 -32.55 -8.78
CA ILE D 262 -8.29 -31.45 -7.85
C ILE D 262 -7.86 -31.88 -6.46
N LEU D 263 -8.34 -33.05 -6.02
CA LEU D 263 -8.02 -33.52 -4.68
C LEU D 263 -6.54 -33.79 -4.51
N ASP D 264 -5.86 -34.22 -5.58
CA ASP D 264 -4.41 -34.44 -5.50
C ASP D 264 -3.63 -33.16 -5.24
N GLN D 265 -4.23 -32.00 -5.50
CA GLN D 265 -3.60 -30.71 -5.21
C GLN D 265 -4.11 -30.06 -3.94
N ALA D 266 -5.28 -30.48 -3.44
CA ALA D 266 -5.91 -29.79 -2.33
C ALA D 266 -5.11 -29.98 -1.05
N PRO D 267 -4.73 -28.90 -0.36
CA PRO D 267 -4.00 -29.02 0.91
C PRO D 267 -4.82 -29.69 2.00
N LYS D 268 -6.06 -29.24 2.18
CA LYS D 268 -6.94 -29.78 3.22
C LYS D 268 -7.83 -30.91 2.70
N ALA D 269 -7.38 -31.66 1.69
CA ALA D 269 -8.17 -32.79 1.20
C ALA D 269 -8.21 -33.93 2.22
N ARG D 270 -7.16 -34.07 3.03
CA ARG D 270 -7.14 -35.09 4.06
C ARG D 270 -8.09 -34.79 5.22
N LYS D 271 -8.65 -33.58 5.26
CA LYS D 271 -9.67 -33.26 6.25
C LYS D 271 -11.00 -33.95 5.93
N PHE D 272 -11.29 -34.17 4.66
CA PHE D 272 -12.55 -34.77 4.23
C PHE D 272 -12.40 -36.11 3.55
N PHE D 273 -11.31 -36.36 2.83
CA PHE D 273 -11.21 -37.52 1.96
C PHE D 273 -9.97 -38.35 2.30
N GLU D 274 -9.96 -39.57 1.80
CA GLU D 274 -8.83 -40.47 1.96
C GLU D 274 -8.33 -40.91 0.59
N LYS D 275 -7.01 -41.00 0.45
CA LYS D 275 -6.38 -41.44 -0.79
C LYS D 275 -6.05 -42.92 -0.70
N LEU D 276 -6.63 -43.71 -1.60
CA LEU D 276 -6.32 -45.12 -1.68
C LEU D 276 -5.07 -45.33 -2.52
N PRO D 277 -4.38 -46.47 -2.36
CA PRO D 277 -3.23 -46.75 -3.23
C PRO D 277 -3.59 -46.80 -4.70
N ASP D 278 -4.87 -46.98 -5.04
CA ASP D 278 -5.31 -46.99 -6.43
C ASP D 278 -5.22 -45.63 -7.08
N GLY D 279 -5.00 -44.56 -6.30
CA GLY D 279 -5.20 -43.21 -6.78
C GLY D 279 -6.63 -42.73 -6.68
N THR D 280 -7.58 -43.62 -6.47
CA THR D 280 -8.98 -43.25 -6.28
C THR D 280 -9.18 -42.59 -4.93
N TRP D 281 -10.10 -41.64 -4.88
CA TRP D 281 -10.50 -41.03 -3.62
C TRP D 281 -11.88 -41.51 -3.20
N ASN D 282 -12.07 -41.60 -1.89
CA ASN D 282 -13.33 -42.00 -1.27
C ASN D 282 -13.55 -41.10 -0.06
N LEU D 283 -14.81 -40.98 0.37
CA LEU D 283 -15.02 -40.20 1.57
C LEU D 283 -14.37 -40.86 2.78
N LYS D 284 -14.05 -40.04 3.77
CA LYS D 284 -13.50 -40.47 5.04
C LYS D 284 -14.57 -40.46 6.13
N LYS D 285 -14.34 -41.23 7.19
CA LYS D 285 -15.25 -41.26 8.32
C LYS D 285 -14.53 -41.65 9.61
N TYR D 293 -24.83 -40.60 6.26
CA TYR D 293 -24.98 -39.83 5.03
C TYR D 293 -25.49 -40.63 3.85
N LYS D 294 -25.99 -39.90 2.85
CA LYS D 294 -26.42 -40.49 1.59
C LYS D 294 -25.20 -40.71 0.72
N PRO D 295 -25.06 -41.88 0.10
CA PRO D 295 -23.83 -42.18 -0.66
C PRO D 295 -23.54 -41.12 -1.70
N PRO D 296 -22.27 -40.91 -2.03
CA PRO D 296 -21.89 -39.76 -2.86
C PRO D 296 -22.65 -39.70 -4.18
N GLY D 297 -23.04 -38.48 -4.56
CA GLY D 297 -23.68 -38.23 -5.84
C GLY D 297 -25.09 -38.76 -5.98
N THR D 298 -25.63 -39.44 -4.97
CA THR D 298 -26.93 -40.08 -5.12
C THR D 298 -28.08 -39.18 -4.73
N ARG D 299 -27.82 -38.10 -3.98
CA ARG D 299 -28.84 -37.08 -3.69
C ARG D 299 -28.88 -36.11 -4.88
N LYS D 300 -29.43 -36.61 -5.97
CA LYS D 300 -29.48 -35.87 -7.22
C LYS D 300 -30.19 -34.53 -7.07
N LEU D 301 -29.63 -33.50 -7.68
CA LEU D 301 -30.32 -32.23 -7.82
C LEU D 301 -31.60 -32.39 -8.62
N HIS D 302 -31.63 -33.38 -9.51
CA HIS D 302 -32.88 -33.79 -10.14
C HIS D 302 -33.97 -34.03 -9.10
N ASN D 303 -33.62 -34.67 -7.99
CA ASN D 303 -34.59 -34.88 -6.92
C ASN D 303 -34.75 -33.67 -6.02
N ILE D 304 -33.69 -32.90 -5.79
CA ILE D 304 -33.79 -31.71 -4.94
C ILE D 304 -34.75 -30.70 -5.56
N LEU D 305 -34.68 -30.51 -6.87
CA LEU D 305 -35.52 -29.52 -7.55
C LEU D 305 -36.86 -30.07 -8.00
N GLY D 306 -37.07 -31.38 -7.94
CA GLY D 306 -38.35 -31.97 -8.33
C GLY D 306 -38.70 -31.70 -9.77
N VAL D 307 -37.70 -31.69 -10.66
CA VAL D 307 -37.89 -31.41 -12.07
C VAL D 307 -39.06 -32.17 -12.67
N GLU D 308 -39.19 -33.46 -12.33
CA GLU D 308 -40.21 -34.32 -12.88
C GLU D 308 -41.45 -34.48 -12.01
N THR D 309 -41.52 -33.81 -10.86
CA THR D 309 -42.65 -34.05 -9.96
C THR D 309 -43.26 -32.74 -9.49
N GLY D 310 -43.46 -31.79 -10.39
CA GLY D 310 -44.13 -30.56 -9.99
C GLY D 310 -43.36 -29.68 -9.05
N GLY D 311 -42.04 -29.82 -8.98
CA GLY D 311 -41.28 -29.04 -8.03
C GLY D 311 -41.45 -29.63 -6.65
N PRO D 312 -41.09 -28.89 -5.61
CA PRO D 312 -41.36 -29.36 -4.24
C PRO D 312 -42.83 -29.40 -3.84
N GLY D 313 -43.76 -29.38 -4.80
CA GLY D 313 -45.17 -29.30 -4.45
C GLY D 313 -46.07 -28.49 -5.36
N GLY D 314 -46.29 -28.95 -6.58
CA GLY D 314 -47.13 -28.26 -7.53
C GLY D 314 -46.43 -27.18 -8.33
N THR D 323 -43.30 -25.52 -16.17
CA THR D 323 -42.44 -25.35 -17.34
C THR D 323 -41.22 -26.28 -17.21
N VAL D 324 -41.46 -27.56 -17.48
CA VAL D 324 -40.43 -28.59 -17.42
C VAL D 324 -39.26 -28.28 -18.35
N ALA D 325 -39.52 -27.72 -19.53
CA ALA D 325 -38.42 -27.28 -20.40
C ALA D 325 -37.61 -26.17 -19.75
N ASP D 326 -38.29 -25.24 -19.07
CA ASP D 326 -37.60 -24.18 -18.33
C ASP D 326 -36.79 -24.76 -17.18
N TYR D 327 -37.34 -25.75 -16.47
CA TYR D 327 -36.65 -26.35 -15.34
C TYR D 327 -35.37 -27.08 -15.77
N LEU D 328 -35.38 -27.72 -16.94
CA LEU D 328 -34.14 -28.34 -17.41
C LEU D 328 -33.08 -27.31 -17.75
N LYS D 329 -33.49 -26.16 -18.28
CA LYS D 329 -32.56 -25.05 -18.48
C LYS D 329 -32.03 -24.54 -17.15
N PHE D 330 -32.88 -24.47 -16.14
CA PHE D 330 -32.47 -24.06 -14.80
C PHE D 330 -31.46 -25.04 -14.20
N LYS D 331 -31.79 -26.34 -14.25
CA LYS D 331 -30.91 -27.37 -13.70
C LYS D 331 -29.52 -27.30 -14.32
N ASP D 332 -29.44 -27.20 -15.64
CA ASP D 332 -28.15 -27.05 -16.31
C ASP D 332 -27.39 -25.84 -15.79
N LEU D 333 -28.07 -24.69 -15.66
CA LEU D 333 -27.43 -23.48 -15.16
C LEU D 333 -26.90 -23.64 -13.74
N ILE D 334 -27.69 -24.26 -12.86
CA ILE D 334 -27.24 -24.46 -11.48
C ILE D 334 -26.02 -25.36 -11.43
N LEU D 335 -26.03 -26.44 -12.22
CA LEU D 335 -24.91 -27.37 -12.25
C LEU D 335 -23.64 -26.69 -12.76
N ARG D 336 -23.77 -25.83 -13.77
CA ARG D 336 -22.62 -25.10 -14.27
C ARG D 336 -22.25 -23.95 -13.35
N MET D 337 -23.15 -23.55 -12.46
CA MET D 337 -22.81 -22.67 -11.35
C MET D 337 -22.19 -23.41 -10.18
N LEU D 338 -22.45 -24.70 -10.03
CA LEU D 338 -21.79 -25.53 -9.02
C LEU D 338 -20.77 -26.50 -9.63
N ASP D 339 -20.07 -26.06 -10.67
CA ASP D 339 -18.95 -26.83 -11.16
C ASP D 339 -17.87 -26.85 -10.07
N TYR D 340 -17.28 -28.03 -9.85
CA TYR D 340 -16.21 -28.15 -8.86
C TYR D 340 -14.99 -27.32 -9.25
N ASP D 341 -14.65 -27.29 -10.53
CA ASP D 341 -13.47 -26.57 -11.00
C ASP D 341 -13.77 -25.10 -11.22
N PRO D 342 -13.11 -24.18 -10.51
CA PRO D 342 -13.35 -22.75 -10.75
C PRO D 342 -12.86 -22.29 -12.12
N LYS D 343 -11.90 -23.01 -12.72
CA LYS D 343 -11.42 -22.65 -14.05
C LYS D 343 -12.46 -22.94 -15.12
N THR D 344 -13.31 -23.94 -14.91
CA THR D 344 -14.34 -24.28 -15.88
C THR D 344 -15.74 -23.91 -15.42
N ARG D 345 -15.89 -23.36 -14.21
CA ARG D 345 -17.20 -22.93 -13.74
C ARG D 345 -17.72 -21.81 -14.63
N ILE D 346 -19.01 -21.86 -14.95
CA ILE D 346 -19.56 -20.90 -15.90
C ILE D 346 -19.36 -19.49 -15.40
N GLN D 347 -19.03 -18.59 -16.31
CA GLN D 347 -18.77 -17.21 -15.93
C GLN D 347 -20.02 -16.37 -16.13
N PRO D 348 -20.08 -15.19 -15.50
CA PRO D 348 -21.28 -14.35 -15.62
C PRO D 348 -21.67 -14.02 -17.06
N TYR D 349 -20.69 -13.67 -17.90
CA TYR D 349 -20.98 -13.31 -19.28
C TYR D 349 -21.62 -14.49 -20.03
N TYR D 350 -21.06 -15.69 -19.87
CA TYR D 350 -21.65 -16.86 -20.49
C TYR D 350 -22.95 -17.29 -19.79
N ALA D 351 -23.04 -17.12 -18.47
CA ALA D 351 -24.28 -17.42 -17.77
C ALA D 351 -25.43 -16.53 -18.23
N LEU D 352 -25.14 -15.26 -18.55
CA LEU D 352 -26.15 -14.35 -19.08
C LEU D 352 -26.58 -14.71 -20.49
N GLN D 353 -25.78 -15.51 -21.20
CA GLN D 353 -26.11 -15.98 -22.54
C GLN D 353 -26.74 -17.37 -22.53
N HIS D 354 -27.09 -17.89 -21.35
CA HIS D 354 -27.65 -19.23 -21.28
C HIS D 354 -29.07 -19.28 -21.81
N SER D 355 -29.46 -20.45 -22.28
CA SER D 355 -30.79 -20.67 -22.85
C SER D 355 -31.90 -20.42 -21.84
N PHE D 356 -31.61 -20.62 -20.55
CA PHE D 356 -32.57 -20.34 -19.49
C PHE D 356 -33.10 -18.92 -19.55
N PHE D 357 -32.31 -17.98 -20.07
CA PHE D 357 -32.78 -16.62 -20.26
C PHE D 357 -33.19 -16.40 -21.71
CAA OPW E . 26.43 -12.78 -14.48
CAC OPW E . 24.96 -12.79 -12.63
CAD OPW E . 24.49 -13.33 -11.43
CAE OPW E . 23.26 -12.94 -10.89
CAF OPW E . 22.49 -11.97 -11.53
CAH OPW E . 20.98 -10.23 -12.62
CAJ OPW E . 22.96 -11.43 -12.73
CAK OPW E . 24.19 -11.84 -13.28
CAL OPW E . 19.93 -9.24 -13.07
CAM OPW E . 19.13 -8.60 -12.14
CAO OPW E . 18.06 -7.45 -13.83
CAP OPW E . 18.83 -8.05 -14.81
CAR OPW E . 19.59 -7.10 -17.07
CAS OPW E . 20.98 -6.71 -16.58
CAU OPW E . 19.79 -8.98 -14.43
NAI OPW E . 22.11 -10.49 -13.29
NAN OPW E . 18.23 -7.74 -12.56
NAQ OPW E . 18.61 -7.73 -16.21
OAB OPW E . 26.18 -13.21 -13.17
OAT OPW E . 19.30 -6.88 -18.20
SAG OPW E . 20.98 -11.21 -11.23
CAA OPW F . 3.52 26.28 -20.48
CAC OPW F . 2.04 24.87 -19.31
CAD OPW F . 0.78 24.69 -18.72
CAE OPW F . 0.59 23.69 -17.75
CAF OPW F . 1.66 22.88 -17.35
CAH OPW F . 3.50 21.31 -16.54
CAJ OPW F . 2.91 23.06 -17.94
CAK OPW F . 3.09 24.06 -18.92
CAL OPW F . 4.41 20.26 -15.89
CAM OPW F . 3.96 19.46 -14.87
CAO OPW F . 6.01 18.39 -14.76
CAP OPW F . 6.51 19.18 -15.80
CAR OPW F . 8.93 20.00 -16.09
CAS OPW F . 8.67 21.30 -15.33
CAU OPW F . 5.69 20.13 -16.38
NAI OPW F . 3.88 22.18 -17.47
NAN OPW F . 4.77 18.56 -14.34
NAQ OPW F . 7.87 19.00 -16.28
OAB OPW F . 2.20 25.87 -20.28
OAT OPW F . 10.00 19.77 -16.51
SAG OPW F . 1.86 21.59 -16.24
CAA OPW G . 2.13 -11.51 31.53
CAC OPW G . 3.32 -11.46 29.50
CAD OPW G . 4.49 -11.64 28.75
CAE OPW G . 4.57 -11.15 27.43
CAF OPW G . 3.48 -10.49 26.87
CAH OPW G . 1.55 -9.25 25.69
CAJ OPW G . 2.32 -10.30 27.61
CAK OPW G . 2.24 -10.80 28.93
CAL OPW G . 0.58 -8.49 24.79
CAM OPW G . 0.92 -8.10 23.50
CAO OPW G . -1.14 -7.10 23.20
CAP OPW G . -1.55 -7.46 24.47
CAR OPW G . -3.15 -6.17 26.01
CAS OPW G . -2.03 -5.44 26.76
CAU OPW G . -0.68 -8.17 25.29
NAI OPW G . 1.31 -9.63 26.93
NAN OPW G . 0.06 -7.43 22.76
NAQ OPW G . -2.88 -7.11 24.94
OAB OPW G . 3.25 -11.94 30.81
OAT OPW G . -4.28 -5.95 26.31
SAG OPW G . 3.14 -9.76 25.35
CAA OPW H . -33.46 -2.39 5.05
CAC OPW H . -31.81 -1.19 3.87
CAD OPW H . -31.43 -0.40 2.78
CAE OPW H . -30.08 -0.29 2.43
CAF OPW H . -29.10 -0.97 3.16
CAH OPW H . -27.22 -2.17 4.42
CAJ OPW H . -29.49 -1.76 4.24
CAK OPW H . -30.86 -1.87 4.60
CAL OPW H . -25.94 -2.76 4.99
CAM OPW H . -24.68 -2.40 4.55
CAO OPW H . -23.71 -3.87 6.05
CAP OPW H . -24.94 -4.28 6.52
CAR OPW H . -25.66 -6.60 7.44
CAS OPW H . -26.25 -7.08 6.11
CAU OPW H . -26.08 -3.71 5.99
NAI OPW H . -28.43 -2.39 4.89
NAN OPW H . -23.62 -2.96 5.10
NAQ OPW H . -25.06 -5.29 7.58
OAB OPW H . -33.17 -1.30 4.23
OAT OPW H . -25.69 -7.33 8.38
SAG OPW H . -27.39 -1.13 3.09
#